data_5GOW
#
_entry.id   5GOW
#
loop_
_entity.id
_entity.type
_entity.pdbx_description
1 polymer DP1
2 polymer 'General transcription factor IIH subunit 1'
#
loop_
_entity_poly.entity_id
_entity_poly.type
_entity_poly.pdbx_seq_one_letter_code
_entity_poly.pdbx_strand_id
1 'polypeptide(L)' YVGEDDEEDDDFNENDEDD A
2 'polypeptide(L)'
;GSMATSSEEVLLIVKKVRQKKQDGALYLMAERIAWAPEGKDRFTISHMYADIKCQKISPEGKAKIQLQLVLHAGDTTNFH
FSNESTAVKERDAVKDLLQQLLPKFKRKAN
;
B
#
# COMPACT_ATOMS: atom_id res chain seq x y z
N TYR A 1 -5.21 17.49 0.49
CA TYR A 1 -6.29 18.30 -0.13
C TYR A 1 -7.65 17.67 0.16
N VAL A 2 -8.65 17.98 -0.66
CA VAL A 2 -9.99 17.44 -0.48
C VAL A 2 -9.98 15.91 -0.59
N GLY A 3 -10.39 15.25 0.48
CA GLY A 3 -10.40 13.80 0.48
C GLY A 3 -9.07 13.24 0.93
N GLU A 4 -8.10 13.25 0.03
CA GLU A 4 -6.77 12.76 0.35
C GLU A 4 -5.92 13.92 0.85
N ASP A 5 -5.42 13.80 2.07
CA ASP A 5 -4.61 14.85 2.67
C ASP A 5 -3.37 14.29 3.33
N ASP A 6 -2.83 13.18 2.85
CA ASP A 6 -1.62 12.63 3.46
C ASP A 6 -0.50 13.65 3.36
N GLU A 7 -0.50 14.38 2.24
CA GLU A 7 0.45 15.46 1.99
C GLU A 7 0.35 15.90 0.53
N GLU A 8 0.96 15.13 -0.35
CA GLU A 8 0.95 15.40 -1.78
C GLU A 8 0.78 14.09 -2.52
N ASP A 9 -0.34 13.93 -3.17
CA ASP A 9 -0.63 12.70 -3.89
C ASP A 9 -1.27 13.01 -5.22
N ASP A 10 -0.46 13.29 -6.22
CA ASP A 10 -0.96 13.65 -7.55
C ASP A 10 -0.17 13.00 -8.68
N ASP A 11 1.17 13.13 -8.64
CA ASP A 11 2.03 12.55 -9.67
C ASP A 11 2.06 11.02 -9.53
N PHE A 12 1.14 10.54 -8.71
CA PHE A 12 0.97 9.15 -8.44
C PHE A 12 0.76 8.38 -9.74
N ASN A 13 1.72 7.53 -10.06
CA ASN A 13 1.68 6.77 -11.29
C ASN A 13 1.07 5.40 -11.08
N GLU A 14 0.15 5.04 -11.96
CA GLU A 14 -0.52 3.75 -11.88
C GLU A 14 0.36 2.68 -12.47
N ASN A 15 -0.09 1.44 -12.37
CA ASN A 15 0.67 0.35 -12.94
C ASN A 15 -0.17 -0.92 -13.06
N ASP A 16 -1.24 -1.01 -12.28
CA ASP A 16 -2.11 -2.17 -12.34
C ASP A 16 -3.11 -2.02 -13.48
N GLU A 17 -3.30 -0.77 -13.92
CA GLU A 17 -4.19 -0.43 -15.03
C GLU A 17 -5.64 -0.47 -14.62
N ASP A 18 -6.53 -0.29 -15.58
CA ASP A 18 -7.95 -0.30 -15.31
C ASP A 18 -8.46 -1.72 -15.14
N ASP A 19 -8.36 -2.21 -13.92
CA ASP A 19 -8.82 -3.54 -13.57
C ASP A 19 -10.34 -3.54 -13.50
N MET B 3 -7.52 -13.71 3.72
CA MET B 3 -8.76 -13.67 4.52
C MET B 3 -8.44 -13.98 5.98
N ALA B 4 -8.32 -15.26 6.30
CA ALA B 4 -8.01 -15.70 7.65
C ALA B 4 -7.45 -17.11 7.65
N THR B 5 -6.31 -17.27 6.98
CA THR B 5 -5.66 -18.57 6.87
C THR B 5 -4.18 -18.41 6.60
N SER B 6 -3.83 -17.91 5.42
CA SER B 6 -2.44 -17.72 5.05
C SER B 6 -2.05 -16.25 5.11
N SER B 7 -3.06 -15.38 5.10
CA SER B 7 -2.82 -13.94 5.16
C SER B 7 -2.45 -13.48 6.57
N GLU B 8 -2.02 -14.41 7.39
CA GLU B 8 -1.67 -14.10 8.76
C GLU B 8 -0.16 -14.10 8.89
N GLU B 9 0.47 -14.34 7.76
CA GLU B 9 1.92 -14.38 7.67
C GLU B 9 2.39 -13.20 6.83
N VAL B 10 3.43 -12.53 7.28
CA VAL B 10 3.95 -11.36 6.60
C VAL B 10 5.08 -11.73 5.65
N LEU B 11 4.89 -11.39 4.38
CA LEU B 11 5.88 -11.68 3.36
C LEU B 11 6.80 -10.47 3.15
N LEU B 12 6.25 -9.29 3.37
CA LEU B 12 7.01 -8.06 3.19
C LEU B 12 6.84 -7.12 4.36
N ILE B 13 7.95 -6.73 4.97
CA ILE B 13 7.93 -5.80 6.08
C ILE B 13 8.48 -4.45 5.65
N VAL B 14 7.67 -3.43 5.79
CA VAL B 14 8.04 -2.08 5.42
C VAL B 14 8.10 -1.23 6.67
N LYS B 15 8.96 -0.23 6.65
CA LYS B 15 9.12 0.63 7.80
C LYS B 15 8.70 2.05 7.48
N LYS B 16 8.76 2.90 8.51
CA LYS B 16 8.38 4.31 8.46
C LYS B 16 7.50 4.64 7.25
N VAL B 17 6.24 4.25 7.37
CA VAL B 17 5.25 4.49 6.34
C VAL B 17 4.08 5.25 6.94
N ARG B 18 3.83 6.43 6.42
CA ARG B 18 2.75 7.26 6.90
C ARG B 18 1.47 6.95 6.16
N GLN B 19 0.42 6.70 6.90
CA GLN B 19 -0.89 6.42 6.33
C GLN B 19 -1.90 7.37 6.95
N LYS B 20 -2.29 8.37 6.18
CA LYS B 20 -3.26 9.37 6.61
C LYS B 20 -2.66 10.29 7.67
N LYS B 21 -1.48 10.83 7.35
CA LYS B 21 -0.76 11.76 8.24
C LYS B 21 -0.29 11.06 9.52
N GLN B 22 -0.09 9.75 9.45
CA GLN B 22 0.35 9.01 10.62
C GLN B 22 1.41 7.97 10.23
N ASP B 23 2.59 8.08 10.84
CA ASP B 23 3.70 7.18 10.55
C ASP B 23 3.52 5.81 11.20
N GLY B 24 4.14 4.79 10.62
CA GLY B 24 4.05 3.44 11.13
C GLY B 24 4.87 2.45 10.31
N ALA B 25 4.49 1.18 10.37
CA ALA B 25 5.19 0.12 9.63
C ALA B 25 4.18 -0.69 8.84
N LEU B 26 4.50 -0.95 7.58
CA LEU B 26 3.61 -1.69 6.69
C LEU B 26 4.04 -3.17 6.64
N TYR B 27 3.07 -4.07 6.58
CA TYR B 27 3.35 -5.51 6.52
C TYR B 27 2.43 -6.18 5.51
N LEU B 28 2.97 -6.64 4.39
CA LEU B 28 2.16 -7.30 3.38
C LEU B 28 2.05 -8.79 3.68
N MET B 29 0.83 -9.30 3.70
CA MET B 29 0.59 -10.70 3.99
C MET B 29 0.14 -11.43 2.74
N ALA B 30 0.16 -12.76 2.81
CA ALA B 30 -0.19 -13.62 1.67
C ALA B 30 -1.46 -13.19 0.92
N GLU B 31 -2.55 -12.91 1.63
CA GLU B 31 -3.80 -12.54 0.96
C GLU B 31 -4.25 -11.12 1.30
N ARG B 32 -3.47 -10.37 2.07
CA ARG B 32 -3.90 -9.03 2.45
C ARG B 32 -2.74 -8.13 2.81
N ILE B 33 -2.94 -6.84 2.63
CA ILE B 33 -1.95 -5.83 2.96
C ILE B 33 -2.33 -5.19 4.29
N ALA B 34 -1.45 -5.28 5.25
CA ALA B 34 -1.71 -4.71 6.56
C ALA B 34 -0.66 -3.68 6.93
N TRP B 35 -1.03 -2.73 7.77
CA TRP B 35 -0.11 -1.70 8.20
C TRP B 35 -0.42 -1.30 9.64
N ALA B 36 0.61 -1.19 10.45
CA ALA B 36 0.45 -0.82 11.85
C ALA B 36 1.03 0.56 12.12
N PRO B 37 0.25 1.45 12.72
CA PRO B 37 0.69 2.80 13.04
C PRO B 37 1.64 2.83 14.23
N GLU B 38 2.65 3.69 14.17
CA GLU B 38 3.62 3.80 15.23
C GLU B 38 2.95 4.16 16.55
N GLY B 39 3.33 3.44 17.60
CA GLY B 39 2.76 3.68 18.91
C GLY B 39 1.57 2.79 19.20
N LYS B 40 1.15 2.02 18.19
CA LYS B 40 0.02 1.12 18.36
C LYS B 40 0.48 -0.33 18.27
N ASP B 41 -0.27 -1.22 18.91
CA ASP B 41 0.05 -2.63 18.93
C ASP B 41 -0.76 -3.40 17.89
N ARG B 42 -1.76 -2.74 17.32
CA ARG B 42 -2.63 -3.37 16.34
C ARG B 42 -2.57 -2.68 14.99
N PHE B 43 -2.84 -3.44 13.94
CA PHE B 43 -2.84 -2.92 12.58
C PHE B 43 -4.15 -2.22 12.30
N THR B 44 -4.08 -0.95 11.92
CA THR B 44 -5.28 -0.19 11.61
C THR B 44 -5.61 -0.29 10.12
N ILE B 45 -4.68 -0.87 9.38
CA ILE B 45 -4.85 -1.05 7.95
C ILE B 45 -4.87 -2.52 7.60
N SER B 46 -5.97 -2.96 7.02
CA SER B 46 -6.13 -4.35 6.61
C SER B 46 -7.02 -4.40 5.38
N HIS B 47 -6.40 -4.57 4.22
CA HIS B 47 -7.13 -4.63 2.97
C HIS B 47 -6.79 -5.92 2.22
N MET B 48 -7.80 -6.55 1.67
CA MET B 48 -7.58 -7.77 0.92
C MET B 48 -7.24 -7.43 -0.52
N TYR B 49 -6.29 -8.16 -1.09
CA TYR B 49 -5.87 -7.94 -2.48
C TYR B 49 -7.07 -8.07 -3.42
N ALA B 50 -8.09 -8.80 -2.96
CA ALA B 50 -9.29 -9.02 -3.76
C ALA B 50 -10.15 -7.75 -3.86
N ASP B 51 -9.95 -6.82 -2.94
CA ASP B 51 -10.71 -5.57 -2.93
C ASP B 51 -9.90 -4.45 -3.56
N ILE B 52 -8.64 -4.73 -3.84
CA ILE B 52 -7.79 -3.74 -4.46
C ILE B 52 -7.95 -3.85 -5.97
N LYS B 53 -8.24 -2.74 -6.63
CA LYS B 53 -8.42 -2.76 -8.07
C LYS B 53 -7.09 -2.56 -8.77
N CYS B 54 -6.36 -1.58 -8.29
CA CYS B 54 -5.08 -1.24 -8.85
C CYS B 54 -4.23 -0.58 -7.79
N GLN B 55 -3.03 -0.17 -8.15
CA GLN B 55 -2.16 0.47 -7.20
C GLN B 55 -1.33 1.57 -7.87
N LYS B 56 -1.09 2.66 -7.17
CA LYS B 56 -0.27 3.73 -7.71
C LYS B 56 1.02 3.83 -6.92
N ILE B 57 2.05 4.32 -7.57
CA ILE B 57 3.32 4.54 -6.91
C ILE B 57 3.75 5.97 -7.26
N SER B 58 4.06 6.75 -6.25
CA SER B 58 4.46 8.12 -6.50
C SER B 58 5.97 8.14 -6.73
N PRO B 59 6.33 8.61 -7.94
CA PRO B 59 7.71 8.69 -8.42
C PRO B 59 8.54 9.75 -7.72
N GLU B 60 9.83 9.74 -8.03
CA GLU B 60 10.78 10.69 -7.49
C GLU B 60 10.39 12.11 -7.91
N GLY B 61 10.90 13.08 -7.19
CA GLY B 61 10.57 14.46 -7.47
C GLY B 61 9.78 15.03 -6.32
N LYS B 62 9.05 14.16 -5.65
CA LYS B 62 8.29 14.54 -4.48
C LYS B 62 9.21 14.47 -3.28
N ALA B 63 8.80 15.10 -2.20
CA ALA B 63 9.61 15.08 -0.99
C ALA B 63 9.52 13.75 -0.30
N LYS B 64 8.66 12.91 -0.82
CA LYS B 64 8.47 11.61 -0.26
C LYS B 64 8.14 10.60 -1.35
N ILE B 65 8.39 9.35 -1.06
CA ILE B 65 8.08 8.27 -1.98
C ILE B 65 6.73 7.71 -1.56
N GLN B 66 5.81 7.47 -2.49
CA GLN B 66 4.50 6.99 -2.08
C GLN B 66 3.94 5.86 -2.91
N LEU B 67 2.95 5.22 -2.32
CA LEU B 67 2.22 4.14 -2.95
C LEU B 67 0.76 4.30 -2.57
N GLN B 68 -0.17 3.81 -3.38
CA GLN B 68 -1.57 3.93 -3.02
C GLN B 68 -2.37 2.74 -3.52
N LEU B 69 -3.29 2.28 -2.69
CA LEU B 69 -4.14 1.16 -3.02
C LEU B 69 -5.45 1.67 -3.59
N VAL B 70 -5.60 1.55 -4.90
CA VAL B 70 -6.81 2.00 -5.55
C VAL B 70 -7.79 0.85 -5.61
N LEU B 71 -8.87 0.96 -4.86
CA LEU B 71 -9.86 -0.10 -4.79
C LEU B 71 -11.00 0.09 -5.78
N HIS B 72 -11.67 -1.01 -6.12
CA HIS B 72 -12.80 -0.96 -7.02
C HIS B 72 -14.02 -0.48 -6.25
N ALA B 73 -13.83 -0.31 -4.96
CA ALA B 73 -14.86 0.16 -4.06
C ALA B 73 -15.04 1.67 -4.17
N GLY B 74 -14.16 2.30 -4.95
CA GLY B 74 -14.22 3.74 -5.12
C GLY B 74 -13.41 4.44 -4.04
N ASP B 75 -12.50 3.70 -3.44
CA ASP B 75 -11.65 4.23 -2.38
C ASP B 75 -10.18 4.01 -2.70
N THR B 76 -9.31 4.79 -2.08
CA THR B 76 -7.89 4.68 -2.30
C THR B 76 -7.14 4.77 -0.98
N THR B 77 -6.22 3.84 -0.75
CA THR B 77 -5.43 3.83 0.47
C THR B 77 -4.00 4.28 0.17
N ASN B 78 -3.68 5.54 0.49
CA ASN B 78 -2.35 6.06 0.20
C ASN B 78 -1.36 5.73 1.31
N PHE B 79 -0.17 5.34 0.90
CA PHE B 79 0.91 4.99 1.81
C PHE B 79 2.13 5.87 1.53
N HIS B 80 2.43 6.73 2.47
CA HIS B 80 3.54 7.66 2.38
C HIS B 80 4.81 7.00 2.93
N PHE B 81 5.71 6.59 2.05
CA PHE B 81 6.96 5.98 2.47
C PHE B 81 7.91 7.06 2.99
N SER B 82 7.98 7.19 4.31
CA SER B 82 8.84 8.20 4.93
C SER B 82 10.20 7.67 5.33
N ASN B 83 10.44 6.36 5.12
CA ASN B 83 11.73 5.78 5.47
C ASN B 83 12.76 6.08 4.40
N GLU B 84 13.48 7.18 4.57
CA GLU B 84 14.49 7.65 3.63
C GLU B 84 15.45 6.54 3.19
N SER B 85 15.79 5.65 4.11
CA SER B 85 16.71 4.55 3.85
C SER B 85 16.30 3.69 2.66
N THR B 86 15.11 3.10 2.72
CA THR B 86 14.70 2.22 1.65
C THR B 86 13.34 2.53 1.03
N ALA B 87 12.74 3.68 1.37
CA ALA B 87 11.40 4.05 0.86
C ALA B 87 11.21 3.77 -0.63
N VAL B 88 12.15 4.19 -1.45
CA VAL B 88 12.06 3.98 -2.90
C VAL B 88 11.97 2.48 -3.21
N LYS B 89 12.91 1.71 -2.67
CA LYS B 89 12.95 0.26 -2.88
C LYS B 89 11.75 -0.40 -2.22
N GLU B 90 11.34 0.15 -1.08
CA GLU B 90 10.20 -0.34 -0.34
C GLU B 90 8.95 -0.14 -1.19
N ARG B 91 8.82 1.06 -1.75
CA ARG B 91 7.69 1.39 -2.63
C ARG B 91 7.63 0.36 -3.73
N ASP B 92 8.79 0.13 -4.30
CA ASP B 92 8.96 -0.82 -5.38
C ASP B 92 8.63 -2.24 -4.96
N ALA B 93 9.12 -2.70 -3.82
CA ALA B 93 8.84 -4.06 -3.35
C ALA B 93 7.35 -4.22 -3.02
N VAL B 94 6.76 -3.23 -2.36
CA VAL B 94 5.32 -3.29 -2.05
C VAL B 94 4.56 -3.37 -3.37
N LYS B 95 5.01 -2.53 -4.32
CA LYS B 95 4.44 -2.48 -5.65
C LYS B 95 4.57 -3.84 -6.33
N ASP B 96 5.80 -4.33 -6.38
CA ASP B 96 6.13 -5.60 -6.98
C ASP B 96 5.29 -6.74 -6.40
N LEU B 97 5.32 -6.87 -5.09
CA LEU B 97 4.56 -7.92 -4.41
C LEU B 97 3.07 -7.75 -4.66
N LEU B 98 2.58 -6.52 -4.68
CA LEU B 98 1.16 -6.27 -4.94
C LEU B 98 0.82 -6.58 -6.40
N GLN B 99 1.67 -6.15 -7.32
CA GLN B 99 1.44 -6.43 -8.75
C GLN B 99 1.49 -7.92 -8.98
N GLN B 100 2.14 -8.59 -8.05
CA GLN B 100 2.28 -10.03 -8.05
C GLN B 100 1.05 -10.68 -7.42
N LEU B 101 0.72 -10.18 -6.26
CA LEU B 101 -0.37 -10.67 -5.43
C LEU B 101 -1.77 -10.23 -5.84
N LEU B 102 -1.94 -8.95 -6.13
CA LEU B 102 -3.25 -8.38 -6.48
C LEU B 102 -4.00 -9.17 -7.55
N PRO B 103 -3.44 -9.32 -8.78
CA PRO B 103 -4.12 -10.04 -9.87
C PRO B 103 -4.37 -11.51 -9.58
N LYS B 104 -3.72 -12.04 -8.55
CA LYS B 104 -3.89 -13.44 -8.20
C LYS B 104 -5.07 -13.64 -7.24
N PHE B 105 -5.65 -12.53 -6.78
CA PHE B 105 -6.78 -12.61 -5.86
C PHE B 105 -7.97 -11.79 -6.36
N LYS B 106 -7.70 -10.75 -7.14
CA LYS B 106 -8.76 -9.90 -7.68
C LYS B 106 -9.17 -10.33 -9.07
N ARG B 107 -10.25 -9.75 -9.54
CA ARG B 107 -10.77 -10.01 -10.88
C ARG B 107 -11.28 -8.72 -11.46
N LYS B 108 -10.82 -8.40 -12.66
CA LYS B 108 -11.21 -7.18 -13.37
C LYS B 108 -12.72 -6.95 -13.33
N ALA B 109 -13.10 -5.68 -13.35
CA ALA B 109 -14.50 -5.30 -13.37
C ALA B 109 -15.00 -5.29 -14.80
N ASN B 110 -14.08 -5.71 -15.66
CA ASN B 110 -14.29 -5.81 -17.09
C ASN B 110 -13.19 -6.68 -17.67
N TYR A 1 -5.89 16.32 -0.14
CA TYR A 1 -6.91 17.12 -0.86
C TYR A 1 -8.10 16.24 -1.23
N VAL A 2 -8.80 16.58 -2.31
CA VAL A 2 -9.96 15.79 -2.75
C VAL A 2 -9.56 14.35 -3.08
N GLY A 3 -8.45 14.21 -3.79
CA GLY A 3 -7.96 12.88 -4.14
C GLY A 3 -7.04 12.35 -3.07
N GLU A 4 -7.63 12.04 -1.91
CA GLU A 4 -6.92 11.55 -0.74
C GLU A 4 -6.18 12.71 -0.05
N ASP A 5 -5.89 12.53 1.22
CA ASP A 5 -5.23 13.56 2.01
C ASP A 5 -4.04 13.03 2.76
N ASP A 6 -3.37 12.03 2.22
CA ASP A 6 -2.21 11.46 2.91
C ASP A 6 -1.17 12.53 3.18
N GLU A 7 -0.95 13.40 2.18
CA GLU A 7 0.00 14.51 2.30
C GLU A 7 0.20 15.22 0.97
N GLU A 8 0.70 14.48 0.00
CA GLU A 8 0.98 15.00 -1.34
C GLU A 8 0.93 13.84 -2.30
N ASP A 9 -0.24 13.60 -2.84
CA ASP A 9 -0.44 12.46 -3.70
C ASP A 9 -1.17 12.80 -4.99
N ASP A 10 -0.40 13.08 -6.03
CA ASP A 10 -0.98 13.41 -7.34
C ASP A 10 -0.22 12.75 -8.49
N ASP A 11 1.10 12.80 -8.48
CA ASP A 11 1.93 12.19 -9.54
C ASP A 11 1.94 10.68 -9.40
N PHE A 12 1.02 10.20 -8.59
CA PHE A 12 0.85 8.80 -8.30
C PHE A 12 0.55 8.01 -9.58
N ASN A 13 1.36 6.98 -9.84
CA ASN A 13 1.19 6.16 -11.04
C ASN A 13 0.76 4.75 -10.66
N GLU A 14 -0.30 4.26 -11.29
CA GLU A 14 -0.80 2.91 -10.99
C GLU A 14 0.12 1.85 -11.57
N ASN A 15 0.04 1.67 -12.89
CA ASN A 15 0.85 0.69 -13.62
C ASN A 15 0.37 -0.73 -13.34
N ASP A 16 -0.72 -0.85 -12.58
CA ASP A 16 -1.29 -2.16 -12.27
C ASP A 16 -2.64 -2.28 -12.97
N GLU A 17 -2.99 -1.20 -13.67
CA GLU A 17 -4.22 -1.10 -14.43
C GLU A 17 -5.46 -1.48 -13.63
N ASP A 18 -6.36 -2.19 -14.27
CA ASP A 18 -7.60 -2.59 -13.64
C ASP A 18 -7.61 -4.09 -13.37
N ASP A 19 -8.79 -4.63 -13.10
CA ASP A 19 -8.96 -6.05 -12.82
C ASP A 19 -10.14 -6.60 -13.61
N MET B 3 -2.58 -6.61 19.47
CA MET B 3 -2.59 -7.24 18.13
C MET B 3 -3.93 -7.03 17.46
N ALA B 4 -3.96 -7.09 16.13
CA ALA B 4 -5.18 -6.90 15.37
C ALA B 4 -5.62 -8.21 14.72
N THR B 5 -6.75 -8.17 14.03
CA THR B 5 -7.29 -9.35 13.36
C THR B 5 -6.58 -9.59 12.02
N SER B 6 -5.26 -9.66 12.08
CA SER B 6 -4.44 -9.89 10.89
C SER B 6 -3.12 -10.55 11.33
N SER B 7 -2.96 -11.83 10.99
CA SER B 7 -1.76 -12.56 11.36
C SER B 7 -1.46 -13.66 10.35
N GLU B 8 -1.52 -13.33 9.08
CA GLU B 8 -1.27 -14.28 8.02
C GLU B 8 0.21 -14.27 7.66
N GLU B 9 0.58 -15.02 6.64
CA GLU B 9 1.97 -15.10 6.21
C GLU B 9 2.47 -13.75 5.73
N VAL B 10 3.41 -13.17 6.46
CA VAL B 10 3.98 -11.88 6.11
C VAL B 10 5.08 -12.05 5.06
N LEU B 11 4.84 -11.51 3.88
CA LEU B 11 5.80 -11.62 2.81
C LEU B 11 6.71 -10.40 2.74
N LEU B 12 6.22 -9.26 3.18
CA LEU B 12 7.01 -8.04 3.16
C LEU B 12 6.76 -7.16 4.38
N ILE B 13 7.83 -6.61 4.91
CA ILE B 13 7.75 -5.70 6.05
C ILE B 13 8.37 -4.38 5.66
N VAL B 14 7.59 -3.33 5.75
CA VAL B 14 8.04 -2.00 5.41
C VAL B 14 8.10 -1.14 6.66
N LYS B 15 9.03 -0.20 6.68
CA LYS B 15 9.20 0.66 7.83
C LYS B 15 8.72 2.06 7.49
N LYS B 16 8.79 2.93 8.49
CA LYS B 16 8.37 4.34 8.40
C LYS B 16 7.44 4.64 7.22
N VAL B 17 6.21 4.21 7.35
CA VAL B 17 5.20 4.45 6.34
C VAL B 17 4.06 5.26 6.95
N ARG B 18 3.80 6.41 6.38
CA ARG B 18 2.76 7.29 6.88
C ARG B 18 1.43 6.98 6.23
N GLN B 19 0.40 6.95 7.05
CA GLN B 19 -0.95 6.73 6.58
C GLN B 19 -1.85 7.79 7.17
N LYS B 20 -2.24 8.73 6.34
CA LYS B 20 -3.10 9.83 6.74
C LYS B 20 -2.42 10.71 7.78
N LYS B 21 -1.18 11.10 7.48
CA LYS B 21 -0.37 11.98 8.34
C LYS B 21 0.10 11.26 9.61
N GLN B 22 0.20 9.94 9.56
CA GLN B 22 0.64 9.17 10.72
C GLN B 22 1.68 8.13 10.33
N ASP B 23 2.88 8.22 10.89
CA ASP B 23 3.97 7.28 10.61
C ASP B 23 3.66 5.91 11.20
N GLY B 24 4.23 4.87 10.59
CA GLY B 24 4.03 3.52 11.06
C GLY B 24 4.82 2.50 10.26
N ALA B 25 4.38 1.25 10.30
CA ALA B 25 5.04 0.16 9.57
C ALA B 25 4.02 -0.62 8.74
N LEU B 26 4.37 -0.86 7.48
CA LEU B 26 3.48 -1.57 6.56
C LEU B 26 3.87 -3.04 6.47
N TYR B 27 2.89 -3.93 6.59
CA TYR B 27 3.14 -5.36 6.51
C TYR B 27 2.26 -5.97 5.42
N LEU B 28 2.86 -6.71 4.51
CA LEU B 28 2.10 -7.34 3.44
C LEU B 28 2.01 -8.84 3.65
N MET B 29 0.80 -9.33 3.80
CA MET B 29 0.56 -10.75 4.00
C MET B 29 0.15 -11.39 2.69
N ALA B 30 0.20 -12.70 2.66
CA ALA B 30 -0.13 -13.49 1.48
C ALA B 30 -1.47 -13.11 0.85
N GLU B 31 -2.51 -13.04 1.67
CA GLU B 31 -3.84 -12.73 1.18
C GLU B 31 -4.28 -11.30 1.48
N ARG B 32 -3.49 -10.54 2.23
CA ARG B 32 -3.92 -9.18 2.57
C ARG B 32 -2.75 -8.28 2.93
N ILE B 33 -3.05 -6.99 2.99
CA ILE B 33 -2.07 -5.98 3.35
C ILE B 33 -2.52 -5.35 4.66
N ALA B 34 -1.63 -5.35 5.65
CA ALA B 34 -1.95 -4.77 6.96
C ALA B 34 -0.87 -3.81 7.42
N TRP B 35 -1.26 -2.56 7.62
CA TRP B 35 -0.33 -1.53 8.07
C TRP B 35 -0.68 -1.11 9.48
N ALA B 36 0.33 -1.01 10.33
CA ALA B 36 0.14 -0.60 11.71
C ALA B 36 0.85 0.71 11.97
N PRO B 37 0.19 1.64 12.67
CA PRO B 37 0.77 2.95 12.98
C PRO B 37 1.81 2.84 14.08
N GLU B 38 2.79 3.75 14.04
CA GLU B 38 3.85 3.75 15.03
C GLU B 38 3.27 3.96 16.43
N GLY B 39 3.72 3.15 17.36
CA GLY B 39 3.24 3.24 18.73
C GLY B 39 1.91 2.54 18.93
N LYS B 40 1.46 1.79 17.94
CA LYS B 40 0.20 1.07 18.04
C LYS B 40 0.45 -0.44 18.04
N ASP B 41 -0.38 -1.17 18.76
CA ASP B 41 -0.25 -2.62 18.88
C ASP B 41 -1.14 -3.33 17.86
N ARG B 42 -1.87 -2.57 17.06
CA ARG B 42 -2.77 -3.17 16.10
C ARG B 42 -2.70 -2.48 14.75
N PHE B 43 -2.99 -3.24 13.69
CA PHE B 43 -2.97 -2.72 12.35
C PHE B 43 -4.29 -2.01 12.07
N THR B 44 -4.23 -0.74 11.72
CA THR B 44 -5.42 0.03 11.44
C THR B 44 -5.83 -0.15 9.99
N ILE B 45 -4.88 -0.56 9.17
CA ILE B 45 -5.13 -0.79 7.76
C ILE B 45 -5.12 -2.29 7.46
N SER B 46 -6.28 -2.82 7.15
CA SER B 46 -6.40 -4.24 6.83
C SER B 46 -7.32 -4.40 5.63
N HIS B 47 -6.72 -4.62 4.48
CA HIS B 47 -7.47 -4.80 3.24
C HIS B 47 -7.02 -6.05 2.54
N MET B 48 -7.96 -6.73 1.91
CA MET B 48 -7.64 -7.95 1.18
C MET B 48 -7.27 -7.59 -0.24
N TYR B 49 -6.33 -8.31 -0.81
CA TYR B 49 -5.86 -8.07 -2.17
C TYR B 49 -7.01 -8.27 -3.17
N ALA B 50 -8.04 -8.98 -2.73
CA ALA B 50 -9.19 -9.26 -3.57
C ALA B 50 -10.08 -8.02 -3.72
N ASP B 51 -9.87 -7.03 -2.85
CA ASP B 51 -10.64 -5.80 -2.89
C ASP B 51 -9.80 -4.67 -3.46
N ILE B 52 -8.53 -4.95 -3.71
CA ILE B 52 -7.65 -3.95 -4.26
C ILE B 52 -7.70 -4.04 -5.78
N LYS B 53 -7.92 -2.92 -6.44
CA LYS B 53 -8.02 -2.90 -7.88
C LYS B 53 -6.64 -2.76 -8.49
N CYS B 54 -5.79 -2.04 -7.79
CA CYS B 54 -4.44 -1.79 -8.22
C CYS B 54 -3.74 -0.95 -7.16
N GLN B 55 -2.50 -0.61 -7.41
CA GLN B 55 -1.76 0.21 -6.48
C GLN B 55 -1.02 1.31 -7.22
N LYS B 56 -0.99 2.50 -6.64
CA LYS B 56 -0.28 3.61 -7.26
C LYS B 56 1.05 3.80 -6.55
N ILE B 57 2.06 4.19 -7.28
CA ILE B 57 3.34 4.46 -6.68
C ILE B 57 3.73 5.88 -7.07
N SER B 58 4.10 6.69 -6.09
CA SER B 58 4.47 8.05 -6.38
C SER B 58 5.97 8.09 -6.65
N PRO B 59 6.30 8.49 -7.89
CA PRO B 59 7.67 8.56 -8.41
C PRO B 59 8.53 9.64 -7.77
N GLU B 60 9.80 9.61 -8.15
CA GLU B 60 10.78 10.57 -7.68
C GLU B 60 10.39 11.97 -8.11
N GLY B 61 10.94 12.96 -7.44
CA GLY B 61 10.61 14.34 -7.72
C GLY B 61 9.90 14.93 -6.54
N LYS B 62 9.20 14.07 -5.82
CA LYS B 62 8.51 14.46 -4.60
C LYS B 62 9.48 14.34 -3.44
N ALA B 63 9.26 15.13 -2.42
CA ALA B 63 10.12 15.09 -1.25
C ALA B 63 9.99 13.76 -0.54
N LYS B 64 8.90 13.08 -0.82
CA LYS B 64 8.64 11.80 -0.22
C LYS B 64 8.14 10.80 -1.26
N ILE B 65 8.55 9.57 -1.09
CA ILE B 65 8.14 8.49 -1.97
C ILE B 65 6.81 7.94 -1.46
N GLN B 66 5.88 7.57 -2.35
CA GLN B 66 4.58 7.11 -1.88
C GLN B 66 4.01 5.94 -2.65
N LEU B 67 3.03 5.30 -2.03
CA LEU B 67 2.30 4.21 -2.63
C LEU B 67 0.83 4.34 -2.22
N GLN B 68 -0.10 3.82 -3.00
CA GLN B 68 -1.51 3.90 -2.61
C GLN B 68 -2.27 2.67 -3.09
N LEU B 69 -3.23 2.25 -2.32
CA LEU B 69 -4.05 1.11 -2.65
C LEU B 69 -5.35 1.56 -3.29
N VAL B 70 -5.46 1.36 -4.58
CA VAL B 70 -6.66 1.74 -5.31
C VAL B 70 -7.60 0.57 -5.34
N LEU B 71 -8.82 0.77 -4.86
CA LEU B 71 -9.79 -0.32 -4.81
C LEU B 71 -10.90 -0.15 -5.84
N HIS B 72 -11.48 -1.26 -6.24
CA HIS B 72 -12.59 -1.25 -7.20
C HIS B 72 -13.85 -0.81 -6.50
N ALA B 73 -13.72 -0.63 -5.18
CA ALA B 73 -14.81 -0.19 -4.34
C ALA B 73 -15.02 1.32 -4.46
N GLY B 74 -14.13 1.96 -5.22
CA GLY B 74 -14.21 3.40 -5.40
C GLY B 74 -13.46 4.13 -4.31
N ASP B 75 -12.55 3.42 -3.67
CA ASP B 75 -11.76 4.00 -2.58
C ASP B 75 -10.28 3.82 -2.84
N THR B 76 -9.46 4.62 -2.17
CA THR B 76 -8.01 4.55 -2.32
C THR B 76 -7.34 4.76 -0.96
N THR B 77 -6.41 3.88 -0.63
CA THR B 77 -5.68 3.96 0.63
C THR B 77 -4.22 4.36 0.37
N ASN B 78 -3.87 5.62 0.64
CA ASN B 78 -2.50 6.07 0.37
C ASN B 78 -1.54 5.69 1.50
N PHE B 79 -0.28 5.57 1.12
CA PHE B 79 0.80 5.23 2.03
C PHE B 79 2.04 6.06 1.69
N HIS B 80 2.40 6.96 2.57
CA HIS B 80 3.57 7.81 2.38
C HIS B 80 4.80 7.10 2.93
N PHE B 81 5.69 6.71 2.03
CA PHE B 81 6.93 6.04 2.41
C PHE B 81 7.91 7.07 2.97
N SER B 82 7.89 7.24 4.29
CA SER B 82 8.75 8.22 4.95
C SER B 82 10.07 7.61 5.41
N ASN B 83 10.36 6.37 5.01
CA ASN B 83 11.61 5.72 5.39
C ASN B 83 12.72 6.13 4.44
N GLU B 84 13.45 7.16 4.80
CA GLU B 84 14.54 7.72 4.00
C GLU B 84 15.53 6.63 3.53
N SER B 85 15.71 5.62 4.34
CA SER B 85 16.64 4.54 4.05
C SER B 85 16.27 3.72 2.80
N THR B 86 15.10 3.09 2.80
CA THR B 86 14.74 2.24 1.68
C THR B 86 13.36 2.54 1.07
N ALA B 87 12.76 3.68 1.39
CA ALA B 87 11.41 4.03 0.90
C ALA B 87 11.23 3.76 -0.61
N VAL B 88 12.20 4.17 -1.41
CA VAL B 88 12.12 3.96 -2.86
C VAL B 88 12.04 2.45 -3.18
N LYS B 89 12.99 1.70 -2.67
CA LYS B 89 13.06 0.25 -2.89
C LYS B 89 11.87 -0.44 -2.24
N GLU B 90 11.48 0.07 -1.08
CA GLU B 90 10.34 -0.45 -0.36
C GLU B 90 9.07 -0.20 -1.17
N ARG B 91 8.94 1.02 -1.69
CA ARG B 91 7.80 1.38 -2.54
C ARG B 91 7.73 0.40 -3.67
N ASP B 92 8.88 0.17 -4.27
CA ASP B 92 9.04 -0.73 -5.37
C ASP B 92 8.68 -2.16 -5.01
N ALA B 93 9.15 -2.65 -3.87
CA ALA B 93 8.84 -4.02 -3.44
C ALA B 93 7.36 -4.18 -3.11
N VAL B 94 6.78 -3.19 -2.42
CA VAL B 94 5.35 -3.23 -2.11
C VAL B 94 4.59 -3.23 -3.43
N LYS B 95 5.06 -2.39 -4.34
CA LYS B 95 4.49 -2.28 -5.67
C LYS B 95 4.57 -3.62 -6.38
N ASP B 96 5.79 -4.14 -6.46
CA ASP B 96 6.08 -5.41 -7.10
C ASP B 96 5.26 -6.55 -6.50
N LEU B 97 5.32 -6.68 -5.19
CA LEU B 97 4.60 -7.74 -4.50
C LEU B 97 3.09 -7.61 -4.70
N LEU B 98 2.56 -6.39 -4.62
CA LEU B 98 1.14 -6.17 -4.84
C LEU B 98 0.80 -6.43 -6.30
N GLN B 99 1.65 -5.94 -7.19
CA GLN B 99 1.45 -6.14 -8.63
C GLN B 99 1.54 -7.63 -8.95
N GLN B 100 2.18 -8.35 -8.03
CA GLN B 100 2.34 -9.78 -8.13
C GLN B 100 1.13 -10.49 -7.54
N LEU B 101 0.82 -10.07 -6.33
CA LEU B 101 -0.25 -10.62 -5.52
C LEU B 101 -1.65 -10.24 -5.97
N LEU B 102 -1.88 -8.95 -6.16
CA LEU B 102 -3.21 -8.44 -6.52
C LEU B 102 -3.87 -9.16 -7.69
N PRO B 103 -3.24 -9.22 -8.88
CA PRO B 103 -3.83 -9.91 -10.05
C PRO B 103 -4.24 -11.36 -9.80
N LYS B 104 -3.72 -11.96 -8.73
CA LYS B 104 -4.05 -13.34 -8.41
C LYS B 104 -5.31 -13.42 -7.56
N PHE B 105 -5.73 -12.27 -7.02
CA PHE B 105 -6.93 -12.22 -6.17
C PHE B 105 -7.99 -11.27 -6.74
N LYS B 106 -7.54 -10.24 -7.44
CA LYS B 106 -8.46 -9.26 -8.02
C LYS B 106 -8.98 -9.73 -9.38
N ARG B 107 -10.30 -9.77 -9.50
CA ARG B 107 -10.96 -10.17 -10.73
C ARG B 107 -12.31 -9.47 -10.82
N LYS B 108 -12.48 -8.61 -11.80
CA LYS B 108 -13.72 -7.87 -11.99
C LYS B 108 -14.89 -8.80 -12.31
N ALA B 109 -14.63 -9.84 -13.10
CA ALA B 109 -15.66 -10.79 -13.46
C ALA B 109 -15.10 -12.20 -13.55
N ASN B 110 -14.60 -12.69 -12.42
CA ASN B 110 -14.04 -14.04 -12.34
C ASN B 110 -13.81 -14.40 -10.88
N TYR A 1 -5.02 13.71 -1.83
CA TYR A 1 -6.15 14.46 -2.43
C TYR A 1 -7.44 14.23 -1.63
N VAL A 2 -8.58 14.15 -2.31
CA VAL A 2 -9.85 13.93 -1.64
C VAL A 2 -9.89 12.52 -1.07
N GLY A 3 -10.50 12.37 0.11
CA GLY A 3 -10.55 11.07 0.76
C GLY A 3 -9.26 10.79 1.49
N GLU A 4 -8.18 10.63 0.75
CA GLU A 4 -6.87 10.39 1.32
C GLU A 4 -6.03 11.64 1.14
N ASP A 5 -6.01 12.45 2.18
CA ASP A 5 -5.27 13.72 2.18
C ASP A 5 -3.93 13.59 2.87
N ASP A 6 -3.30 12.41 2.83
CA ASP A 6 -2.01 12.20 3.49
C ASP A 6 -1.07 13.37 3.30
N GLU A 7 -0.99 13.93 2.09
CA GLU A 7 -0.14 15.09 1.83
C GLU A 7 -0.13 15.48 0.36
N GLU A 8 0.88 15.01 -0.36
CA GLU A 8 1.07 15.33 -1.77
C GLU A 8 1.00 14.07 -2.61
N ASP A 9 -0.15 13.85 -3.22
CA ASP A 9 -0.35 12.65 -4.01
C ASP A 9 -1.05 12.95 -5.33
N ASP A 10 -0.26 13.18 -6.36
CA ASP A 10 -0.79 13.49 -7.69
C ASP A 10 -0.02 12.80 -8.82
N ASP A 11 1.31 12.88 -8.78
CA ASP A 11 2.16 12.25 -9.80
C ASP A 11 2.18 10.74 -9.63
N PHE A 12 1.27 10.28 -8.79
CA PHE A 12 1.10 8.90 -8.47
C PHE A 12 0.87 8.06 -9.73
N ASN A 13 1.79 7.16 -10.00
CA ASN A 13 1.71 6.28 -11.17
C ASN A 13 1.20 4.93 -10.75
N GLU A 14 0.21 4.42 -11.47
CA GLU A 14 -0.38 3.14 -11.12
C GLU A 14 0.43 1.95 -11.62
N ASN A 15 0.45 1.76 -12.94
CA ASN A 15 1.14 0.65 -13.60
C ASN A 15 0.24 -0.58 -13.61
N ASP A 16 -0.65 -0.64 -12.63
CA ASP A 16 -1.63 -1.70 -12.54
C ASP A 16 -2.75 -1.35 -13.52
N GLU A 17 -3.01 -0.05 -13.59
CA GLU A 17 -3.99 0.55 -14.50
C GLU A 17 -5.40 0.06 -14.22
N ASP A 18 -6.26 0.22 -15.22
CA ASP A 18 -7.65 -0.16 -15.10
C ASP A 18 -7.84 -1.67 -15.19
N ASP A 19 -7.38 -2.37 -14.17
CA ASP A 19 -7.53 -3.80 -14.09
C ASP A 19 -8.21 -4.16 -12.79
N MET B 3 1.28 -17.22 9.55
CA MET B 3 1.77 -18.13 10.60
C MET B 3 1.23 -19.54 10.41
N ALA B 4 0.70 -19.82 9.21
CA ALA B 4 0.13 -21.14 8.92
C ALA B 4 0.07 -21.38 7.42
N THR B 5 -0.96 -22.10 6.99
CA THR B 5 -1.14 -22.38 5.58
C THR B 5 -1.81 -21.20 4.87
N SER B 6 -1.00 -20.17 4.57
CA SER B 6 -1.49 -18.97 3.90
C SER B 6 -2.47 -18.21 4.79
N SER B 7 -2.04 -17.94 6.01
CA SER B 7 -2.86 -17.22 6.97
C SER B 7 -1.94 -16.41 7.88
N GLU B 8 -1.91 -15.10 7.67
CA GLU B 8 -1.05 -14.18 8.43
C GLU B 8 0.39 -14.39 7.98
N GLU B 9 0.55 -14.65 6.69
CA GLU B 9 1.86 -14.87 6.11
C GLU B 9 2.48 -13.55 5.66
N VAL B 10 3.39 -13.03 6.45
CA VAL B 10 4.04 -11.76 6.12
C VAL B 10 5.17 -11.98 5.13
N LEU B 11 5.01 -11.43 3.94
CA LEU B 11 6.01 -11.57 2.90
C LEU B 11 6.93 -10.35 2.87
N LEU B 12 6.39 -9.20 3.25
CA LEU B 12 7.17 -7.97 3.23
C LEU B 12 6.90 -7.10 4.44
N ILE B 13 7.97 -6.50 4.96
CA ILE B 13 7.87 -5.59 6.10
C ILE B 13 8.45 -4.26 5.69
N VAL B 14 7.64 -3.22 5.79
CA VAL B 14 8.06 -1.89 5.42
C VAL B 14 8.15 -1.02 6.65
N LYS B 15 9.07 -0.08 6.63
CA LYS B 15 9.28 0.81 7.75
C LYS B 15 8.80 2.21 7.40
N LYS B 16 8.87 3.09 8.40
CA LYS B 16 8.45 4.50 8.30
C LYS B 16 7.53 4.78 7.11
N VAL B 17 6.27 4.45 7.28
CA VAL B 17 5.25 4.67 6.27
C VAL B 17 4.05 5.35 6.92
N ARG B 18 3.62 6.47 6.37
CA ARG B 18 2.49 7.19 6.93
C ARG B 18 1.20 6.81 6.22
N GLN B 19 0.14 6.78 7.00
CA GLN B 19 -1.19 6.48 6.49
C GLN B 19 -2.18 7.40 7.19
N LYS B 20 -2.73 8.34 6.43
CA LYS B 20 -3.68 9.31 6.96
C LYS B 20 -2.98 10.26 7.93
N LYS B 21 -1.88 10.84 7.45
CA LYS B 21 -1.08 11.82 8.19
C LYS B 21 -0.44 11.23 9.47
N GLN B 22 -0.23 9.91 9.50
CA GLN B 22 0.37 9.29 10.68
C GLN B 22 1.39 8.23 10.27
N ASP B 23 2.57 8.28 10.87
CA ASP B 23 3.67 7.37 10.54
C ASP B 23 3.54 6.02 11.24
N GLY B 24 4.12 4.99 10.62
CA GLY B 24 4.10 3.65 11.17
C GLY B 24 4.88 2.67 10.31
N ALA B 25 4.54 1.39 10.39
CA ALA B 25 5.21 0.35 9.60
C ALA B 25 4.20 -0.49 8.85
N LEU B 26 4.49 -0.78 7.59
CA LEU B 26 3.61 -1.53 6.72
C LEU B 26 4.01 -3.01 6.68
N TYR B 27 3.04 -3.90 6.65
CA TYR B 27 3.30 -5.33 6.61
C TYR B 27 2.42 -5.98 5.54
N LEU B 28 3.03 -6.64 4.59
CA LEU B 28 2.27 -7.28 3.51
C LEU B 28 2.16 -8.77 3.68
N MET B 29 0.94 -9.26 3.79
CA MET B 29 0.69 -10.68 3.92
C MET B 29 0.27 -11.23 2.58
N ALA B 30 0.36 -12.53 2.42
CA ALA B 30 0.01 -13.18 1.15
C ALA B 30 -1.46 -12.99 0.81
N GLU B 31 -2.27 -12.69 1.81
CA GLU B 31 -3.71 -12.52 1.61
C GLU B 31 -4.14 -11.06 1.69
N ARG B 32 -3.33 -10.21 2.33
CA ARG B 32 -3.74 -8.83 2.51
C ARG B 32 -2.58 -7.90 2.83
N ILE B 33 -2.84 -6.61 2.75
CA ILE B 33 -1.86 -5.59 3.08
C ILE B 33 -2.28 -4.93 4.38
N ALA B 34 -1.45 -5.04 5.40
CA ALA B 34 -1.75 -4.46 6.70
C ALA B 34 -0.70 -3.43 7.08
N TRP B 35 -1.08 -2.48 7.89
CA TRP B 35 -0.16 -1.44 8.32
C TRP B 35 -0.51 -1.00 9.74
N ALA B 36 0.51 -0.75 10.55
CA ALA B 36 0.29 -0.32 11.93
C ALA B 36 1.04 0.97 12.22
N PRO B 37 0.41 1.90 12.94
CA PRO B 37 1.02 3.17 13.30
C PRO B 37 2.16 2.98 14.30
N GLU B 38 3.11 3.91 14.28
CA GLU B 38 4.24 3.84 15.18
C GLU B 38 3.78 3.98 16.62
N GLY B 39 3.97 2.93 17.40
CA GLY B 39 3.56 2.95 18.78
C GLY B 39 2.25 2.21 19.02
N LYS B 40 1.73 1.60 17.97
CA LYS B 40 0.48 0.86 18.08
C LYS B 40 0.73 -0.62 18.27
N ASP B 41 -0.13 -1.22 19.09
CA ASP B 41 -0.07 -2.63 19.43
C ASP B 41 -0.76 -3.49 18.36
N ARG B 42 -1.54 -2.84 17.51
CA ARG B 42 -2.26 -3.57 16.47
C ARG B 42 -2.30 -2.78 15.18
N PHE B 43 -2.50 -3.50 14.08
CA PHE B 43 -2.57 -2.89 12.76
C PHE B 43 -3.92 -2.20 12.57
N THR B 44 -3.88 -0.97 12.10
CA THR B 44 -5.10 -0.21 11.86
C THR B 44 -5.54 -0.40 10.41
N ILE B 45 -4.57 -0.63 9.56
CA ILE B 45 -4.81 -0.83 8.14
C ILE B 45 -4.85 -2.32 7.82
N SER B 46 -5.95 -2.75 7.23
CA SER B 46 -6.12 -4.15 6.84
C SER B 46 -6.97 -4.22 5.58
N HIS B 47 -6.34 -4.41 4.44
CA HIS B 47 -7.08 -4.48 3.18
C HIS B 47 -6.77 -5.77 2.45
N MET B 48 -7.80 -6.49 2.05
CA MET B 48 -7.63 -7.73 1.31
C MET B 48 -7.32 -7.43 -0.14
N TYR B 49 -6.40 -8.19 -0.72
CA TYR B 49 -6.01 -7.99 -2.12
C TYR B 49 -7.24 -8.16 -3.04
N ALA B 50 -8.22 -8.90 -2.55
CA ALA B 50 -9.45 -9.15 -3.30
C ALA B 50 -10.33 -7.91 -3.35
N ASP B 51 -9.97 -6.89 -2.57
CA ASP B 51 -10.72 -5.63 -2.50
C ASP B 51 -9.91 -4.51 -3.11
N ILE B 52 -8.65 -4.80 -3.39
CA ILE B 52 -7.79 -3.81 -4.00
C ILE B 52 -7.88 -4.01 -5.51
N LYS B 53 -8.09 -2.94 -6.25
CA LYS B 53 -8.21 -3.06 -7.69
C LYS B 53 -6.85 -2.90 -8.33
N CYS B 54 -6.13 -1.89 -7.88
CA CYS B 54 -4.82 -1.59 -8.39
C CYS B 54 -4.06 -0.81 -7.34
N GLN B 55 -2.85 -0.41 -7.65
CA GLN B 55 -2.05 0.33 -6.69
C GLN B 55 -1.17 1.35 -7.40
N LYS B 56 -0.98 2.52 -6.80
CA LYS B 56 -0.13 3.54 -7.39
C LYS B 56 1.15 3.68 -6.60
N ILE B 57 2.18 4.18 -7.26
CA ILE B 57 3.44 4.45 -6.63
C ILE B 57 3.85 5.86 -7.04
N SER B 58 4.22 6.69 -6.08
CA SER B 58 4.62 8.04 -6.40
C SER B 58 6.11 8.04 -6.67
N PRO B 59 6.45 8.41 -7.92
CA PRO B 59 7.82 8.45 -8.45
C PRO B 59 8.69 9.56 -7.88
N GLU B 60 9.97 9.51 -8.26
CA GLU B 60 10.93 10.51 -7.85
C GLU B 60 10.50 11.89 -8.32
N GLY B 61 11.06 12.90 -7.69
CA GLY B 61 10.69 14.27 -8.01
C GLY B 61 10.01 14.89 -6.81
N LYS B 62 9.34 14.05 -6.05
CA LYS B 62 8.69 14.47 -4.83
C LYS B 62 9.68 14.30 -3.69
N ALA B 63 9.56 15.13 -2.68
CA ALA B 63 10.45 15.05 -1.54
C ALA B 63 10.18 13.80 -0.72
N LYS B 64 9.15 13.08 -1.13
CA LYS B 64 8.78 11.88 -0.45
C LYS B 64 8.33 10.81 -1.43
N ILE B 65 8.65 9.57 -1.12
CA ILE B 65 8.27 8.45 -1.96
C ILE B 65 6.92 7.94 -1.46
N GLN B 66 5.99 7.62 -2.37
CA GLN B 66 4.67 7.19 -1.90
C GLN B 66 4.11 6.01 -2.68
N LEU B 67 3.10 5.40 -2.07
CA LEU B 67 2.37 4.29 -2.66
C LEU B 67 0.90 4.46 -2.31
N GLN B 68 -0.01 3.93 -3.10
CA GLN B 68 -1.43 4.05 -2.77
C GLN B 68 -2.21 2.82 -3.23
N LEU B 69 -3.18 2.43 -2.43
CA LEU B 69 -4.03 1.29 -2.73
C LEU B 69 -5.31 1.75 -3.40
N VAL B 70 -5.45 1.47 -4.67
CA VAL B 70 -6.65 1.85 -5.39
C VAL B 70 -7.63 0.69 -5.39
N LEU B 71 -8.70 0.83 -4.64
CA LEU B 71 -9.68 -0.23 -4.53
C LEU B 71 -10.79 -0.10 -5.54
N HIS B 72 -11.44 -1.23 -5.84
CA HIS B 72 -12.55 -1.22 -6.78
C HIS B 72 -13.81 -0.74 -6.06
N ALA B 73 -13.62 -0.42 -4.79
CA ALA B 73 -14.69 0.06 -3.93
C ALA B 73 -14.89 1.56 -4.16
N GLY B 74 -13.98 2.16 -4.92
CA GLY B 74 -14.07 3.57 -5.20
C GLY B 74 -13.27 4.38 -4.21
N ASP B 75 -12.37 3.70 -3.50
CA ASP B 75 -11.53 4.35 -2.50
C ASP B 75 -10.05 4.09 -2.77
N THR B 76 -9.19 4.93 -2.22
CA THR B 76 -7.76 4.78 -2.37
C THR B 76 -7.06 4.99 -1.03
N THR B 77 -6.18 4.07 -0.68
CA THR B 77 -5.44 4.13 0.57
C THR B 77 -3.98 4.49 0.31
N ASN B 78 -3.62 5.75 0.54
CA ASN B 78 -2.25 6.19 0.29
C ASN B 78 -1.32 5.84 1.45
N PHE B 79 -0.10 5.47 1.09
CA PHE B 79 0.94 5.11 2.02
C PHE B 79 2.18 5.95 1.73
N HIS B 80 2.54 6.78 2.68
CA HIS B 80 3.69 7.67 2.56
C HIS B 80 4.97 6.96 3.00
N PHE B 81 5.85 6.67 2.07
CA PHE B 81 7.11 6.01 2.38
C PHE B 81 8.12 7.04 2.89
N SER B 82 8.18 7.22 4.20
CA SER B 82 9.07 8.19 4.80
C SER B 82 10.39 7.58 5.27
N ASN B 83 10.59 6.29 5.01
CA ASN B 83 11.84 5.63 5.40
C ASN B 83 12.94 5.91 4.39
N GLU B 84 13.69 6.98 4.65
CA GLU B 84 14.79 7.43 3.80
C GLU B 84 15.70 6.30 3.32
N SER B 85 15.98 5.36 4.21
CA SER B 85 16.86 4.25 3.91
C SER B 85 16.42 3.40 2.72
N THR B 86 15.23 2.82 2.79
CA THR B 86 14.79 1.95 1.71
C THR B 86 13.42 2.27 1.12
N ALA B 87 12.84 3.42 1.46
CA ALA B 87 11.49 3.81 0.97
C ALA B 87 11.29 3.56 -0.53
N VAL B 88 12.26 3.95 -1.34
CA VAL B 88 12.15 3.75 -2.79
C VAL B 88 12.02 2.26 -3.13
N LYS B 89 12.97 1.46 -2.63
CA LYS B 89 12.99 0.03 -2.87
C LYS B 89 11.78 -0.63 -2.20
N GLU B 90 11.40 -0.09 -1.04
CA GLU B 90 10.26 -0.59 -0.30
C GLU B 90 9.00 -0.32 -1.12
N ARG B 91 8.88 0.91 -1.63
CA ARG B 91 7.75 1.30 -2.48
C ARG B 91 7.65 0.34 -3.62
N ASP B 92 8.80 0.11 -4.22
CA ASP B 92 8.93 -0.79 -5.35
C ASP B 92 8.55 -2.21 -5.00
N ALA B 93 9.03 -2.73 -3.87
CA ALA B 93 8.73 -4.09 -3.46
C ALA B 93 7.23 -4.24 -3.13
N VAL B 94 6.66 -3.24 -2.46
CA VAL B 94 5.23 -3.27 -2.15
C VAL B 94 4.46 -3.28 -3.47
N LYS B 95 4.92 -2.42 -4.39
CA LYS B 95 4.35 -2.32 -5.72
C LYS B 95 4.43 -3.66 -6.42
N ASP B 96 5.65 -4.18 -6.49
CA ASP B 96 5.94 -5.46 -7.11
C ASP B 96 5.07 -6.56 -6.54
N LEU B 97 5.09 -6.68 -5.23
CA LEU B 97 4.33 -7.71 -4.54
C LEU B 97 2.83 -7.54 -4.78
N LEU B 98 2.35 -6.31 -4.77
CA LEU B 98 0.92 -6.05 -4.99
C LEU B 98 0.55 -6.29 -6.45
N GLN B 99 1.32 -5.77 -7.39
CA GLN B 99 1.04 -5.98 -8.81
C GLN B 99 1.15 -7.47 -9.15
N GLN B 100 1.82 -8.18 -8.27
CA GLN B 100 2.00 -9.61 -8.37
C GLN B 100 0.84 -10.36 -7.72
N LEU B 101 0.54 -9.93 -6.51
CA LEU B 101 -0.47 -10.53 -5.67
C LEU B 101 -1.91 -10.11 -6.02
N LEU B 102 -2.13 -8.82 -6.20
CA LEU B 102 -3.47 -8.29 -6.48
C LEU B 102 -4.20 -9.01 -7.61
N PRO B 103 -3.61 -9.15 -8.81
CA PRO B 103 -4.27 -9.83 -9.94
C PRO B 103 -4.68 -11.28 -9.63
N LYS B 104 -4.09 -11.86 -8.59
CA LYS B 104 -4.41 -13.23 -8.20
C LYS B 104 -5.60 -13.27 -7.25
N PHE B 105 -6.03 -12.10 -6.78
CA PHE B 105 -7.17 -12.02 -5.87
C PHE B 105 -8.25 -11.08 -6.40
N LYS B 106 -7.97 -10.41 -7.52
CA LYS B 106 -8.92 -9.48 -8.12
C LYS B 106 -10.22 -10.18 -8.50
N ARG B 107 -11.27 -9.87 -7.76
CA ARG B 107 -12.59 -10.46 -8.00
C ARG B 107 -13.30 -9.74 -9.15
N LYS B 108 -12.72 -9.85 -10.35
CA LYS B 108 -13.30 -9.22 -11.52
C LYS B 108 -13.74 -10.28 -12.53
N ALA B 109 -14.82 -10.01 -13.23
CA ALA B 109 -15.34 -10.95 -14.23
C ALA B 109 -14.97 -10.51 -15.62
N ASN B 110 -13.95 -9.65 -15.69
CA ASN B 110 -13.44 -9.12 -16.95
C ASN B 110 -12.18 -8.31 -16.67
N TYR A 1 -9.06 17.58 2.77
CA TYR A 1 -9.76 18.09 1.56
C TYR A 1 -10.69 17.03 1.00
N VAL A 2 -10.13 15.96 0.46
CA VAL A 2 -10.92 14.88 -0.10
C VAL A 2 -10.03 13.67 -0.43
N GLY A 3 -10.55 12.48 -0.21
CA GLY A 3 -9.79 11.27 -0.46
C GLY A 3 -8.67 11.12 0.53
N GLU A 4 -7.44 11.22 0.06
CA GLU A 4 -6.30 11.11 0.93
C GLU A 4 -5.78 12.50 1.25
N ASP A 5 -5.30 12.68 2.47
CA ASP A 5 -4.80 13.97 2.92
C ASP A 5 -3.49 13.80 3.66
N ASP A 6 -2.72 12.77 3.29
CA ASP A 6 -1.46 12.50 3.97
C ASP A 6 -0.48 13.65 3.80
N GLU A 7 -0.53 14.32 2.64
CA GLU A 7 0.33 15.47 2.37
C GLU A 7 0.26 15.89 0.91
N GLU A 8 0.81 15.06 0.02
CA GLU A 8 0.81 15.33 -1.42
C GLU A 8 0.73 14.04 -2.19
N ASP A 9 -0.35 13.85 -2.90
CA ASP A 9 -0.54 12.63 -3.65
C ASP A 9 -1.16 12.95 -5.01
N ASP A 10 -0.33 13.26 -5.99
CA ASP A 10 -0.83 13.63 -7.32
C ASP A 10 -0.02 13.01 -8.45
N ASP A 11 1.30 13.12 -8.39
CA ASP A 11 2.18 12.54 -9.42
C ASP A 11 2.13 11.03 -9.38
N PHE A 12 1.23 10.52 -8.55
CA PHE A 12 1.00 9.13 -8.36
C PHE A 12 0.65 8.45 -9.69
N ASN A 13 1.46 7.49 -10.08
CA ASN A 13 1.27 6.77 -11.34
C ASN A 13 0.69 5.38 -11.10
N GLU A 14 -0.35 5.04 -11.83
CA GLU A 14 -0.98 3.73 -11.69
C GLU A 14 -1.31 3.12 -13.05
N ASN A 15 -2.12 2.08 -13.00
CA ASN A 15 -2.55 1.38 -14.20
C ASN A 15 -4.03 1.04 -14.07
N ASP A 16 -4.73 0.97 -15.19
CA ASP A 16 -6.17 0.68 -15.18
C ASP A 16 -6.43 -0.82 -14.98
N GLU A 17 -5.40 -1.55 -14.56
CA GLU A 17 -5.48 -2.98 -14.32
C GLU A 17 -6.67 -3.34 -13.42
N ASP A 18 -7.76 -3.77 -14.05
CA ASP A 18 -8.95 -4.18 -13.32
C ASP A 18 -8.90 -5.68 -13.11
N ASP A 19 -8.46 -6.36 -14.16
CA ASP A 19 -8.29 -7.82 -14.18
C ASP A 19 -9.58 -8.54 -13.81
N MET B 3 -6.09 -11.08 10.12
CA MET B 3 -6.23 -10.22 11.31
C MET B 3 -6.18 -11.07 12.58
N ALA B 4 -6.80 -12.24 12.49
CA ALA B 4 -6.82 -13.18 13.59
C ALA B 4 -6.84 -14.58 13.00
N THR B 5 -5.66 -15.12 12.74
CA THR B 5 -5.51 -16.44 12.13
C THR B 5 -6.10 -16.38 10.72
N SER B 6 -5.95 -15.22 10.10
CA SER B 6 -6.46 -14.97 8.76
C SER B 6 -5.49 -14.08 8.00
N SER B 7 -4.56 -14.69 7.27
CA SER B 7 -3.55 -13.97 6.51
C SER B 7 -2.70 -13.13 7.46
N GLU B 8 -1.82 -13.81 8.18
CA GLU B 8 -0.96 -13.18 9.16
C GLU B 8 0.50 -13.40 8.78
N GLU B 9 0.67 -14.05 7.66
CA GLU B 9 1.98 -14.36 7.13
C GLU B 9 2.53 -13.15 6.38
N VAL B 10 3.43 -12.43 7.04
CA VAL B 10 4.02 -11.24 6.45
C VAL B 10 5.16 -11.60 5.52
N LEU B 11 4.98 -11.28 4.25
CA LEU B 11 5.99 -11.55 3.25
C LEU B 11 6.91 -10.34 3.10
N LEU B 12 6.35 -9.15 3.28
CA LEU B 12 7.11 -7.92 3.16
C LEU B 12 6.88 -6.99 4.34
N ILE B 13 7.97 -6.55 4.95
CA ILE B 13 7.89 -5.62 6.06
C ILE B 13 8.42 -4.27 5.62
N VAL B 14 7.62 -3.25 5.78
CA VAL B 14 7.98 -1.90 5.40
C VAL B 14 8.03 -1.03 6.64
N LYS B 15 8.88 -0.03 6.60
CA LYS B 15 9.03 0.84 7.75
C LYS B 15 8.59 2.25 7.42
N LYS B 16 8.67 3.10 8.44
CA LYS B 16 8.27 4.53 8.39
C LYS B 16 7.36 4.85 7.20
N VAL B 17 6.13 4.35 7.29
CA VAL B 17 5.12 4.56 6.27
C VAL B 17 3.94 5.29 6.89
N ARG B 18 3.49 6.35 6.24
CA ARG B 18 2.38 7.12 6.74
C ARG B 18 1.10 6.79 6.00
N GLN B 19 0.02 6.71 6.76
CA GLN B 19 -1.30 6.43 6.22
C GLN B 19 -2.29 7.38 6.85
N LYS B 20 -2.79 8.31 6.05
CA LYS B 20 -3.78 9.29 6.52
C LYS B 20 -3.17 10.19 7.58
N LYS B 21 -1.92 10.60 7.37
CA LYS B 21 -1.18 11.49 8.28
C LYS B 21 -0.73 10.76 9.54
N GLN B 22 -0.54 9.44 9.44
CA GLN B 22 -0.12 8.64 10.58
C GLN B 22 1.13 7.86 10.22
N ASP B 23 2.19 8.02 11.01
CA ASP B 23 3.45 7.33 10.75
C ASP B 23 3.44 5.93 11.39
N GLY B 24 3.98 4.94 10.68
CA GLY B 24 4.02 3.59 11.20
C GLY B 24 4.82 2.62 10.34
N ALA B 25 4.48 1.34 10.41
CA ALA B 25 5.15 0.30 9.65
C ALA B 25 4.12 -0.52 8.88
N LEU B 26 4.45 -0.83 7.64
CA LEU B 26 3.57 -1.59 6.76
C LEU B 26 3.99 -3.06 6.68
N TYR B 27 3.03 -3.96 6.63
CA TYR B 27 3.32 -5.39 6.54
C TYR B 27 2.40 -6.05 5.51
N LEU B 28 2.96 -6.66 4.49
CA LEU B 28 2.16 -7.30 3.45
C LEU B 28 2.08 -8.79 3.66
N MET B 29 0.87 -9.30 3.82
CA MET B 29 0.63 -10.72 4.01
C MET B 29 0.27 -11.35 2.67
N ALA B 30 0.29 -12.68 2.62
CA ALA B 30 0.01 -13.42 1.39
C ALA B 30 -1.34 -13.05 0.76
N GLU B 31 -2.35 -12.81 1.57
CA GLU B 31 -3.66 -12.47 1.03
C GLU B 31 -4.13 -11.07 1.40
N ARG B 32 -3.34 -10.32 2.15
CA ARG B 32 -3.79 -8.99 2.56
C ARG B 32 -2.65 -8.07 2.91
N ILE B 33 -2.93 -6.78 2.86
CA ILE B 33 -1.96 -5.76 3.19
C ILE B 33 -2.39 -5.09 4.50
N ALA B 34 -1.53 -5.14 5.49
CA ALA B 34 -1.82 -4.54 6.78
C ALA B 34 -0.76 -3.52 7.16
N TRP B 35 -1.16 -2.52 7.90
CA TRP B 35 -0.24 -1.49 8.34
C TRP B 35 -0.63 -0.99 9.72
N ALA B 36 0.36 -0.75 10.56
CA ALA B 36 0.12 -0.28 11.91
C ALA B 36 1.00 0.92 12.22
N PRO B 37 0.44 1.94 12.88
CA PRO B 37 1.19 3.14 13.25
C PRO B 37 2.30 2.83 14.25
N GLU B 38 3.27 3.73 14.35
CA GLU B 38 4.39 3.55 15.25
C GLU B 38 3.94 3.41 16.70
N GLY B 39 4.45 2.39 17.36
CA GLY B 39 4.11 2.15 18.76
C GLY B 39 2.69 1.66 18.95
N LYS B 40 2.17 0.95 17.97
CA LYS B 40 0.81 0.41 18.06
C LYS B 40 0.85 -1.11 18.11
N ASP B 41 -0.10 -1.68 18.82
CA ASP B 41 -0.20 -3.13 18.97
C ASP B 41 -1.19 -3.72 17.97
N ARG B 42 -2.00 -2.86 17.37
CA ARG B 42 -2.99 -3.31 16.41
C ARG B 42 -2.82 -2.61 15.06
N PHE B 43 -3.14 -3.33 14.00
CA PHE B 43 -3.04 -2.80 12.65
C PHE B 43 -4.30 -2.00 12.32
N THR B 44 -4.14 -0.73 11.99
CA THR B 44 -5.27 0.11 11.64
C THR B 44 -5.66 -0.08 10.18
N ILE B 45 -4.70 -0.57 9.40
CA ILE B 45 -4.91 -0.81 7.98
C ILE B 45 -5.05 -2.29 7.70
N SER B 46 -6.15 -2.67 7.08
CA SER B 46 -6.41 -4.05 6.74
C SER B 46 -7.21 -4.12 5.45
N HIS B 47 -6.54 -4.41 4.35
CA HIS B 47 -7.20 -4.52 3.05
C HIS B 47 -6.80 -5.81 2.38
N MET B 48 -7.76 -6.46 1.75
CA MET B 48 -7.48 -7.71 1.06
C MET B 48 -7.16 -7.40 -0.39
N TYR B 49 -6.21 -8.13 -0.96
CA TYR B 49 -5.82 -7.94 -2.36
C TYR B 49 -7.04 -8.15 -3.26
N ALA B 50 -8.02 -8.86 -2.73
CA ALA B 50 -9.24 -9.18 -3.45
C ALA B 50 -10.10 -7.93 -3.67
N ASP B 51 -9.91 -6.90 -2.84
CA ASP B 51 -10.67 -5.66 -2.94
C ASP B 51 -9.84 -4.58 -3.61
N ILE B 52 -8.55 -4.82 -3.77
CA ILE B 52 -7.68 -3.85 -4.40
C ILE B 52 -7.75 -4.06 -5.90
N LYS B 53 -7.93 -2.99 -6.66
CA LYS B 53 -8.01 -3.12 -8.11
C LYS B 53 -6.64 -2.94 -8.72
N CYS B 54 -6.04 -1.80 -8.40
CA CYS B 54 -4.75 -1.43 -8.91
C CYS B 54 -4.00 -0.69 -7.84
N GLN B 55 -2.81 -0.22 -8.15
CA GLN B 55 -2.02 0.49 -7.19
C GLN B 55 -1.28 1.65 -7.84
N LYS B 56 -1.10 2.76 -7.13
CA LYS B 56 -0.36 3.88 -7.67
C LYS B 56 0.99 3.95 -6.99
N ILE B 57 1.99 4.38 -7.71
CA ILE B 57 3.30 4.57 -7.12
C ILE B 57 3.74 5.99 -7.44
N SER B 58 4.05 6.76 -6.41
CA SER B 58 4.46 8.13 -6.62
C SER B 58 5.96 8.17 -6.81
N PRO B 59 6.37 8.69 -7.97
CA PRO B 59 7.77 8.79 -8.40
C PRO B 59 8.57 9.81 -7.62
N GLU B 60 9.86 9.81 -7.89
CA GLU B 60 10.80 10.72 -7.28
C GLU B 60 10.46 12.16 -7.64
N GLY B 61 10.98 13.09 -6.87
CA GLY B 61 10.68 14.49 -7.07
C GLY B 61 9.92 15.03 -5.90
N LYS B 62 9.16 14.16 -5.26
CA LYS B 62 8.43 14.50 -4.06
C LYS B 62 9.39 14.33 -2.89
N ALA B 63 9.07 14.94 -1.77
CA ALA B 63 9.92 14.82 -0.59
C ALA B 63 9.88 13.41 -0.06
N LYS B 64 8.89 12.68 -0.49
CA LYS B 64 8.74 11.32 -0.06
C LYS B 64 8.30 10.45 -1.22
N ILE B 65 8.68 9.20 -1.17
CA ILE B 65 8.30 8.23 -2.17
C ILE B 65 6.98 7.63 -1.71
N GLN B 66 5.99 7.48 -2.56
CA GLN B 66 4.71 6.98 -2.09
C GLN B 66 4.10 5.90 -2.95
N LEU B 67 3.14 5.20 -2.36
CA LEU B 67 2.39 4.15 -3.01
C LEU B 67 0.93 4.28 -2.58
N GLN B 68 -0.03 3.83 -3.37
CA GLN B 68 -1.42 3.90 -2.95
C GLN B 68 -2.20 2.71 -3.49
N LEU B 69 -3.16 2.26 -2.70
CA LEU B 69 -4.01 1.14 -3.07
C LEU B 69 -5.29 1.63 -3.70
N VAL B 70 -5.43 1.43 -4.99
CA VAL B 70 -6.64 1.85 -5.68
C VAL B 70 -7.60 0.68 -5.76
N LEU B 71 -8.67 0.75 -4.98
CA LEU B 71 -9.63 -0.34 -4.93
C LEU B 71 -10.72 -0.21 -5.97
N HIS B 72 -11.32 -1.33 -6.33
CA HIS B 72 -12.41 -1.33 -7.30
C HIS B 72 -13.69 -0.89 -6.61
N ALA B 73 -13.56 -0.64 -5.32
CA ALA B 73 -14.67 -0.20 -4.49
C ALA B 73 -14.88 1.31 -4.63
N GLY B 74 -13.97 1.95 -5.36
CA GLY B 74 -14.06 3.38 -5.56
C GLY B 74 -13.31 4.14 -4.47
N ASP B 75 -12.41 3.44 -3.81
CA ASP B 75 -11.62 4.03 -2.73
C ASP B 75 -10.13 3.85 -2.99
N THR B 76 -9.30 4.64 -2.33
CA THR B 76 -7.86 4.56 -2.48
C THR B 76 -7.17 4.69 -1.13
N THR B 77 -6.24 3.78 -0.85
CA THR B 77 -5.50 3.78 0.40
C THR B 77 -4.04 4.16 0.14
N ASN B 78 -3.68 5.40 0.44
CA ASN B 78 -2.32 5.87 0.17
C ASN B 78 -1.35 5.47 1.27
N PHE B 79 -0.12 5.17 0.86
CA PHE B 79 0.94 4.79 1.76
C PHE B 79 2.18 5.62 1.47
N HIS B 80 2.46 6.53 2.37
CA HIS B 80 3.58 7.45 2.27
C HIS B 80 4.85 6.82 2.84
N PHE B 81 5.82 6.54 1.98
CA PHE B 81 7.08 5.96 2.41
C PHE B 81 8.02 7.07 2.89
N SER B 82 8.04 7.30 4.19
CA SER B 82 8.88 8.34 4.77
C SER B 82 10.25 7.80 5.23
N ASN B 83 10.52 6.53 4.95
CA ASN B 83 11.80 5.94 5.33
C ASN B 83 12.83 6.19 4.24
N GLU B 84 13.56 7.28 4.39
CA GLU B 84 14.59 7.70 3.43
C GLU B 84 15.53 6.55 3.03
N SER B 85 15.87 5.72 4.00
CA SER B 85 16.76 4.59 3.79
C SER B 85 16.35 3.71 2.62
N THR B 86 15.16 3.14 2.67
CA THR B 86 14.74 2.23 1.62
C THR B 86 13.39 2.55 0.97
N ALA B 87 12.81 3.72 1.26
CA ALA B 87 11.50 4.12 0.73
C ALA B 87 11.33 3.82 -0.77
N VAL B 88 12.31 4.22 -1.57
CA VAL B 88 12.26 3.99 -3.01
C VAL B 88 12.12 2.49 -3.31
N LYS B 89 13.01 1.69 -2.72
CA LYS B 89 13.01 0.24 -2.91
C LYS B 89 11.79 -0.38 -2.25
N GLU B 90 11.37 0.21 -1.15
CA GLU B 90 10.19 -0.25 -0.42
C GLU B 90 8.96 -0.03 -1.29
N ARG B 91 8.89 1.14 -1.93
CA ARG B 91 7.80 1.46 -2.84
C ARG B 91 7.76 0.41 -3.92
N ASP B 92 8.94 0.10 -4.41
CA ASP B 92 9.12 -0.89 -5.45
C ASP B 92 8.73 -2.30 -5.00
N ALA B 93 9.15 -2.69 -3.81
CA ALA B 93 8.83 -4.04 -3.31
C ALA B 93 7.33 -4.17 -3.02
N VAL B 94 6.73 -3.17 -2.36
CA VAL B 94 5.29 -3.21 -2.08
C VAL B 94 4.56 -3.26 -3.42
N LYS B 95 5.05 -2.45 -4.36
CA LYS B 95 4.50 -2.39 -5.72
C LYS B 95 4.61 -3.75 -6.37
N ASP B 96 5.83 -4.26 -6.39
CA ASP B 96 6.17 -5.55 -6.96
C ASP B 96 5.28 -6.65 -6.39
N LEU B 97 5.27 -6.76 -5.07
CA LEU B 97 4.49 -7.78 -4.40
C LEU B 97 3.00 -7.62 -4.68
N LEU B 98 2.50 -6.39 -4.67
CA LEU B 98 1.08 -6.16 -4.93
C LEU B 98 0.76 -6.45 -6.39
N GLN B 99 1.61 -5.99 -7.30
CA GLN B 99 1.42 -6.22 -8.73
C GLN B 99 1.48 -7.73 -8.99
N GLN B 100 2.15 -8.42 -8.10
CA GLN B 100 2.30 -9.85 -8.15
C GLN B 100 1.11 -10.56 -7.50
N LEU B 101 0.73 -10.03 -6.36
CA LEU B 101 -0.33 -10.57 -5.54
C LEU B 101 -1.76 -10.19 -5.97
N LEU B 102 -1.99 -8.91 -6.25
CA LEU B 102 -3.31 -8.41 -6.62
C LEU B 102 -4.02 -9.21 -7.72
N PRO B 103 -3.40 -9.38 -8.92
CA PRO B 103 -4.03 -10.13 -10.03
C PRO B 103 -4.40 -11.56 -9.68
N LYS B 104 -3.76 -12.12 -8.67
CA LYS B 104 -4.04 -13.49 -8.27
C LYS B 104 -5.18 -13.59 -7.26
N PHE B 105 -5.61 -12.47 -6.70
CA PHE B 105 -6.69 -12.49 -5.72
C PHE B 105 -7.81 -11.52 -6.10
N LYS B 106 -7.72 -10.94 -7.29
CA LYS B 106 -8.73 -9.99 -7.75
C LYS B 106 -10.14 -10.56 -7.68
N ARG B 107 -11.04 -9.82 -7.04
CA ARG B 107 -12.45 -10.20 -6.91
C ARG B 107 -12.63 -11.56 -6.21
N LYS B 108 -11.62 -11.98 -5.45
CA LYS B 108 -11.69 -13.25 -4.74
C LYS B 108 -12.44 -13.08 -3.43
N ALA B 109 -13.76 -13.04 -3.51
CA ALA B 109 -14.60 -12.88 -2.34
C ALA B 109 -14.80 -14.21 -1.62
N ASN B 110 -13.68 -14.83 -1.26
CA ASN B 110 -13.68 -16.11 -0.56
C ASN B 110 -12.24 -16.45 -0.17
N TYR A 1 -3.73 15.41 -3.12
CA TYR A 1 -4.86 15.51 -2.17
C TYR A 1 -6.14 15.00 -2.82
N VAL A 2 -6.16 13.71 -3.14
CA VAL A 2 -7.33 13.09 -3.73
C VAL A 2 -7.62 11.79 -2.99
N GLY A 3 -8.78 11.74 -2.34
CA GLY A 3 -9.14 10.56 -1.57
C GLY A 3 -8.47 10.62 -0.21
N GLU A 4 -7.15 10.71 -0.25
CA GLU A 4 -6.35 10.81 0.95
C GLU A 4 -5.73 12.20 1.01
N ASP A 5 -5.53 12.72 2.21
CA ASP A 5 -4.95 14.04 2.38
C ASP A 5 -3.55 13.97 2.93
N ASP A 6 -2.83 12.88 2.62
CA ASP A 6 -1.46 12.66 3.09
C ASP A 6 -0.46 13.70 2.54
N GLU A 7 -1.01 14.82 2.04
CA GLU A 7 -0.26 15.97 1.50
C GLU A 7 -0.13 15.89 -0.01
N GLU A 8 0.78 15.06 -0.48
CA GLU A 8 1.04 14.92 -1.90
C GLU A 8 0.54 13.59 -2.43
N ASP A 9 0.04 13.60 -3.65
CA ASP A 9 -0.46 12.41 -4.30
C ASP A 9 -1.02 12.75 -5.67
N ASP A 10 -0.14 12.95 -6.63
CA ASP A 10 -0.57 13.33 -7.98
C ASP A 10 0.22 12.62 -9.07
N ASP A 11 1.55 12.72 -9.02
CA ASP A 11 2.42 12.07 -10.00
C ASP A 11 2.39 10.55 -9.81
N PHE A 12 1.45 10.11 -9.00
CA PHE A 12 1.22 8.73 -8.69
C PHE A 12 0.99 7.92 -9.96
N ASN A 13 1.76 6.85 -10.13
CA ASN A 13 1.65 6.00 -11.31
C ASN A 13 1.13 4.63 -10.95
N GLU A 14 0.02 4.21 -11.54
CA GLU A 14 -0.56 2.90 -11.25
C GLU A 14 -0.34 1.95 -12.43
N ASN A 15 -0.29 2.51 -13.63
CA ASN A 15 -0.10 1.75 -14.88
C ASN A 15 -1.40 1.09 -15.32
N ASP A 16 -2.18 0.62 -14.34
CA ASP A 16 -3.46 0.01 -14.63
C ASP A 16 -4.50 1.09 -14.89
N GLU A 17 -4.35 2.21 -14.18
CA GLU A 17 -5.25 3.36 -14.30
C GLU A 17 -6.70 2.92 -14.15
N ASP A 18 -7.39 2.84 -15.27
CA ASP A 18 -8.78 2.40 -15.34
C ASP A 18 -9.23 2.41 -16.78
N ASP A 19 -10.19 1.57 -17.10
CA ASP A 19 -10.71 1.47 -18.47
C ASP A 19 -12.22 1.34 -18.44
N MET B 3 2.15 -14.95 10.55
CA MET B 3 1.86 -15.41 11.92
C MET B 3 1.22 -16.80 11.92
N ALA B 4 1.23 -17.44 10.75
CA ALA B 4 0.65 -18.77 10.59
C ALA B 4 0.94 -19.27 9.18
N THR B 5 1.50 -20.47 9.08
CA THR B 5 1.82 -21.06 7.79
C THR B 5 0.58 -21.57 7.07
N SER B 6 -0.42 -20.70 6.95
CA SER B 6 -1.67 -21.03 6.29
C SER B 6 -2.35 -19.74 5.84
N SER B 7 -2.41 -18.78 6.76
CA SER B 7 -3.02 -17.48 6.50
C SER B 7 -2.42 -16.44 7.44
N GLU B 8 -2.45 -15.18 7.02
CA GLU B 8 -1.93 -14.07 7.81
C GLU B 8 -0.41 -14.18 7.92
N GLU B 9 0.22 -14.49 6.80
CA GLU B 9 1.67 -14.60 6.77
C GLU B 9 2.23 -13.40 6.03
N VAL B 10 3.10 -12.68 6.72
CA VAL B 10 3.69 -11.48 6.17
C VAL B 10 4.89 -11.80 5.30
N LEU B 11 4.81 -11.36 4.06
CA LEU B 11 5.89 -11.59 3.12
C LEU B 11 6.80 -10.36 3.03
N LEU B 12 6.22 -9.19 3.24
CA LEU B 12 6.97 -7.95 3.17
C LEU B 12 6.70 -7.06 4.38
N ILE B 13 7.77 -6.64 5.04
CA ILE B 13 7.65 -5.75 6.18
C ILE B 13 8.22 -4.39 5.80
N VAL B 14 7.40 -3.38 5.89
CA VAL B 14 7.79 -2.04 5.55
C VAL B 14 7.84 -1.20 6.81
N LYS B 15 8.70 -0.22 6.82
CA LYS B 15 8.86 0.64 7.97
C LYS B 15 8.47 2.06 7.66
N LYS B 16 8.52 2.89 8.70
CA LYS B 16 8.16 4.31 8.65
C LYS B 16 7.30 4.68 7.43
N VAL B 17 6.06 4.27 7.48
CA VAL B 17 5.09 4.54 6.41
C VAL B 17 3.93 5.33 6.97
N ARG B 18 3.67 6.47 6.38
CA ARG B 18 2.58 7.34 6.80
C ARG B 18 1.28 6.98 6.09
N GLN B 19 0.29 6.63 6.87
CA GLN B 19 -1.02 6.31 6.36
C GLN B 19 -2.01 7.27 6.99
N LYS B 20 -2.61 8.11 6.15
CA LYS B 20 -3.57 9.10 6.62
C LYS B 20 -2.82 10.17 7.45
N LYS B 21 -1.61 10.49 6.98
CA LYS B 21 -0.74 11.48 7.61
C LYS B 21 -0.24 10.99 8.97
N GLN B 22 -0.21 9.68 9.15
CA GLN B 22 0.25 9.07 10.40
C GLN B 22 1.34 8.02 10.10
N ASP B 23 2.53 8.22 10.67
CA ASP B 23 3.66 7.33 10.45
C ASP B 23 3.45 5.97 11.14
N GLY B 24 4.08 4.93 10.60
CA GLY B 24 3.96 3.60 11.16
C GLY B 24 4.72 2.55 10.36
N ALA B 25 4.29 1.29 10.45
CA ALA B 25 4.94 0.20 9.73
C ALA B 25 3.91 -0.59 8.93
N LEU B 26 4.24 -0.87 7.68
CA LEU B 26 3.36 -1.59 6.78
C LEU B 26 3.77 -3.06 6.70
N TYR B 27 2.79 -3.95 6.61
CA TYR B 27 3.06 -5.39 6.52
C TYR B 27 2.20 -5.99 5.42
N LEU B 28 2.83 -6.66 4.47
CA LEU B 28 2.09 -7.27 3.37
C LEU B 28 1.99 -8.77 3.54
N MET B 29 0.80 -9.25 3.82
CA MET B 29 0.56 -10.67 3.98
C MET B 29 0.19 -11.27 2.63
N ALA B 30 0.29 -12.58 2.54
CA ALA B 30 0.00 -13.29 1.29
C ALA B 30 -1.42 -13.07 0.78
N GLU B 31 -2.33 -12.71 1.68
CA GLU B 31 -3.72 -12.52 1.27
C GLU B 31 -4.19 -11.08 1.47
N ARG B 32 -3.43 -10.26 2.19
CA ARG B 32 -3.88 -8.91 2.46
C ARG B 32 -2.73 -7.98 2.85
N ILE B 33 -3.02 -6.69 2.83
CA ILE B 33 -2.07 -5.66 3.19
C ILE B 33 -2.51 -5.01 4.49
N ALA B 34 -1.68 -5.11 5.52
CA ALA B 34 -1.99 -4.53 6.80
C ALA B 34 -0.94 -3.50 7.19
N TRP B 35 -1.33 -2.52 7.98
CA TRP B 35 -0.40 -1.49 8.41
C TRP B 35 -0.76 -1.03 9.81
N ALA B 36 0.26 -0.81 10.63
CA ALA B 36 0.06 -0.36 12.00
C ALA B 36 0.83 0.92 12.26
N PRO B 37 0.27 1.83 13.07
CA PRO B 37 0.94 3.10 13.39
C PRO B 37 2.26 2.86 14.13
N GLU B 38 3.12 3.87 14.11
CA GLU B 38 4.43 3.77 14.75
C GLU B 38 4.29 3.43 16.23
N GLY B 39 5.03 2.43 16.66
CA GLY B 39 5.00 2.00 18.05
C GLY B 39 3.67 1.41 18.46
N LYS B 40 2.96 0.80 17.51
CA LYS B 40 1.67 0.19 17.80
C LYS B 40 1.74 -1.33 17.65
N ASP B 41 0.90 -2.02 18.41
CA ASP B 41 0.85 -3.47 18.39
C ASP B 41 -0.29 -3.96 17.50
N ARG B 42 -1.27 -3.11 17.28
CA ARG B 42 -2.44 -3.47 16.48
C ARG B 42 -2.42 -2.76 15.13
N PHE B 43 -2.84 -3.48 14.10
CA PHE B 43 -2.88 -2.94 12.75
C PHE B 43 -4.20 -2.19 12.54
N THR B 44 -4.11 -0.94 12.15
CA THR B 44 -5.30 -0.13 11.91
C THR B 44 -5.71 -0.20 10.45
N ILE B 45 -4.81 -0.72 9.62
CA ILE B 45 -5.06 -0.86 8.20
C ILE B 45 -5.12 -2.33 7.82
N SER B 46 -6.21 -2.74 7.20
CA SER B 46 -6.37 -4.12 6.77
C SER B 46 -7.21 -4.16 5.50
N HIS B 47 -6.55 -4.36 4.37
CA HIS B 47 -7.23 -4.43 3.08
C HIS B 47 -6.89 -5.73 2.39
N MET B 48 -7.88 -6.39 1.80
CA MET B 48 -7.64 -7.64 1.11
C MET B 48 -7.28 -7.36 -0.34
N TYR B 49 -6.30 -8.08 -0.87
CA TYR B 49 -5.88 -7.90 -2.26
C TYR B 49 -7.06 -8.09 -3.21
N ALA B 50 -8.05 -8.84 -2.74
CA ALA B 50 -9.24 -9.11 -3.52
C ALA B 50 -10.04 -7.83 -3.80
N ASP B 51 -10.00 -6.88 -2.86
CA ASP B 51 -10.75 -5.62 -2.96
C ASP B 51 -9.90 -4.53 -3.61
N ILE B 52 -8.62 -4.78 -3.75
CA ILE B 52 -7.75 -3.79 -4.35
C ILE B 52 -7.83 -3.94 -5.86
N LYS B 53 -7.92 -2.83 -6.58
CA LYS B 53 -7.99 -2.87 -8.03
C LYS B 53 -6.58 -2.87 -8.58
N CYS B 54 -5.78 -1.96 -8.05
CA CYS B 54 -4.40 -1.79 -8.42
C CYS B 54 -3.75 -0.88 -7.41
N GLN B 55 -2.48 -0.56 -7.61
CA GLN B 55 -1.80 0.32 -6.68
C GLN B 55 -0.99 1.37 -7.43
N LYS B 56 -0.92 2.58 -6.90
CA LYS B 56 -0.15 3.64 -7.53
C LYS B 56 1.16 3.80 -6.79
N ILE B 57 2.20 4.18 -7.49
CA ILE B 57 3.48 4.43 -6.86
C ILE B 57 3.90 5.84 -7.26
N SER B 58 4.25 6.67 -6.29
CA SER B 58 4.66 8.02 -6.59
C SER B 58 6.16 8.04 -6.76
N PRO B 59 6.59 8.36 -7.99
CA PRO B 59 7.99 8.40 -8.42
C PRO B 59 8.81 9.51 -7.77
N GLU B 60 10.10 9.48 -8.04
CA GLU B 60 11.03 10.47 -7.52
C GLU B 60 10.63 11.85 -8.00
N GLY B 61 11.12 12.86 -7.31
CA GLY B 61 10.78 14.23 -7.63
C GLY B 61 9.96 14.83 -6.51
N LYS B 62 9.23 13.96 -5.83
CA LYS B 62 8.45 14.35 -4.68
C LYS B 62 9.34 14.29 -3.46
N ALA B 63 9.02 15.08 -2.46
CA ALA B 63 9.80 15.10 -1.24
C ALA B 63 9.65 13.80 -0.49
N LYS B 64 8.63 13.05 -0.87
CA LYS B 64 8.38 11.79 -0.24
C LYS B 64 7.99 10.73 -1.27
N ILE B 65 8.52 9.53 -1.11
CA ILE B 65 8.19 8.44 -1.99
C ILE B 65 6.85 7.88 -1.53
N GLN B 66 5.91 7.66 -2.43
CA GLN B 66 4.59 7.21 -2.00
C GLN B 66 4.02 6.07 -2.80
N LEU B 67 3.02 5.43 -2.21
CA LEU B 67 2.28 4.35 -2.82
C LEU B 67 0.82 4.52 -2.46
N GLN B 68 -0.10 4.02 -3.26
CA GLN B 68 -1.52 4.13 -2.91
C GLN B 68 -2.28 2.91 -3.38
N LEU B 69 -3.23 2.49 -2.57
CA LEU B 69 -4.05 1.34 -2.88
C LEU B 69 -5.34 1.79 -3.56
N VAL B 70 -5.43 1.55 -4.84
CA VAL B 70 -6.62 1.93 -5.59
C VAL B 70 -7.57 0.75 -5.64
N LEU B 71 -8.71 0.89 -4.99
CA LEU B 71 -9.68 -0.19 -4.93
C LEU B 71 -10.78 -0.04 -5.95
N HIS B 72 -11.44 -1.14 -6.27
CA HIS B 72 -12.56 -1.11 -7.22
C HIS B 72 -13.81 -0.65 -6.48
N ALA B 73 -13.63 -0.38 -5.20
CA ALA B 73 -14.70 0.08 -4.34
C ALA B 73 -14.89 1.58 -4.49
N GLY B 74 -14.04 2.20 -5.29
CA GLY B 74 -14.11 3.63 -5.50
C GLY B 74 -13.34 4.38 -4.43
N ASP B 75 -12.43 3.68 -3.78
CA ASP B 75 -11.63 4.26 -2.71
C ASP B 75 -10.15 4.04 -2.99
N THR B 76 -9.31 4.88 -2.38
CA THR B 76 -7.88 4.80 -2.54
C THR B 76 -7.19 4.99 -1.20
N THR B 77 -6.27 4.09 -0.87
CA THR B 77 -5.54 4.15 0.39
C THR B 77 -4.09 4.58 0.14
N ASN B 78 -3.74 5.82 0.46
CA ASN B 78 -2.39 6.31 0.20
C ASN B 78 -1.42 5.98 1.33
N PHE B 79 -0.31 5.38 0.95
CA PHE B 79 0.75 5.01 1.87
C PHE B 79 2.00 5.83 1.57
N HIS B 80 2.32 6.72 2.47
CA HIS B 80 3.46 7.62 2.35
C HIS B 80 4.70 6.93 2.90
N PHE B 81 5.66 6.63 2.05
CA PHE B 81 6.89 6.00 2.48
C PHE B 81 7.83 7.04 3.08
N SER B 82 7.75 7.23 4.39
CA SER B 82 8.58 8.22 5.07
C SER B 82 9.82 7.59 5.69
N ASN B 83 10.30 6.49 5.12
CA ASN B 83 11.49 5.83 5.61
C ASN B 83 12.64 6.08 4.64
N GLU B 84 13.38 7.15 4.90
CA GLU B 84 14.51 7.58 4.07
C GLU B 84 15.46 6.43 3.69
N SER B 85 15.63 5.48 4.59
CA SER B 85 16.52 4.34 4.37
C SER B 85 16.13 3.50 3.15
N THR B 86 14.93 2.95 3.14
CA THR B 86 14.55 2.08 2.05
C THR B 86 13.23 2.43 1.36
N ALA B 87 12.64 3.58 1.67
CA ALA B 87 11.34 4.01 1.12
C ALA B 87 11.19 3.72 -0.38
N VAL B 88 12.17 4.14 -1.17
CA VAL B 88 12.13 3.92 -2.62
C VAL B 88 12.01 2.43 -2.95
N LYS B 89 12.91 1.63 -2.39
CA LYS B 89 12.92 0.19 -2.60
C LYS B 89 11.69 -0.45 -1.98
N GLU B 90 11.26 0.10 -0.86
CA GLU B 90 10.07 -0.37 -0.17
C GLU B 90 8.85 -0.12 -1.05
N ARG B 91 8.78 1.08 -1.62
CA ARG B 91 7.70 1.45 -2.52
C ARG B 91 7.64 0.44 -3.64
N ASP B 92 8.82 0.17 -4.18
CA ASP B 92 9.00 -0.76 -5.25
C ASP B 92 8.61 -2.18 -4.88
N ALA B 93 9.01 -2.65 -3.72
CA ALA B 93 8.67 -4.01 -3.28
C ALA B 93 7.18 -4.14 -3.00
N VAL B 94 6.59 -3.14 -2.34
CA VAL B 94 5.15 -3.16 -2.08
C VAL B 94 4.42 -3.17 -3.42
N LYS B 95 4.94 -2.34 -4.32
CA LYS B 95 4.42 -2.23 -5.68
C LYS B 95 4.51 -3.57 -6.38
N ASP B 96 5.71 -4.13 -6.35
CA ASP B 96 6.00 -5.41 -6.96
C ASP B 96 5.13 -6.53 -6.41
N LEU B 97 5.13 -6.68 -5.10
CA LEU B 97 4.36 -7.72 -4.45
C LEU B 97 2.87 -7.54 -4.73
N LEU B 98 2.39 -6.32 -4.71
CA LEU B 98 0.97 -6.06 -4.98
C LEU B 98 0.64 -6.31 -6.45
N GLN B 99 1.48 -5.82 -7.37
CA GLN B 99 1.25 -6.04 -8.79
C GLN B 99 1.37 -7.53 -9.11
N GLN B 100 2.01 -8.23 -8.18
CA GLN B 100 2.20 -9.66 -8.28
C GLN B 100 0.99 -10.39 -7.72
N LEU B 101 0.62 -9.98 -6.54
CA LEU B 101 -0.46 -10.55 -5.75
C LEU B 101 -1.88 -10.15 -6.18
N LEU B 102 -2.10 -8.86 -6.40
CA LEU B 102 -3.43 -8.34 -6.74
C LEU B 102 -4.14 -9.06 -7.89
N PRO B 103 -3.49 -9.25 -9.07
CA PRO B 103 -4.13 -9.91 -10.22
C PRO B 103 -4.42 -11.40 -10.01
N LYS B 104 -3.66 -12.05 -9.12
CA LYS B 104 -3.85 -13.49 -8.87
C LYS B 104 -5.22 -13.78 -8.29
N PHE B 105 -5.75 -12.85 -7.52
CA PHE B 105 -7.04 -13.03 -6.90
C PHE B 105 -8.15 -12.48 -7.78
N LYS B 106 -7.81 -12.29 -9.04
CA LYS B 106 -8.72 -11.80 -10.06
C LYS B 106 -8.99 -12.91 -11.06
N ARG B 107 -9.78 -12.63 -12.09
CA ARG B 107 -10.08 -13.64 -13.09
C ARG B 107 -9.04 -13.60 -14.21
N LYS B 108 -7.78 -13.56 -13.81
CA LYS B 108 -6.67 -13.53 -14.76
C LYS B 108 -5.41 -14.05 -14.08
N ALA B 109 -4.96 -15.22 -14.51
CA ALA B 109 -3.76 -15.83 -13.94
C ALA B 109 -2.55 -14.93 -14.14
N ASN B 110 -1.95 -14.49 -13.06
CA ASN B 110 -0.79 -13.62 -13.10
C ASN B 110 -0.03 -13.68 -11.78
N TYR A 1 -3.54 15.55 -4.12
CA TYR A 1 -4.75 15.82 -4.93
C TYR A 1 -5.99 15.86 -4.03
N VAL A 2 -7.13 16.17 -4.61
CA VAL A 2 -8.38 16.21 -3.85
C VAL A 2 -9.11 14.89 -3.99
N GLY A 3 -8.97 14.06 -2.95
CA GLY A 3 -9.60 12.76 -2.92
C GLY A 3 -9.06 11.98 -1.74
N GLU A 4 -7.76 12.04 -1.60
CA GLU A 4 -7.06 11.42 -0.48
C GLU A 4 -6.42 12.53 0.31
N ASP A 5 -5.91 12.22 1.48
CA ASP A 5 -5.29 13.24 2.31
C ASP A 5 -3.99 12.74 2.92
N ASP A 6 -3.28 11.87 2.21
CA ASP A 6 -2.01 11.37 2.74
C ASP A 6 -1.03 12.52 2.96
N GLU A 7 -0.99 13.44 2.01
CA GLU A 7 -0.13 14.64 2.03
C GLU A 7 -0.07 15.24 0.63
N GLU A 8 0.81 14.71 -0.20
CA GLU A 8 0.94 15.15 -1.58
C GLU A 8 0.83 13.92 -2.46
N ASP A 9 -0.26 13.80 -3.17
CA ASP A 9 -0.53 12.64 -4.00
C ASP A 9 -1.11 13.04 -5.34
N ASP A 10 -0.25 13.33 -6.29
CA ASP A 10 -0.72 13.76 -7.60
C ASP A 10 0.07 13.14 -8.74
N ASP A 11 1.39 13.21 -8.69
CA ASP A 11 2.24 12.63 -9.74
C ASP A 11 2.26 11.12 -9.63
N PHE A 12 1.31 10.60 -8.85
CA PHE A 12 1.14 9.20 -8.63
C PHE A 12 0.93 8.48 -9.96
N ASN A 13 1.71 7.45 -10.20
CA ASN A 13 1.64 6.71 -11.45
C ASN A 13 0.84 5.44 -11.27
N GLU A 14 -0.10 5.22 -12.17
CA GLU A 14 -0.96 4.05 -12.11
C GLU A 14 -1.12 3.39 -13.47
N ASN A 15 -0.97 2.08 -13.50
CA ASN A 15 -1.12 1.29 -14.72
C ASN A 15 -0.78 -0.16 -14.43
N ASP A 16 -1.31 -0.65 -13.33
CA ASP A 16 -1.08 -2.03 -12.94
C ASP A 16 -1.99 -2.90 -13.78
N GLU A 17 -3.18 -2.37 -14.06
CA GLU A 17 -4.19 -3.05 -14.84
C GLU A 17 -5.40 -2.15 -15.01
N ASP A 18 -6.46 -2.74 -15.52
CA ASP A 18 -7.74 -2.08 -15.69
C ASP A 18 -8.74 -3.12 -16.20
N ASP A 19 -8.88 -4.16 -15.40
CA ASP A 19 -9.79 -5.24 -15.71
C ASP A 19 -10.98 -5.18 -14.76
N MET B 3 -1.20 -17.82 2.70
CA MET B 3 -1.91 -18.59 1.66
C MET B 3 -1.00 -19.67 1.06
N ALA B 4 0.29 -19.64 1.40
CA ALA B 4 1.23 -20.63 0.88
C ALA B 4 1.15 -21.91 1.68
N THR B 5 1.24 -21.79 2.99
CA THR B 5 1.16 -22.94 3.88
C THR B 5 0.15 -22.69 4.99
N SER B 6 0.00 -21.43 5.37
CA SER B 6 -0.93 -21.04 6.41
C SER B 6 -1.41 -19.61 6.19
N SER B 7 -1.80 -18.93 7.25
CA SER B 7 -2.28 -17.56 7.15
C SER B 7 -1.33 -16.64 7.92
N GLU B 8 -1.53 -15.33 7.74
CA GLU B 8 -0.73 -14.30 8.40
C GLU B 8 0.72 -14.35 7.92
N GLU B 9 0.89 -14.86 6.71
CA GLU B 9 2.21 -14.97 6.12
C GLU B 9 2.71 -13.59 5.69
N VAL B 10 3.59 -13.00 6.48
CA VAL B 10 4.15 -11.70 6.15
C VAL B 10 5.30 -11.88 5.19
N LEU B 11 5.08 -11.53 3.95
CA LEU B 11 6.11 -11.65 2.93
C LEU B 11 6.98 -10.40 2.86
N LEU B 12 6.41 -9.26 3.20
CA LEU B 12 7.15 -8.00 3.16
C LEU B 12 6.92 -7.16 4.40
N ILE B 13 8.00 -6.58 4.92
CA ILE B 13 7.92 -5.70 6.07
C ILE B 13 8.49 -4.34 5.70
N VAL B 14 7.67 -3.33 5.81
CA VAL B 14 8.05 -1.97 5.49
C VAL B 14 8.12 -1.14 6.75
N LYS B 15 8.98 -0.16 6.76
CA LYS B 15 9.16 0.68 7.94
C LYS B 15 8.76 2.11 7.66
N LYS B 16 8.81 2.91 8.73
CA LYS B 16 8.46 4.34 8.72
C LYS B 16 7.61 4.74 7.51
N VAL B 17 6.37 4.28 7.52
CA VAL B 17 5.42 4.57 6.48
C VAL B 17 4.29 5.41 7.05
N ARG B 18 4.09 6.58 6.49
CA ARG B 18 3.04 7.47 6.95
C ARG B 18 1.76 7.25 6.16
N GLN B 19 0.70 6.90 6.85
CA GLN B 19 -0.58 6.69 6.21
C GLN B 19 -1.53 7.77 6.68
N LYS B 20 -1.76 8.76 5.82
CA LYS B 20 -2.64 9.88 6.13
C LYS B 20 -2.10 10.70 7.30
N LYS B 21 -0.87 11.18 7.14
CA LYS B 21 -0.20 12.03 8.14
C LYS B 21 0.14 11.26 9.43
N GLN B 22 0.22 9.94 9.36
CA GLN B 22 0.55 9.15 10.55
C GLN B 22 1.61 8.09 10.26
N ASP B 23 2.71 8.14 11.00
CA ASP B 23 3.83 7.20 10.84
C ASP B 23 3.46 5.80 11.31
N GLY B 24 4.13 4.79 10.74
CA GLY B 24 3.89 3.41 11.11
C GLY B 24 4.72 2.43 10.31
N ALA B 25 4.42 1.15 10.44
CA ALA B 25 5.14 0.09 9.72
C ALA B 25 4.15 -0.72 8.90
N LEU B 26 4.46 -0.94 7.64
CA LEU B 26 3.59 -1.68 6.74
C LEU B 26 4.03 -3.14 6.65
N TYR B 27 3.06 -4.05 6.63
CA TYR B 27 3.35 -5.48 6.55
C TYR B 27 2.46 -6.12 5.48
N LEU B 28 3.06 -6.75 4.49
CA LEU B 28 2.28 -7.37 3.43
C LEU B 28 2.17 -8.88 3.62
N MET B 29 0.94 -9.36 3.82
CA MET B 29 0.70 -10.78 3.98
C MET B 29 0.33 -11.38 2.64
N ALA B 30 0.43 -12.69 2.54
CA ALA B 30 0.14 -13.42 1.31
C ALA B 30 -1.30 -13.25 0.84
N GLU B 31 -2.16 -12.66 1.66
CA GLU B 31 -3.57 -12.48 1.29
C GLU B 31 -4.02 -11.03 1.46
N ARG B 32 -3.26 -10.22 2.20
CA ARG B 32 -3.69 -8.86 2.44
C ARG B 32 -2.53 -7.95 2.83
N ILE B 33 -2.76 -6.65 2.67
CA ILE B 33 -1.78 -5.65 3.02
C ILE B 33 -2.23 -4.98 4.31
N ALA B 34 -1.41 -5.10 5.34
CA ALA B 34 -1.72 -4.52 6.63
C ALA B 34 -0.66 -3.50 7.02
N TRP B 35 -1.04 -2.54 7.84
CA TRP B 35 -0.12 -1.52 8.28
C TRP B 35 -0.46 -1.09 9.70
N ALA B 36 0.55 -1.09 10.56
CA ALA B 36 0.37 -0.71 11.95
C ALA B 36 1.03 0.62 12.23
N PRO B 37 0.26 1.61 12.69
CA PRO B 37 0.79 2.94 13.00
C PRO B 37 1.71 2.92 14.21
N GLU B 38 2.80 3.67 14.13
CA GLU B 38 3.77 3.74 15.20
C GLU B 38 3.12 4.21 16.49
N GLY B 39 3.40 3.49 17.57
CA GLY B 39 2.83 3.83 18.86
C GLY B 39 1.60 3.01 19.18
N LYS B 40 1.14 2.24 18.19
CA LYS B 40 -0.03 1.39 18.38
C LYS B 40 0.35 -0.08 18.33
N ASP B 41 -0.44 -0.90 19.01
CA ASP B 41 -0.19 -2.34 19.08
C ASP B 41 -1.04 -3.09 18.05
N ARG B 42 -1.95 -2.39 17.40
CA ARG B 42 -2.84 -3.01 16.43
C ARG B 42 -2.75 -2.34 15.07
N PHE B 43 -3.02 -3.11 14.03
CA PHE B 43 -3.00 -2.62 12.66
C PHE B 43 -4.29 -1.89 12.34
N THR B 44 -4.19 -0.63 11.96
CA THR B 44 -5.37 0.14 11.61
C THR B 44 -5.66 0.04 10.12
N ILE B 45 -4.71 -0.55 9.40
CA ILE B 45 -4.85 -0.74 7.97
C ILE B 45 -4.85 -2.23 7.64
N SER B 46 -5.93 -2.68 7.03
CA SER B 46 -6.06 -4.07 6.64
C SER B 46 -6.90 -4.15 5.37
N HIS B 47 -6.24 -4.33 4.24
CA HIS B 47 -6.94 -4.43 2.97
C HIS B 47 -6.54 -5.70 2.24
N MET B 48 -7.50 -6.43 1.74
CA MET B 48 -7.20 -7.66 1.02
C MET B 48 -6.93 -7.33 -0.44
N TYR B 49 -6.00 -8.04 -1.04
CA TYR B 49 -5.65 -7.84 -2.45
C TYR B 49 -6.87 -8.09 -3.33
N ALA B 50 -7.81 -8.85 -2.79
CA ALA B 50 -9.05 -9.19 -3.50
C ALA B 50 -10.01 -8.01 -3.55
N ASP B 51 -9.64 -6.91 -2.90
CA ASP B 51 -10.45 -5.70 -2.87
C ASP B 51 -9.71 -4.54 -3.50
N ILE B 52 -8.43 -4.76 -3.78
CA ILE B 52 -7.60 -3.75 -4.41
C ILE B 52 -7.67 -3.97 -5.91
N LYS B 53 -7.99 -2.94 -6.68
CA LYS B 53 -8.07 -3.11 -8.13
C LYS B 53 -6.70 -2.88 -8.75
N CYS B 54 -6.09 -1.78 -8.37
CA CYS B 54 -4.79 -1.40 -8.87
C CYS B 54 -4.05 -0.61 -7.82
N GLN B 55 -2.88 -0.13 -8.15
CA GLN B 55 -2.10 0.63 -7.19
C GLN B 55 -1.31 1.73 -7.88
N LYS B 56 -1.12 2.86 -7.20
CA LYS B 56 -0.34 3.95 -7.76
C LYS B 56 0.98 4.04 -7.01
N ILE B 57 2.03 4.41 -7.70
CA ILE B 57 3.31 4.60 -7.03
C ILE B 57 3.78 6.02 -7.35
N SER B 58 4.14 6.78 -6.33
CA SER B 58 4.57 8.14 -6.55
C SER B 58 6.08 8.16 -6.74
N PRO B 59 6.48 8.62 -7.93
CA PRO B 59 7.87 8.70 -8.38
C PRO B 59 8.68 9.79 -7.68
N GLU B 60 9.97 9.78 -7.97
CA GLU B 60 10.91 10.74 -7.44
C GLU B 60 10.51 12.16 -7.89
N GLY B 61 10.99 13.14 -7.18
CA GLY B 61 10.65 14.52 -7.48
C GLY B 61 9.84 15.11 -6.36
N LYS B 62 9.12 14.23 -5.68
CA LYS B 62 8.34 14.62 -4.51
C LYS B 62 9.23 14.52 -3.30
N ALA B 63 8.81 15.11 -2.21
CA ALA B 63 9.59 15.08 -1.00
C ALA B 63 9.38 13.77 -0.28
N LYS B 64 8.35 13.07 -0.69
CA LYS B 64 8.03 11.80 -0.10
C LYS B 64 7.74 10.74 -1.16
N ILE B 65 8.38 9.59 -1.03
CA ILE B 65 8.14 8.49 -1.95
C ILE B 65 6.84 7.84 -1.52
N GLN B 66 5.91 7.62 -2.43
CA GLN B 66 4.61 7.08 -2.01
C GLN B 66 4.07 5.97 -2.88
N LEU B 67 3.10 5.30 -2.30
CA LEU B 67 2.38 4.23 -2.95
C LEU B 67 0.91 4.41 -2.57
N GLN B 68 -0.02 3.95 -3.37
CA GLN B 68 -1.43 4.07 -3.01
C GLN B 68 -2.22 2.88 -3.53
N LEU B 69 -3.15 2.41 -2.72
CA LEU B 69 -3.98 1.29 -3.07
C LEU B 69 -5.27 1.77 -3.69
N VAL B 70 -5.44 1.52 -4.97
CA VAL B 70 -6.66 1.92 -5.65
C VAL B 70 -7.60 0.72 -5.67
N LEU B 71 -8.58 0.76 -4.80
CA LEU B 71 -9.53 -0.34 -4.66
C LEU B 71 -10.63 -0.26 -5.68
N HIS B 72 -11.20 -1.42 -6.02
CA HIS B 72 -12.30 -1.45 -6.95
C HIS B 72 -13.59 -1.13 -6.21
N ALA B 73 -13.42 -0.76 -4.95
CA ALA B 73 -14.51 -0.38 -4.08
C ALA B 73 -14.92 1.05 -4.40
N GLY B 74 -14.00 1.79 -5.00
CA GLY B 74 -14.25 3.17 -5.37
C GLY B 74 -13.40 4.13 -4.57
N ASP B 75 -12.50 3.60 -3.75
CA ASP B 75 -11.65 4.43 -2.91
C ASP B 75 -10.17 4.09 -3.10
N THR B 76 -9.32 4.86 -2.44
CA THR B 76 -7.88 4.68 -2.52
C THR B 76 -7.23 4.79 -1.14
N THR B 77 -6.16 4.04 -0.93
CA THR B 77 -5.43 4.05 0.33
C THR B 77 -3.96 4.42 0.08
N ASN B 78 -3.59 5.66 0.37
CA ASN B 78 -2.21 6.11 0.15
C ASN B 78 -1.27 5.70 1.27
N PHE B 79 -0.01 5.51 0.90
CA PHE B 79 1.05 5.13 1.82
C PHE B 79 2.32 5.93 1.55
N HIS B 80 2.73 6.71 2.54
CA HIS B 80 3.92 7.54 2.45
C HIS B 80 5.16 6.80 2.96
N PHE B 81 6.08 6.50 2.07
CA PHE B 81 7.32 5.82 2.45
C PHE B 81 8.30 6.86 2.96
N SER B 82 8.32 7.08 4.27
CA SER B 82 9.19 8.09 4.87
C SER B 82 10.51 7.50 5.39
N ASN B 83 10.74 6.21 5.18
CA ASN B 83 11.98 5.60 5.64
C ASN B 83 13.06 5.80 4.58
N GLU B 84 13.79 6.90 4.73
CA GLU B 84 14.87 7.30 3.81
C GLU B 84 15.76 6.13 3.37
N SER B 85 16.09 5.26 4.31
CA SER B 85 16.95 4.11 4.05
C SER B 85 16.51 3.29 2.84
N THR B 86 15.30 2.77 2.88
CA THR B 86 14.86 1.92 1.78
C THR B 86 13.50 2.31 1.17
N ALA B 87 12.95 3.46 1.56
CA ALA B 87 11.63 3.92 1.07
C ALA B 87 11.40 3.69 -0.42
N VAL B 88 12.33 4.15 -1.25
CA VAL B 88 12.21 3.99 -2.69
C VAL B 88 12.09 2.51 -3.08
N LYS B 89 12.99 1.69 -2.53
CA LYS B 89 12.99 0.25 -2.81
C LYS B 89 11.78 -0.40 -2.14
N GLU B 90 11.38 0.15 -1.01
CA GLU B 90 10.22 -0.33 -0.28
C GLU B 90 8.97 -0.08 -1.12
N ARG B 91 8.88 1.11 -1.72
CA ARG B 91 7.76 1.46 -2.60
C ARG B 91 7.71 0.44 -3.71
N ASP B 92 8.86 0.19 -4.27
CA ASP B 92 9.03 -0.75 -5.36
C ASP B 92 8.69 -2.18 -4.94
N ALA B 93 9.16 -2.61 -3.78
CA ALA B 93 8.87 -3.97 -3.30
C ALA B 93 7.38 -4.16 -2.99
N VAL B 94 6.77 -3.17 -2.33
CA VAL B 94 5.34 -3.25 -2.03
C VAL B 94 4.59 -3.33 -3.36
N LYS B 95 5.02 -2.48 -4.29
CA LYS B 95 4.46 -2.43 -5.64
C LYS B 95 4.62 -3.79 -6.32
N ASP B 96 5.85 -4.26 -6.34
CA ASP B 96 6.22 -5.54 -6.95
C ASP B 96 5.36 -6.68 -6.43
N LEU B 97 5.33 -6.83 -5.12
CA LEU B 97 4.56 -7.88 -4.48
C LEU B 97 3.07 -7.69 -4.71
N LEU B 98 2.63 -6.44 -4.84
CA LEU B 98 1.22 -6.16 -5.07
C LEU B 98 0.85 -6.44 -6.51
N GLN B 99 1.70 -6.07 -7.45
CA GLN B 99 1.44 -6.34 -8.87
C GLN B 99 1.35 -7.85 -9.07
N GLN B 100 2.00 -8.53 -8.16
CA GLN B 100 2.06 -9.98 -8.13
C GLN B 100 0.84 -10.58 -7.44
N LEU B 101 0.52 -10.00 -6.30
CA LEU B 101 -0.56 -10.45 -5.43
C LEU B 101 -1.96 -9.89 -5.74
N LEU B 102 -2.05 -8.71 -6.32
CA LEU B 102 -3.35 -8.10 -6.58
C LEU B 102 -4.19 -8.83 -7.64
N PRO B 103 -3.70 -8.99 -8.89
CA PRO B 103 -4.47 -9.65 -9.95
C PRO B 103 -4.79 -11.10 -9.63
N LYS B 104 -4.01 -11.69 -8.73
CA LYS B 104 -4.23 -13.09 -8.35
C LYS B 104 -5.23 -13.20 -7.19
N PHE B 105 -5.78 -12.07 -6.75
CA PHE B 105 -6.75 -12.10 -5.65
C PHE B 105 -8.05 -11.37 -5.98
N LYS B 106 -7.95 -10.28 -6.78
CA LYS B 106 -9.11 -9.45 -7.15
C LYS B 106 -10.42 -10.26 -7.24
N ARG B 107 -11.34 -9.93 -6.33
CA ARG B 107 -12.62 -10.63 -6.24
C ARG B 107 -13.54 -10.30 -7.41
N LYS B 108 -13.42 -9.10 -7.97
CA LYS B 108 -14.27 -8.71 -9.08
C LYS B 108 -13.52 -7.80 -10.04
N ALA B 109 -14.00 -7.74 -11.27
CA ALA B 109 -13.41 -6.91 -12.29
C ALA B 109 -14.06 -5.54 -12.30
N ASN B 110 -13.29 -4.53 -12.69
CA ASN B 110 -13.76 -3.14 -12.74
C ASN B 110 -14.40 -2.72 -11.43
N TYR A 1 -3.43 17.67 0.17
CA TYR A 1 -4.08 18.61 -0.76
C TYR A 1 -5.57 18.31 -0.83
N VAL A 2 -6.24 18.77 -1.90
CA VAL A 2 -7.65 18.51 -2.07
C VAL A 2 -7.88 17.02 -2.31
N GLY A 3 -8.75 16.41 -1.53
CA GLY A 3 -9.01 14.99 -1.67
C GLY A 3 -8.16 14.20 -0.70
N GLU A 4 -6.90 14.01 -1.06
CA GLU A 4 -5.98 13.27 -0.20
C GLU A 4 -5.25 14.25 0.71
N ASP A 5 -5.37 14.03 2.01
CA ASP A 5 -4.74 14.89 3.01
C ASP A 5 -3.33 14.47 3.36
N ASP A 6 -2.82 13.39 2.77
CA ASP A 6 -1.46 12.91 3.07
C ASP A 6 -0.39 13.85 2.50
N GLU A 7 -0.81 15.07 2.15
CA GLU A 7 0.03 16.15 1.62
C GLU A 7 -0.04 16.24 0.09
N GLU A 8 0.87 15.56 -0.59
CA GLU A 8 0.94 15.60 -2.06
C GLU A 8 0.86 14.21 -2.64
N ASP A 9 -0.18 13.94 -3.43
CA ASP A 9 -0.37 12.62 -4.03
C ASP A 9 -1.12 12.74 -5.36
N ASP A 10 -0.38 13.04 -6.42
CA ASP A 10 -1.00 13.21 -7.75
C ASP A 10 -0.17 12.59 -8.88
N ASP A 11 1.15 12.77 -8.84
CA ASP A 11 2.04 12.22 -9.87
C ASP A 11 2.15 10.70 -9.74
N PHE A 12 1.23 10.15 -8.99
CA PHE A 12 1.15 8.75 -8.74
C PHE A 12 1.06 7.97 -10.05
N ASN A 13 1.86 6.94 -10.16
CA ASN A 13 1.88 6.13 -11.37
C ASN A 13 1.41 4.71 -11.11
N GLU A 14 0.45 4.26 -11.90
CA GLU A 14 -0.08 2.91 -11.79
C GLU A 14 -0.24 2.34 -13.18
N ASN A 15 -0.05 1.03 -13.33
CA ASN A 15 -0.18 0.40 -14.65
C ASN A 15 -0.98 -0.88 -14.57
N ASP A 16 -2.21 -0.77 -14.11
CA ASP A 16 -3.12 -1.89 -14.02
C ASP A 16 -4.25 -1.70 -15.02
N GLU A 17 -4.49 -0.42 -15.34
CA GLU A 17 -5.55 -0.02 -16.26
C GLU A 17 -6.90 -0.42 -15.70
N ASP A 18 -7.41 -1.53 -16.20
CA ASP A 18 -8.69 -2.03 -15.75
C ASP A 18 -8.68 -3.54 -15.76
N ASP A 19 -8.05 -4.14 -14.77
CA ASP A 19 -7.97 -5.57 -14.67
C ASP A 19 -8.75 -6.07 -13.46
N MET B 3 5.95 -18.56 2.05
CA MET B 3 5.28 -17.94 0.89
C MET B 3 3.96 -18.62 0.61
N ALA B 4 2.86 -17.93 0.94
CA ALA B 4 1.51 -18.44 0.76
C ALA B 4 1.26 -19.62 1.68
N THR B 5 1.93 -19.61 2.82
CA THR B 5 1.79 -20.67 3.80
C THR B 5 0.51 -20.51 4.61
N SER B 6 -0.59 -20.95 4.02
CA SER B 6 -1.92 -20.88 4.64
C SER B 6 -2.42 -19.43 4.72
N SER B 7 -2.17 -18.78 5.86
CA SER B 7 -2.62 -17.41 6.07
C SER B 7 -1.81 -16.75 7.19
N GLU B 8 -1.94 -15.43 7.29
CA GLU B 8 -1.26 -14.64 8.33
C GLU B 8 0.25 -14.65 8.14
N GLU B 9 0.68 -14.83 6.90
CA GLU B 9 2.10 -14.86 6.59
C GLU B 9 2.54 -13.55 5.94
N VAL B 10 3.43 -12.84 6.61
CA VAL B 10 3.95 -11.58 6.12
C VAL B 10 5.09 -11.82 5.15
N LEU B 11 4.93 -11.36 3.93
CA LEU B 11 5.95 -11.53 2.91
C LEU B 11 6.86 -10.31 2.86
N LEU B 12 6.31 -9.15 3.17
CA LEU B 12 7.08 -7.92 3.13
C LEU B 12 6.82 -7.04 4.34
N ILE B 13 7.89 -6.51 4.91
CA ILE B 13 7.80 -5.61 6.04
C ILE B 13 8.39 -4.27 5.66
N VAL B 14 7.57 -3.24 5.72
CA VAL B 14 8.00 -1.91 5.36
C VAL B 14 8.11 -1.05 6.62
N LYS B 15 9.03 -0.11 6.60
CA LYS B 15 9.26 0.75 7.75
C LYS B 15 8.78 2.16 7.48
N LYS B 16 8.83 2.97 8.54
CA LYS B 16 8.40 4.38 8.54
C LYS B 16 7.50 4.77 7.38
N VAL B 17 6.29 4.22 7.39
CA VAL B 17 5.30 4.51 6.38
C VAL B 17 4.13 5.17 7.08
N ARG B 18 3.71 6.32 6.60
CA ARG B 18 2.61 7.03 7.21
C ARG B 18 1.31 6.79 6.47
N GLN B 19 0.27 6.51 7.23
CA GLN B 19 -1.05 6.31 6.67
C GLN B 19 -1.91 7.47 7.12
N LYS B 20 -2.22 8.36 6.19
CA LYS B 20 -3.02 9.54 6.47
C LYS B 20 -2.24 10.47 7.40
N LYS B 21 -0.97 10.67 7.05
CA LYS B 21 -0.03 11.53 7.78
C LYS B 21 0.31 10.97 9.18
N GLN B 22 0.18 9.66 9.36
CA GLN B 22 0.51 9.03 10.64
C GLN B 22 1.57 7.95 10.46
N ASP B 23 2.71 8.14 11.11
CA ASP B 23 3.85 7.20 11.03
C ASP B 23 3.49 5.78 11.48
N GLY B 24 4.12 4.79 10.85
CA GLY B 24 3.90 3.40 11.19
C GLY B 24 4.70 2.46 10.30
N ALA B 25 4.41 1.17 10.38
CA ALA B 25 5.10 0.17 9.57
C ALA B 25 4.07 -0.66 8.80
N LEU B 26 4.39 -0.92 7.55
CA LEU B 26 3.50 -1.66 6.66
C LEU B 26 3.92 -3.13 6.59
N TYR B 27 2.95 -4.03 6.62
CA TYR B 27 3.21 -5.46 6.56
C TYR B 27 2.30 -6.12 5.53
N LEU B 28 2.88 -6.69 4.48
CA LEU B 28 2.08 -7.31 3.44
C LEU B 28 2.02 -8.82 3.60
N MET B 29 0.82 -9.35 3.79
CA MET B 29 0.63 -10.78 3.92
C MET B 29 0.26 -11.35 2.56
N ALA B 30 0.41 -12.64 2.41
CA ALA B 30 0.12 -13.33 1.14
C ALA B 30 -1.34 -13.18 0.74
N GLU B 31 -2.21 -12.87 1.69
CA GLU B 31 -3.63 -12.74 1.37
C GLU B 31 -4.12 -11.30 1.49
N ARG B 32 -3.40 -10.47 2.25
CA ARG B 32 -3.87 -9.11 2.47
C ARG B 32 -2.74 -8.15 2.80
N ILE B 33 -3.02 -6.88 2.62
CA ILE B 33 -2.06 -5.84 2.92
C ILE B 33 -2.48 -5.17 4.23
N ALA B 34 -1.57 -5.17 5.19
CA ALA B 34 -1.86 -4.59 6.50
C ALA B 34 -0.80 -3.57 6.88
N TRP B 35 -1.18 -2.64 7.73
CA TRP B 35 -0.27 -1.61 8.19
C TRP B 35 -0.60 -1.22 9.63
N ALA B 36 0.43 -1.12 10.45
CA ALA B 36 0.25 -0.76 11.85
C ALA B 36 0.97 0.55 12.14
N PRO B 37 0.30 1.47 12.85
CA PRO B 37 0.88 2.76 13.18
C PRO B 37 1.87 2.67 14.32
N GLU B 38 2.89 3.50 14.28
CA GLU B 38 3.91 3.51 15.31
C GLU B 38 3.30 3.92 16.65
N GLY B 39 3.57 3.13 17.67
CA GLY B 39 3.05 3.41 18.99
C GLY B 39 1.78 2.64 19.29
N LYS B 40 1.33 1.84 18.33
CA LYS B 40 0.10 1.06 18.50
C LYS B 40 0.43 -0.43 18.53
N ASP B 41 -0.44 -1.19 19.18
CA ASP B 41 -0.27 -2.63 19.31
C ASP B 41 -1.15 -3.39 18.33
N ARG B 42 -1.83 -2.67 17.46
CA ARG B 42 -2.73 -3.29 16.50
C ARG B 42 -2.65 -2.62 15.14
N PHE B 43 -3.04 -3.38 14.11
CA PHE B 43 -3.04 -2.89 12.74
C PHE B 43 -4.33 -2.15 12.46
N THR B 44 -4.24 -0.91 11.99
CA THR B 44 -5.41 -0.13 11.68
C THR B 44 -5.79 -0.29 10.21
N ILE B 45 -4.83 -0.74 9.43
CA ILE B 45 -5.03 -0.95 8.01
C ILE B 45 -5.03 -2.43 7.68
N SER B 46 -6.14 -2.92 7.16
CA SER B 46 -6.27 -4.32 6.79
C SER B 46 -7.20 -4.44 5.60
N HIS B 47 -6.62 -4.61 4.42
CA HIS B 47 -7.39 -4.74 3.20
C HIS B 47 -7.00 -6.00 2.46
N MET B 48 -7.97 -6.71 1.92
CA MET B 48 -7.69 -7.92 1.19
C MET B 48 -7.33 -7.58 -0.24
N TYR B 49 -6.41 -8.33 -0.82
CA TYR B 49 -5.98 -8.09 -2.20
C TYR B 49 -7.16 -8.27 -3.16
N ALA B 50 -8.18 -8.98 -2.70
CA ALA B 50 -9.37 -9.23 -3.50
C ALA B 50 -10.25 -7.99 -3.60
N ASP B 51 -9.95 -6.98 -2.77
CA ASP B 51 -10.70 -5.73 -2.77
C ASP B 51 -9.84 -4.62 -3.38
N ILE B 52 -8.57 -4.91 -3.57
CA ILE B 52 -7.67 -3.93 -4.16
C ILE B 52 -7.66 -4.14 -5.67
N LYS B 53 -7.82 -3.08 -6.43
CA LYS B 53 -7.83 -3.20 -7.87
C LYS B 53 -6.42 -3.10 -8.41
N CYS B 54 -5.69 -2.15 -7.87
CA CYS B 54 -4.33 -1.91 -8.28
C CYS B 54 -3.63 -1.04 -7.25
N GLN B 55 -2.39 -0.68 -7.51
CA GLN B 55 -1.67 0.16 -6.60
C GLN B 55 -0.88 1.21 -7.38
N LYS B 56 -0.81 2.42 -6.84
CA LYS B 56 -0.06 3.47 -7.50
C LYS B 56 1.23 3.71 -6.74
N ILE B 57 2.25 4.14 -7.44
CA ILE B 57 3.51 4.46 -6.81
C ILE B 57 3.89 5.88 -7.20
N SER B 58 4.22 6.71 -6.25
CA SER B 58 4.59 8.06 -6.54
C SER B 58 6.09 8.15 -6.68
N PRO B 59 6.51 8.61 -7.88
CA PRO B 59 7.91 8.75 -8.28
C PRO B 59 8.69 9.83 -7.53
N GLU B 60 9.98 9.84 -7.80
CA GLU B 60 10.90 10.79 -7.21
C GLU B 60 10.54 12.21 -7.65
N GLY B 61 11.01 13.18 -6.89
CA GLY B 61 10.71 14.57 -7.18
C GLY B 61 9.86 15.15 -6.07
N LYS B 62 9.08 14.28 -5.45
CA LYS B 62 8.25 14.67 -4.33
C LYS B 62 9.07 14.50 -3.06
N ALA B 63 8.71 15.24 -2.03
CA ALA B 63 9.42 15.18 -0.76
C ALA B 63 9.17 13.85 -0.09
N LYS B 64 8.14 13.16 -0.51
CA LYS B 64 7.81 11.89 0.07
C LYS B 64 7.54 10.86 -1.01
N ILE B 65 8.12 9.68 -0.86
CA ILE B 65 7.89 8.60 -1.79
C ILE B 65 6.54 8.01 -1.43
N GLN B 66 5.67 7.74 -2.40
CA GLN B 66 4.34 7.25 -2.01
C GLN B 66 3.85 6.07 -2.79
N LEU B 67 2.85 5.43 -2.21
CA LEU B 67 2.17 4.32 -2.80
C LEU B 67 0.70 4.45 -2.46
N GLN B 68 -0.19 3.92 -3.27
CA GLN B 68 -1.61 4.01 -2.94
C GLN B 68 -2.34 2.76 -3.39
N LEU B 69 -3.30 2.34 -2.57
CA LEU B 69 -4.09 1.17 -2.85
C LEU B 69 -5.36 1.56 -3.56
N VAL B 70 -5.38 1.40 -4.86
CA VAL B 70 -6.55 1.74 -5.65
C VAL B 70 -7.50 0.56 -5.67
N LEU B 71 -8.63 0.71 -5.02
CA LEU B 71 -9.60 -0.36 -4.93
C LEU B 71 -10.65 -0.26 -6.03
N HIS B 72 -11.27 -1.39 -6.34
CA HIS B 72 -12.32 -1.42 -7.35
C HIS B 72 -13.62 -0.93 -6.72
N ALA B 73 -13.53 -0.63 -5.44
CA ALA B 73 -14.65 -0.15 -4.66
C ALA B 73 -14.83 1.36 -4.87
N GLY B 74 -13.92 1.95 -5.63
CA GLY B 74 -13.98 3.38 -5.89
C GLY B 74 -13.26 4.17 -4.83
N ASP B 75 -12.38 3.49 -4.10
CA ASP B 75 -11.61 4.11 -3.03
C ASP B 75 -10.12 3.88 -3.23
N THR B 76 -9.30 4.71 -2.61
CA THR B 76 -7.86 4.61 -2.72
C THR B 76 -7.20 4.84 -1.35
N THR B 77 -6.30 3.95 -0.97
CA THR B 77 -5.60 4.05 0.31
C THR B 77 -4.15 4.47 0.08
N ASN B 78 -3.83 5.73 0.34
CA ASN B 78 -2.47 6.22 0.11
C ASN B 78 -1.54 5.90 1.27
N PHE B 79 -0.29 5.61 0.94
CA PHE B 79 0.73 5.28 1.91
C PHE B 79 1.96 6.17 1.71
N HIS B 80 2.36 6.81 2.78
CA HIS B 80 3.49 7.73 2.80
C HIS B 80 4.79 7.00 3.17
N PHE B 81 5.61 6.69 2.17
CA PHE B 81 6.88 6.03 2.41
C PHE B 81 7.91 7.05 2.89
N SER B 82 8.13 7.11 4.20
CA SER B 82 9.06 8.09 4.76
C SER B 82 10.34 7.46 5.29
N ASN B 83 10.56 6.18 5.02
CA ASN B 83 11.77 5.52 5.49
C ASN B 83 12.92 5.80 4.52
N GLU B 84 13.65 6.87 4.82
CA GLU B 84 14.78 7.34 4.00
C GLU B 84 15.66 6.21 3.48
N SER B 85 15.94 5.24 4.33
CA SER B 85 16.80 4.12 3.98
C SER B 85 16.32 3.32 2.76
N THR B 86 15.12 2.77 2.83
CA THR B 86 14.66 1.94 1.73
C THR B 86 13.29 2.30 1.16
N ALA B 87 12.68 3.41 1.58
CA ALA B 87 11.34 3.82 1.12
C ALA B 87 11.14 3.67 -0.38
N VAL B 88 12.09 4.14 -1.17
CA VAL B 88 12.00 4.05 -2.63
C VAL B 88 11.90 2.58 -3.08
N LYS B 89 12.81 1.75 -2.61
CA LYS B 89 12.84 0.33 -2.95
C LYS B 89 11.65 -0.38 -2.31
N GLU B 90 11.27 0.08 -1.13
CA GLU B 90 10.13 -0.46 -0.41
C GLU B 90 8.87 -0.18 -1.21
N ARG B 91 8.76 1.05 -1.71
CA ARG B 91 7.63 1.45 -2.55
C ARG B 91 7.53 0.49 -3.71
N ASP B 92 8.68 0.26 -4.31
CA ASP B 92 8.81 -0.64 -5.45
C ASP B 92 8.44 -2.07 -5.09
N ALA B 93 8.93 -2.57 -3.97
CA ALA B 93 8.63 -3.94 -3.55
C ALA B 93 7.15 -4.10 -3.18
N VAL B 94 6.58 -3.12 -2.47
CA VAL B 94 5.16 -3.18 -2.11
C VAL B 94 4.36 -3.18 -3.41
N LYS B 95 4.82 -2.36 -4.34
CA LYS B 95 4.22 -2.25 -5.67
C LYS B 95 4.29 -3.59 -6.37
N ASP B 96 5.52 -4.08 -6.51
CA ASP B 96 5.80 -5.35 -7.16
C ASP B 96 5.01 -6.49 -6.55
N LEU B 97 5.07 -6.63 -5.24
CA LEU B 97 4.37 -7.70 -4.54
C LEU B 97 2.85 -7.56 -4.74
N LEU B 98 2.32 -6.36 -4.66
CA LEU B 98 0.90 -6.15 -4.88
C LEU B 98 0.56 -6.40 -6.34
N GLN B 99 1.42 -5.93 -7.23
CA GLN B 99 1.24 -6.12 -8.67
C GLN B 99 1.31 -7.60 -8.99
N GLN B 100 1.97 -8.32 -8.10
CA GLN B 100 2.13 -9.76 -8.20
C GLN B 100 0.92 -10.47 -7.62
N LEU B 101 0.58 -10.05 -6.42
CA LEU B 101 -0.48 -10.60 -5.62
C LEU B 101 -1.90 -10.21 -6.06
N LEU B 102 -2.12 -8.92 -6.25
CA LEU B 102 -3.45 -8.40 -6.59
C LEU B 102 -4.14 -9.13 -7.75
N PRO B 103 -3.55 -9.17 -8.96
CA PRO B 103 -4.16 -9.85 -10.12
C PRO B 103 -4.55 -11.31 -9.85
N LYS B 104 -3.92 -11.91 -8.85
CA LYS B 104 -4.19 -13.29 -8.50
C LYS B 104 -5.35 -13.41 -7.51
N PHE B 105 -5.85 -12.28 -7.02
CA PHE B 105 -6.95 -12.29 -6.06
C PHE B 105 -8.15 -11.51 -6.57
N LYS B 106 -7.91 -10.41 -7.29
CA LYS B 106 -9.00 -9.61 -7.81
C LYS B 106 -9.31 -9.97 -9.26
N ARG B 107 -10.58 -9.90 -9.61
CA ARG B 107 -11.02 -10.22 -10.96
C ARG B 107 -12.41 -9.64 -11.21
N LYS B 108 -12.56 -8.89 -12.30
CA LYS B 108 -13.85 -8.31 -12.64
C LYS B 108 -14.59 -9.27 -13.55
N ALA B 109 -15.53 -8.74 -14.33
CA ALA B 109 -16.29 -9.55 -15.27
C ALA B 109 -15.53 -9.67 -16.58
N ASN B 110 -14.24 -9.40 -16.49
CA ASN B 110 -13.32 -9.43 -17.63
C ASN B 110 -11.91 -9.18 -17.12
N TYR A 1 -4.12 18.22 2.30
CA TYR A 1 -4.12 18.11 0.83
C TYR A 1 -5.54 18.23 0.26
N VAL A 2 -6.54 17.82 1.06
CA VAL A 2 -7.95 17.84 0.65
C VAL A 2 -8.24 16.63 -0.23
N GLY A 3 -9.22 15.84 0.19
CA GLY A 3 -9.55 14.64 -0.55
C GLY A 3 -8.63 13.52 -0.12
N GLU A 4 -7.47 13.42 -0.76
CA GLU A 4 -6.48 12.44 -0.38
C GLU A 4 -5.45 13.13 0.48
N ASP A 5 -5.76 13.23 1.77
CA ASP A 5 -4.91 13.94 2.73
C ASP A 5 -3.59 13.26 3.06
N ASP A 6 -2.99 12.50 2.15
CA ASP A 6 -1.68 11.92 2.46
C ASP A 6 -0.67 13.08 2.41
N GLU A 7 -1.19 14.23 1.93
CA GLU A 7 -0.50 15.53 1.85
C GLU A 7 0.05 15.89 0.46
N GLU A 8 0.16 14.92 -0.45
CA GLU A 8 0.70 15.18 -1.80
C GLU A 8 0.66 13.91 -2.62
N ASP A 9 -0.41 13.69 -3.37
CA ASP A 9 -0.54 12.47 -4.14
C ASP A 9 -1.25 12.71 -5.46
N ASP A 10 -0.48 13.02 -6.49
CA ASP A 10 -1.05 13.32 -7.81
C ASP A 10 -0.27 12.72 -8.96
N ASP A 11 1.06 12.91 -8.97
CA ASP A 11 1.92 12.39 -10.05
C ASP A 11 2.09 10.88 -9.94
N PHE A 12 1.17 10.28 -9.22
CA PHE A 12 1.14 8.86 -9.00
C PHE A 12 1.17 8.08 -10.30
N ASN A 13 2.04 7.09 -10.38
CA ASN A 13 2.16 6.28 -11.57
C ASN A 13 1.20 5.11 -11.51
N GLU A 14 0.32 5.03 -12.49
CA GLU A 14 -0.68 3.97 -12.57
C GLU A 14 -0.12 2.81 -13.38
N ASN A 15 -0.68 1.62 -13.18
CA ASN A 15 -0.22 0.47 -13.92
C ASN A 15 -1.18 -0.73 -13.82
N ASP A 16 -1.73 -0.95 -12.64
CA ASP A 16 -2.63 -2.08 -12.44
C ASP A 16 -4.10 -1.73 -12.69
N GLU A 17 -4.38 -0.44 -12.81
CA GLU A 17 -5.75 0.02 -13.04
C GLU A 17 -6.33 -0.58 -14.31
N ASP A 18 -7.37 -1.36 -14.14
CA ASP A 18 -8.04 -2.00 -15.26
C ASP A 18 -9.12 -1.09 -15.83
N ASP A 19 -10.35 -1.27 -15.39
CA ASP A 19 -11.47 -0.46 -15.86
C ASP A 19 -12.01 0.37 -14.70
N MET B 3 -5.14 -16.45 11.61
CA MET B 3 -6.10 -16.60 12.73
C MET B 3 -5.52 -17.44 13.85
N ALA B 4 -5.47 -18.75 13.64
CA ALA B 4 -4.91 -19.66 14.64
C ALA B 4 -3.61 -20.26 14.11
N THR B 5 -3.65 -20.66 12.85
CA THR B 5 -2.50 -21.23 12.19
C THR B 5 -1.98 -20.27 11.12
N SER B 6 -1.07 -20.74 10.29
CA SER B 6 -0.51 -19.92 9.22
C SER B 6 -1.62 -19.39 8.31
N SER B 7 -1.85 -18.09 8.37
CA SER B 7 -2.89 -17.45 7.57
C SER B 7 -2.77 -15.93 7.63
N GLU B 8 -1.52 -15.44 7.67
CA GLU B 8 -1.24 -14.01 7.75
C GLU B 8 0.26 -13.78 7.70
N GLU B 9 0.94 -14.67 7.00
CA GLU B 9 2.38 -14.61 6.87
C GLU B 9 2.79 -13.31 6.18
N VAL B 10 3.62 -12.54 6.86
CA VAL B 10 4.08 -11.28 6.33
C VAL B 10 5.24 -11.53 5.38
N LEU B 11 4.98 -11.34 4.10
CA LEU B 11 5.98 -11.54 3.08
C LEU B 11 6.88 -10.30 2.99
N LEU B 12 6.31 -9.13 3.21
CA LEU B 12 7.07 -7.90 3.12
C LEU B 12 6.84 -7.00 4.33
N ILE B 13 7.92 -6.57 4.94
CA ILE B 13 7.84 -5.65 6.08
C ILE B 13 8.40 -4.30 5.67
N VAL B 14 7.58 -3.29 5.81
CA VAL B 14 7.96 -1.94 5.46
C VAL B 14 8.01 -1.10 6.72
N LYS B 15 8.87 -0.11 6.74
CA LYS B 15 9.02 0.74 7.90
C LYS B 15 8.64 2.17 7.60
N LYS B 16 8.75 2.99 8.64
CA LYS B 16 8.42 4.43 8.62
C LYS B 16 7.52 4.82 7.44
N VAL B 17 6.30 4.33 7.47
CA VAL B 17 5.31 4.60 6.45
C VAL B 17 4.16 5.39 7.04
N ARG B 18 3.89 6.54 6.47
CA ARG B 18 2.82 7.40 6.94
C ARG B 18 1.58 7.18 6.10
N GLN B 19 0.48 6.80 6.73
CA GLN B 19 -0.75 6.60 6.01
C GLN B 19 -1.67 7.77 6.29
N LYS B 20 -1.76 8.68 5.33
CA LYS B 20 -2.60 9.86 5.43
C LYS B 20 -2.34 10.62 6.75
N LYS B 21 -1.09 11.09 6.88
CA LYS B 21 -0.62 11.90 8.02
C LYS B 21 -0.31 11.10 9.31
N GLN B 22 -0.21 9.77 9.24
CA GLN B 22 0.12 8.99 10.46
C GLN B 22 1.25 8.01 10.17
N ASP B 23 2.31 8.07 10.98
CA ASP B 23 3.49 7.21 10.81
C ASP B 23 3.29 5.80 11.37
N GLY B 24 4.01 4.84 10.80
CA GLY B 24 3.92 3.47 11.25
C GLY B 24 4.73 2.50 10.40
N ALA B 25 4.39 1.23 10.45
CA ALA B 25 5.07 0.18 9.70
C ALA B 25 4.07 -0.62 8.89
N LEU B 26 4.41 -0.93 7.65
CA LEU B 26 3.53 -1.66 6.75
C LEU B 26 3.95 -3.13 6.67
N TYR B 27 2.98 -4.04 6.63
CA TYR B 27 3.25 -5.47 6.55
C TYR B 27 2.34 -6.11 5.51
N LEU B 28 2.91 -6.76 4.51
CA LEU B 28 2.12 -7.39 3.47
C LEU B 28 2.02 -8.89 3.66
N MET B 29 0.80 -9.38 3.86
CA MET B 29 0.54 -10.81 4.01
C MET B 29 0.19 -11.40 2.67
N ALA B 30 0.26 -12.71 2.55
CA ALA B 30 -0.01 -13.40 1.30
C ALA B 30 -1.43 -13.15 0.77
N GLU B 31 -2.35 -12.75 1.64
CA GLU B 31 -3.73 -12.52 1.21
C GLU B 31 -4.16 -11.06 1.35
N ARG B 32 -3.40 -10.27 2.09
CA ARG B 32 -3.81 -8.87 2.30
C ARG B 32 -2.64 -7.98 2.71
N ILE B 33 -2.90 -6.69 2.64
CA ILE B 33 -1.92 -5.69 3.02
C ILE B 33 -2.37 -5.01 4.31
N ALA B 34 -1.55 -5.08 5.33
CA ALA B 34 -1.87 -4.47 6.61
C ALA B 34 -0.79 -3.47 7.03
N TRP B 35 -1.18 -2.49 7.81
CA TRP B 35 -0.24 -1.49 8.28
C TRP B 35 -0.65 -1.03 9.68
N ALA B 36 0.33 -0.83 10.54
CA ALA B 36 0.07 -0.40 11.90
C ALA B 36 0.92 0.82 12.24
N PRO B 37 0.35 1.79 12.97
CA PRO B 37 1.06 3.01 13.37
C PRO B 37 2.23 2.69 14.31
N GLU B 38 3.18 3.62 14.37
CA GLU B 38 4.36 3.44 15.20
C GLU B 38 4.00 3.21 16.67
N GLY B 39 4.45 2.08 17.20
CA GLY B 39 4.20 1.74 18.59
C GLY B 39 2.77 1.28 18.84
N LYS B 40 2.15 0.67 17.84
CA LYS B 40 0.79 0.16 18.00
C LYS B 40 0.78 -1.35 17.93
N ASP B 41 -0.13 -1.96 18.68
CA ASP B 41 -0.25 -3.41 18.72
C ASP B 41 -1.28 -3.89 17.70
N ARG B 42 -2.15 -3.00 17.29
CA ARG B 42 -3.20 -3.34 16.33
C ARG B 42 -2.99 -2.64 15.00
N PHE B 43 -3.34 -3.32 13.93
CA PHE B 43 -3.22 -2.78 12.59
C PHE B 43 -4.46 -1.98 12.24
N THR B 44 -4.27 -0.71 11.92
CA THR B 44 -5.40 0.14 11.56
C THR B 44 -5.71 0.02 10.08
N ILE B 45 -4.75 -0.51 9.33
CA ILE B 45 -4.89 -0.71 7.90
C ILE B 45 -4.93 -2.19 7.58
N SER B 46 -6.03 -2.64 6.99
CA SER B 46 -6.18 -4.03 6.61
C SER B 46 -7.04 -4.12 5.36
N HIS B 47 -6.40 -4.32 4.21
CA HIS B 47 -7.12 -4.41 2.95
C HIS B 47 -6.75 -5.69 2.22
N MET B 48 -7.75 -6.42 1.76
CA MET B 48 -7.49 -7.65 1.04
C MET B 48 -7.22 -7.34 -0.41
N TYR B 49 -6.31 -8.08 -1.03
CA TYR B 49 -5.95 -7.88 -2.43
C TYR B 49 -7.19 -8.03 -3.32
N ALA B 50 -8.18 -8.76 -2.82
CA ALA B 50 -9.42 -9.00 -3.55
C ALA B 50 -10.32 -7.77 -3.56
N ASP B 51 -9.97 -6.77 -2.77
CA ASP B 51 -10.74 -5.53 -2.67
C ASP B 51 -9.96 -4.39 -3.30
N ILE B 52 -8.72 -4.67 -3.65
CA ILE B 52 -7.89 -3.66 -4.28
C ILE B 52 -8.11 -3.76 -5.79
N LYS B 53 -8.38 -2.65 -6.44
CA LYS B 53 -8.60 -2.67 -7.88
C LYS B 53 -7.27 -2.55 -8.57
N CYS B 54 -6.41 -1.72 -8.00
CA CYS B 54 -5.09 -1.49 -8.54
C CYS B 54 -4.26 -0.76 -7.51
N GLN B 55 -3.00 -0.49 -7.84
CA GLN B 55 -2.15 0.22 -6.93
C GLN B 55 -1.24 1.17 -7.70
N LYS B 56 -1.10 2.38 -7.19
CA LYS B 56 -0.24 3.38 -7.83
C LYS B 56 1.03 3.55 -7.02
N ILE B 57 2.09 4.00 -7.68
CA ILE B 57 3.33 4.27 -7.00
C ILE B 57 3.77 5.69 -7.38
N SER B 58 4.09 6.51 -6.39
CA SER B 58 4.48 7.87 -6.68
C SER B 58 5.99 7.96 -6.82
N PRO B 59 6.41 8.43 -7.99
CA PRO B 59 7.82 8.57 -8.40
C PRO B 59 8.60 9.63 -7.65
N GLU B 60 9.91 9.66 -7.91
CA GLU B 60 10.81 10.62 -7.32
C GLU B 60 10.46 12.02 -7.81
N GLY B 61 10.92 13.02 -7.08
CA GLY B 61 10.62 14.40 -7.42
C GLY B 61 9.74 15.01 -6.37
N LYS B 62 8.94 14.15 -5.74
CA LYS B 62 8.07 14.56 -4.65
C LYS B 62 8.86 14.53 -3.37
N ALA B 63 8.35 15.20 -2.35
CA ALA B 63 9.03 15.23 -1.07
C ALA B 63 8.84 13.92 -0.35
N LYS B 64 7.86 13.16 -0.80
CA LYS B 64 7.59 11.89 -0.19
C LYS B 64 7.36 10.82 -1.24
N ILE B 65 8.00 9.66 -1.05
CA ILE B 65 7.81 8.54 -1.96
C ILE B 65 6.50 7.87 -1.57
N GLN B 66 5.60 7.62 -2.52
CA GLN B 66 4.30 7.09 -2.13
C GLN B 66 3.82 5.92 -2.94
N LEU B 67 2.84 5.25 -2.36
CA LEU B 67 2.16 4.14 -2.96
C LEU B 67 0.68 4.31 -2.64
N GLN B 68 -0.22 3.81 -3.45
CA GLN B 68 -1.63 3.97 -3.13
C GLN B 68 -2.44 2.76 -3.58
N LEU B 69 -3.32 2.31 -2.70
CA LEU B 69 -4.18 1.17 -2.97
C LEU B 69 -5.50 1.66 -3.51
N VAL B 70 -5.64 1.62 -4.82
CA VAL B 70 -6.87 2.05 -5.45
C VAL B 70 -7.85 0.90 -5.44
N LEU B 71 -8.84 0.99 -4.57
CA LEU B 71 -9.82 -0.07 -4.43
C LEU B 71 -11.01 0.12 -5.35
N HIS B 72 -11.68 -0.98 -5.67
CA HIS B 72 -12.87 -0.92 -6.51
C HIS B 72 -14.06 -0.54 -5.64
N ALA B 73 -13.77 -0.24 -4.38
CA ALA B 73 -14.76 0.16 -3.41
C ALA B 73 -14.99 1.66 -3.49
N GLY B 74 -14.17 2.32 -4.30
CA GLY B 74 -14.29 3.76 -4.45
C GLY B 74 -13.37 4.51 -3.50
N ASP B 75 -12.44 3.79 -2.91
CA ASP B 75 -11.50 4.37 -1.96
C ASP B 75 -10.06 4.08 -2.36
N THR B 76 -9.14 4.92 -1.92
CA THR B 76 -7.74 4.75 -2.20
C THR B 76 -6.95 4.81 -0.90
N THR B 77 -6.06 3.84 -0.70
CA THR B 77 -5.25 3.81 0.50
C THR B 77 -3.81 4.19 0.16
N ASN B 78 -3.47 5.45 0.42
CA ASN B 78 -2.13 5.94 0.12
C ASN B 78 -1.16 5.65 1.26
N PHE B 79 0.09 5.44 0.90
CA PHE B 79 1.14 5.15 1.86
C PHE B 79 2.37 6.01 1.60
N HIS B 80 2.69 6.86 2.55
CA HIS B 80 3.83 7.75 2.47
C HIS B 80 5.07 7.04 3.00
N PHE B 81 5.92 6.61 2.08
CA PHE B 81 7.15 5.94 2.44
C PHE B 81 8.16 6.98 2.93
N SER B 82 8.25 7.15 4.25
CA SER B 82 9.15 8.14 4.82
C SER B 82 10.39 7.52 5.44
N ASN B 83 10.72 6.30 5.05
CA ASN B 83 11.91 5.64 5.57
C ASN B 83 13.10 5.95 4.66
N GLU B 84 13.83 6.99 5.03
CA GLU B 84 15.00 7.48 4.30
C GLU B 84 15.94 6.38 3.79
N SER B 85 16.04 5.29 4.52
CA SER B 85 16.92 4.20 4.16
C SER B 85 16.45 3.42 2.93
N THR B 86 15.25 2.85 2.99
CA THR B 86 14.79 2.03 1.89
C THR B 86 13.42 2.38 1.32
N ALA B 87 12.85 3.52 1.71
CA ALA B 87 11.50 3.95 1.26
C ALA B 87 11.26 3.73 -0.24
N VAL B 88 12.16 4.22 -1.07
CA VAL B 88 12.02 4.07 -2.52
C VAL B 88 11.94 2.59 -2.93
N LYS B 89 12.88 1.79 -2.44
CA LYS B 89 12.91 0.36 -2.73
C LYS B 89 11.73 -0.33 -2.07
N GLU B 90 11.33 0.17 -0.93
CA GLU B 90 10.19 -0.35 -0.19
C GLU B 90 8.93 -0.12 -1.01
N ARG B 91 8.81 1.09 -1.58
CA ARG B 91 7.68 1.43 -2.44
C ARG B 91 7.63 0.43 -3.57
N ASP B 92 8.79 0.22 -4.15
CA ASP B 92 8.97 -0.70 -5.25
C ASP B 92 8.65 -2.13 -4.88
N ALA B 93 9.06 -2.58 -3.70
CA ALA B 93 8.79 -3.94 -3.26
C ALA B 93 7.30 -4.14 -2.98
N VAL B 94 6.65 -3.16 -2.35
CA VAL B 94 5.21 -3.26 -2.09
C VAL B 94 4.52 -3.31 -3.43
N LYS B 95 4.99 -2.46 -4.34
CA LYS B 95 4.50 -2.37 -5.70
C LYS B 95 4.65 -3.72 -6.39
N ASP B 96 5.87 -4.23 -6.34
CA ASP B 96 6.24 -5.49 -6.95
C ASP B 96 5.38 -6.64 -6.43
N LEU B 97 5.33 -6.77 -5.11
CA LEU B 97 4.56 -7.82 -4.48
C LEU B 97 3.07 -7.65 -4.76
N LEU B 98 2.60 -6.41 -4.81
CA LEU B 98 1.18 -6.16 -5.08
C LEU B 98 0.85 -6.48 -6.53
N GLN B 99 1.70 -6.05 -7.47
CA GLN B 99 1.46 -6.34 -8.88
C GLN B 99 1.50 -7.85 -9.11
N GLN B 100 2.15 -8.51 -8.17
CA GLN B 100 2.29 -9.95 -8.18
C GLN B 100 1.09 -10.62 -7.52
N LEU B 101 0.75 -10.10 -6.37
CA LEU B 101 -0.31 -10.60 -5.52
C LEU B 101 -1.72 -10.16 -5.92
N LEU B 102 -1.91 -8.88 -6.21
CA LEU B 102 -3.23 -8.34 -6.53
C LEU B 102 -3.94 -9.10 -7.66
N PRO B 103 -3.36 -9.21 -8.87
CA PRO B 103 -4.00 -9.92 -9.99
C PRO B 103 -4.41 -11.35 -9.67
N LYS B 104 -3.83 -11.93 -8.63
CA LYS B 104 -4.15 -13.30 -8.23
C LYS B 104 -5.38 -13.34 -7.32
N PHE B 105 -5.69 -12.22 -6.69
CA PHE B 105 -6.84 -12.14 -5.79
C PHE B 105 -7.94 -11.25 -6.36
N LYS B 106 -7.59 -10.43 -7.33
CA LYS B 106 -8.53 -9.53 -7.97
C LYS B 106 -9.61 -10.32 -8.69
N ARG B 107 -10.77 -10.43 -8.06
CA ARG B 107 -11.91 -11.15 -8.62
C ARG B 107 -13.15 -10.27 -8.57
N LYS B 108 -14.07 -10.61 -7.66
CA LYS B 108 -15.31 -9.87 -7.44
C LYS B 108 -16.31 -10.04 -8.59
N ALA B 109 -15.90 -9.65 -9.79
CA ALA B 109 -16.76 -9.77 -10.95
C ALA B 109 -16.26 -10.85 -11.90
N ASN B 110 -15.46 -11.74 -11.35
CA ASN B 110 -14.89 -12.85 -12.10
C ASN B 110 -14.21 -13.80 -11.14
N TYR A 1 -5.70 14.11 -2.22
CA TYR A 1 -6.44 14.56 -3.43
C TYR A 1 -7.92 14.19 -3.35
N VAL A 2 -8.54 14.47 -2.19
CA VAL A 2 -9.95 14.16 -1.94
C VAL A 2 -10.11 12.67 -1.63
N GLY A 3 -10.66 12.39 -0.45
CA GLY A 3 -10.82 11.01 -0.02
C GLY A 3 -9.54 10.52 0.62
N GLU A 4 -8.48 10.56 -0.15
CA GLU A 4 -7.17 10.21 0.31
C GLU A 4 -6.31 11.46 0.21
N ASP A 5 -6.08 12.09 1.34
CA ASP A 5 -5.33 13.34 1.38
C ASP A 5 -4.14 13.25 2.32
N ASP A 6 -3.58 12.03 2.42
CA ASP A 6 -2.42 11.77 3.29
C ASP A 6 -1.40 12.91 3.29
N GLU A 7 -1.21 13.58 2.16
CA GLU A 7 -0.29 14.73 2.10
C GLU A 7 -0.17 15.29 0.69
N GLU A 8 0.67 14.68 -0.12
CA GLU A 8 0.93 15.12 -1.48
C GLU A 8 0.83 13.94 -2.41
N ASP A 9 -0.29 13.82 -3.09
CA ASP A 9 -0.53 12.68 -3.96
C ASP A 9 -1.13 13.06 -5.29
N ASP A 10 -0.27 13.34 -6.26
CA ASP A 10 -0.75 13.71 -7.60
C ASP A 10 0.07 13.07 -8.71
N ASP A 11 1.40 13.12 -8.62
CA ASP A 11 2.28 12.54 -9.64
C ASP A 11 2.27 11.02 -9.57
N PHE A 12 1.35 10.51 -8.76
CA PHE A 12 1.17 9.11 -8.56
C PHE A 12 1.07 8.37 -9.89
N ASN A 13 1.98 7.44 -10.10
CA ASN A 13 2.01 6.67 -11.34
C ASN A 13 0.93 5.62 -11.33
N GLU A 14 0.20 5.55 -12.43
CA GLU A 14 -0.90 4.61 -12.59
C GLU A 14 -0.46 3.39 -13.35
N ASN A 15 -1.32 2.39 -13.43
CA ASN A 15 -1.02 1.17 -14.15
C ASN A 15 -2.29 0.38 -14.47
N ASP A 16 -2.82 -0.31 -13.47
CA ASP A 16 -4.02 -1.11 -13.63
C ASP A 16 -5.22 -0.19 -13.85
N GLU A 17 -5.43 0.69 -12.88
CA GLU A 17 -6.52 1.66 -12.92
C GLU A 17 -7.87 1.00 -13.00
N ASP A 18 -8.58 1.23 -14.09
CA ASP A 18 -9.89 0.65 -14.25
C ASP A 18 -9.78 -0.79 -14.77
N ASP A 19 -9.00 -1.58 -14.05
CA ASP A 19 -8.80 -2.98 -14.39
C ASP A 19 -9.86 -3.81 -13.69
N MET B 3 -5.07 -16.98 4.99
CA MET B 3 -5.30 -18.42 5.25
C MET B 3 -6.60 -18.62 6.02
N ALA B 4 -6.64 -18.11 7.24
CA ALA B 4 -7.83 -18.25 8.08
C ALA B 4 -8.13 -16.97 8.85
N THR B 5 -7.10 -16.22 9.20
CA THR B 5 -7.26 -14.99 9.94
C THR B 5 -6.82 -13.78 9.10
N SER B 6 -7.00 -12.59 9.64
CA SER B 6 -6.61 -11.37 8.96
C SER B 6 -5.12 -11.10 9.14
N SER B 7 -4.67 -11.11 10.38
CA SER B 7 -3.27 -10.88 10.69
C SER B 7 -2.54 -12.21 10.86
N GLU B 8 -1.89 -12.66 9.81
CA GLU B 8 -1.16 -13.92 9.83
C GLU B 8 0.29 -13.70 9.43
N GLU B 9 0.75 -14.57 8.55
CA GLU B 9 2.11 -14.53 8.03
C GLU B 9 2.40 -13.18 7.35
N VAL B 10 3.64 -12.76 7.38
CA VAL B 10 4.05 -11.50 6.75
C VAL B 10 5.16 -11.76 5.75
N LEU B 11 4.93 -11.38 4.51
CA LEU B 11 5.91 -11.58 3.46
C LEU B 11 6.82 -10.36 3.33
N LEU B 12 6.28 -9.18 3.65
CA LEU B 12 7.04 -7.96 3.54
C LEU B 12 6.81 -7.00 4.71
N ILE B 13 7.89 -6.50 5.28
CA ILE B 13 7.80 -5.55 6.36
C ILE B 13 8.38 -4.22 5.91
N VAL B 14 7.57 -3.18 5.99
CA VAL B 14 7.97 -1.86 5.59
C VAL B 14 8.01 -0.96 6.79
N LYS B 15 8.87 0.04 6.76
CA LYS B 15 9.03 0.94 7.88
C LYS B 15 8.60 2.35 7.51
N LYS B 16 8.67 3.23 8.51
CA LYS B 16 8.28 4.65 8.42
C LYS B 16 7.38 4.95 7.21
N VAL B 17 6.14 4.51 7.32
CA VAL B 17 5.13 4.71 6.29
C VAL B 17 3.91 5.37 6.89
N ARG B 18 3.44 6.46 6.28
CA ARG B 18 2.28 7.15 6.78
C ARG B 18 1.02 6.77 6.01
N GLN B 19 -0.09 6.72 6.72
CA GLN B 19 -1.37 6.41 6.14
C GLN B 19 -2.39 7.44 6.62
N LYS B 20 -2.71 8.38 5.75
CA LYS B 20 -3.67 9.43 6.06
C LYS B 20 -3.21 10.25 7.27
N LYS B 21 -1.97 10.76 7.18
CA LYS B 21 -1.37 11.60 8.22
C LYS B 21 -0.98 10.81 9.48
N GLN B 22 -0.76 9.51 9.33
CA GLN B 22 -0.38 8.68 10.47
C GLN B 22 0.90 7.91 10.15
N ASP B 23 1.95 8.13 10.92
CA ASP B 23 3.24 7.46 10.70
C ASP B 23 3.28 6.10 11.36
N GLY B 24 3.86 5.11 10.67
CA GLY B 24 3.94 3.77 11.22
C GLY B 24 4.75 2.81 10.37
N ALA B 25 4.40 1.53 10.45
CA ALA B 25 5.08 0.47 9.69
C ALA B 25 4.06 -0.35 8.92
N LEU B 26 4.42 -0.71 7.70
CA LEU B 26 3.55 -1.49 6.82
C LEU B 26 3.97 -2.96 6.80
N TYR B 27 3.01 -3.87 6.69
CA TYR B 27 3.30 -5.29 6.65
C TYR B 27 2.41 -5.98 5.61
N LEU B 28 3.02 -6.48 4.55
CA LEU B 28 2.26 -7.16 3.51
C LEU B 28 2.17 -8.64 3.81
N MET B 29 0.98 -9.20 3.61
CA MET B 29 0.75 -10.60 3.89
C MET B 29 0.28 -11.34 2.63
N ALA B 30 0.30 -12.66 2.71
CA ALA B 30 -0.07 -13.55 1.62
C ALA B 30 -1.34 -13.14 0.87
N GLU B 31 -2.41 -12.85 1.58
CA GLU B 31 -3.66 -12.48 0.90
C GLU B 31 -4.18 -11.12 1.35
N ARG B 32 -3.36 -10.35 2.06
CA ARG B 32 -3.82 -9.05 2.54
C ARG B 32 -2.66 -8.13 2.88
N ILE B 33 -2.93 -6.84 2.85
CA ILE B 33 -1.94 -5.82 3.18
C ILE B 33 -2.34 -5.14 4.48
N ALA B 34 -1.48 -5.18 5.47
CA ALA B 34 -1.76 -4.58 6.75
C ALA B 34 -0.73 -3.50 7.08
N TRP B 35 -1.16 -2.52 7.84
CA TRP B 35 -0.27 -1.45 8.25
C TRP B 35 -0.67 -0.97 9.63
N ALA B 36 0.32 -0.65 10.46
CA ALA B 36 0.07 -0.20 11.80
C ALA B 36 1.02 0.94 12.17
N PRO B 37 0.48 2.05 12.69
CA PRO B 37 1.27 3.22 13.07
C PRO B 37 2.25 2.90 14.21
N GLU B 38 3.18 3.81 14.44
CA GLU B 38 4.17 3.62 15.49
C GLU B 38 3.59 4.00 16.85
N GLY B 39 3.63 3.07 17.79
CA GLY B 39 3.10 3.32 19.12
C GLY B 39 1.96 2.39 19.48
N LYS B 40 1.19 1.98 18.49
CA LYS B 40 0.05 1.08 18.70
C LYS B 40 0.50 -0.35 18.97
N ASP B 41 -0.46 -1.17 19.34
CA ASP B 41 -0.22 -2.58 19.60
C ASP B 41 -0.99 -3.41 18.58
N ARG B 42 -2.04 -2.80 18.04
CA ARG B 42 -2.90 -3.45 17.07
C ARG B 42 -2.85 -2.74 15.72
N PHE B 43 -3.03 -3.48 14.65
CA PHE B 43 -3.02 -2.91 13.31
C PHE B 43 -4.26 -2.06 13.07
N THR B 44 -4.16 -1.11 12.17
CA THR B 44 -5.27 -0.24 11.83
C THR B 44 -5.69 -0.46 10.39
N ILE B 45 -4.69 -0.56 9.52
CA ILE B 45 -4.92 -0.78 8.10
C ILE B 45 -4.92 -2.28 7.81
N SER B 46 -6.02 -2.76 7.26
CA SER B 46 -6.16 -4.16 6.91
C SER B 46 -7.05 -4.28 5.69
N HIS B 47 -6.44 -4.47 4.54
CA HIS B 47 -7.18 -4.59 3.29
C HIS B 47 -6.79 -5.87 2.59
N MET B 48 -7.78 -6.57 2.04
CA MET B 48 -7.50 -7.79 1.32
C MET B 48 -7.23 -7.44 -0.13
N TYR B 49 -6.30 -8.17 -0.75
CA TYR B 49 -5.97 -7.94 -2.16
C TYR B 49 -7.21 -8.11 -3.03
N ALA B 50 -8.19 -8.81 -2.47
CA ALA B 50 -9.46 -9.06 -3.15
C ALA B 50 -10.33 -7.81 -3.22
N ASP B 51 -10.03 -6.82 -2.37
CA ASP B 51 -10.78 -5.57 -2.33
C ASP B 51 -9.98 -4.46 -3.00
N ILE B 52 -8.76 -4.76 -3.38
CA ILE B 52 -7.93 -3.78 -4.04
C ILE B 52 -8.14 -3.92 -5.55
N LYS B 53 -8.39 -2.80 -6.23
CA LYS B 53 -8.64 -2.85 -7.65
C LYS B 53 -7.33 -2.67 -8.42
N CYS B 54 -6.54 -1.71 -7.97
CA CYS B 54 -5.28 -1.37 -8.58
C CYS B 54 -4.41 -0.65 -7.58
N GLN B 55 -3.23 -0.22 -8.00
CA GLN B 55 -2.33 0.50 -7.10
C GLN B 55 -1.55 1.57 -7.85
N LYS B 56 -1.22 2.67 -7.17
CA LYS B 56 -0.40 3.71 -7.77
C LYS B 56 0.89 3.81 -6.99
N ILE B 57 1.95 4.29 -7.62
CA ILE B 57 3.22 4.48 -6.94
C ILE B 57 3.70 5.89 -7.25
N SER B 58 4.05 6.65 -6.23
CA SER B 58 4.50 8.00 -6.46
C SER B 58 6.01 8.00 -6.67
N PRO B 59 6.40 8.46 -7.86
CA PRO B 59 7.79 8.52 -8.34
C PRO B 59 8.62 9.61 -7.68
N GLU B 60 9.91 9.57 -8.01
CA GLU B 60 10.88 10.53 -7.52
C GLU B 60 10.47 11.95 -7.95
N GLY B 61 11.01 12.93 -7.27
CA GLY B 61 10.67 14.31 -7.55
C GLY B 61 9.96 14.90 -6.36
N LYS B 62 9.27 14.04 -5.64
CA LYS B 62 8.59 14.42 -4.42
C LYS B 62 9.57 14.23 -3.29
N ALA B 63 9.41 14.98 -2.22
CA ALA B 63 10.30 14.86 -1.08
C ALA B 63 10.06 13.56 -0.34
N LYS B 64 9.08 12.83 -0.82
CA LYS B 64 8.74 11.58 -0.23
C LYS B 64 8.38 10.56 -1.30
N ILE B 65 8.55 9.30 -0.99
CA ILE B 65 8.21 8.23 -1.89
C ILE B 65 6.86 7.67 -1.47
N GLN B 66 5.93 7.42 -2.39
CA GLN B 66 4.62 6.96 -1.95
C GLN B 66 4.05 5.84 -2.80
N LEU B 67 3.05 5.19 -2.23
CA LEU B 67 2.32 4.12 -2.88
C LEU B 67 0.86 4.29 -2.52
N GLN B 68 -0.06 3.83 -3.34
CA GLN B 68 -1.47 3.95 -2.99
C GLN B 68 -2.26 2.75 -3.45
N LEU B 69 -3.20 2.34 -2.61
CA LEU B 69 -4.06 1.21 -2.91
C LEU B 69 -5.39 1.71 -3.46
N VAL B 70 -5.56 1.57 -4.76
CA VAL B 70 -6.80 2.00 -5.39
C VAL B 70 -7.78 0.84 -5.34
N LEU B 71 -8.76 0.96 -4.47
CA LEU B 71 -9.74 -0.10 -4.29
C LEU B 71 -10.95 0.07 -5.18
N HIS B 72 -11.66 -1.02 -5.42
CA HIS B 72 -12.86 -0.97 -6.24
C HIS B 72 -14.02 -0.49 -5.38
N ALA B 73 -13.71 -0.26 -4.11
CA ALA B 73 -14.66 0.23 -3.14
C ALA B 73 -14.90 1.72 -3.31
N GLY B 74 -14.05 2.34 -4.13
CA GLY B 74 -14.16 3.77 -4.38
C GLY B 74 -13.22 4.57 -3.51
N ASP B 75 -12.28 3.88 -2.87
CA ASP B 75 -11.31 4.54 -1.99
C ASP B 75 -9.90 4.19 -2.39
N THR B 76 -8.96 5.03 -1.98
CA THR B 76 -7.55 4.82 -2.26
C THR B 76 -6.77 4.95 -0.96
N THR B 77 -5.90 3.99 -0.71
CA THR B 77 -5.10 3.99 0.52
C THR B 77 -3.66 4.41 0.25
N ASN B 78 -3.31 5.63 0.62
CA ASN B 78 -1.95 6.14 0.40
C ASN B 78 -0.98 5.66 1.47
N PHE B 79 0.19 5.27 1.03
CA PHE B 79 1.25 4.83 1.91
C PHE B 79 2.47 5.69 1.68
N HIS B 80 2.76 6.50 2.68
CA HIS B 80 3.84 7.45 2.64
C HIS B 80 5.17 6.81 3.08
N PHE B 81 5.99 6.44 2.11
CA PHE B 81 7.29 5.85 2.40
C PHE B 81 8.26 6.95 2.81
N SER B 82 8.39 7.17 4.10
CA SER B 82 9.27 8.21 4.60
C SER B 82 10.60 7.67 5.12
N ASN B 83 10.81 6.36 5.02
CA ASN B 83 12.05 5.77 5.48
C ASN B 83 13.14 5.97 4.42
N GLU B 84 13.87 7.06 4.56
CA GLU B 84 14.94 7.45 3.63
C GLU B 84 15.84 6.27 3.23
N SER B 85 16.14 5.41 4.19
CA SER B 85 17.00 4.26 3.96
C SER B 85 16.55 3.39 2.79
N THR B 86 15.33 2.85 2.86
CA THR B 86 14.88 1.96 1.81
C THR B 86 13.53 2.32 1.19
N ALA B 87 12.98 3.49 1.51
CA ALA B 87 11.65 3.92 1.01
C ALA B 87 11.43 3.63 -0.48
N VAL B 88 12.37 4.04 -1.31
CA VAL B 88 12.25 3.82 -2.76
C VAL B 88 12.12 2.31 -3.07
N LYS B 89 13.04 1.53 -2.54
CA LYS B 89 13.04 0.08 -2.74
C LYS B 89 11.82 -0.55 -2.07
N GLU B 90 11.44 0.03 -0.93
CA GLU B 90 10.27 -0.43 -0.20
C GLU B 90 9.04 -0.20 -1.05
N ARG B 91 8.93 0.99 -1.64
CA ARG B 91 7.83 1.33 -2.53
C ARG B 91 7.77 0.30 -3.64
N ASP B 92 8.92 0.07 -4.22
CA ASP B 92 9.09 -0.88 -5.30
C ASP B 92 8.72 -2.30 -4.90
N ALA B 93 9.16 -2.75 -3.74
CA ALA B 93 8.85 -4.11 -3.27
C ALA B 93 7.36 -4.24 -2.94
N VAL B 94 6.79 -3.24 -2.26
CA VAL B 94 5.37 -3.25 -1.93
C VAL B 94 4.60 -3.28 -3.25
N LYS B 95 5.07 -2.46 -4.19
CA LYS B 95 4.48 -2.37 -5.52
C LYS B 95 4.58 -3.72 -6.21
N ASP B 96 5.81 -4.23 -6.28
CA ASP B 96 6.11 -5.51 -6.91
C ASP B 96 5.27 -6.63 -6.35
N LEU B 97 5.31 -6.80 -5.04
CA LEU B 97 4.57 -7.84 -4.37
C LEU B 97 3.07 -7.67 -4.59
N LEU B 98 2.58 -6.44 -4.53
CA LEU B 98 1.16 -6.19 -4.74
C LEU B 98 0.80 -6.42 -6.21
N GLN B 99 1.63 -5.96 -7.14
CA GLN B 99 1.37 -6.18 -8.56
C GLN B 99 1.44 -7.65 -8.88
N GLN B 100 2.09 -8.37 -7.98
CA GLN B 100 2.24 -9.81 -8.08
C GLN B 100 1.03 -10.50 -7.47
N LEU B 101 0.73 -10.07 -6.26
CA LEU B 101 -0.34 -10.60 -5.44
C LEU B 101 -1.75 -10.13 -5.81
N LEU B 102 -1.93 -8.83 -6.01
CA LEU B 102 -3.23 -8.24 -6.32
C LEU B 102 -3.99 -8.96 -7.44
N PRO B 103 -3.41 -9.10 -8.65
CA PRO B 103 -4.12 -9.75 -9.78
C PRO B 103 -4.58 -11.18 -9.48
N LYS B 104 -4.05 -11.78 -8.41
CA LYS B 104 -4.42 -13.15 -8.05
C LYS B 104 -5.66 -13.19 -7.16
N PHE B 105 -5.96 -12.07 -6.50
CA PHE B 105 -7.12 -12.02 -5.60
C PHE B 105 -8.09 -10.89 -5.93
N LYS B 106 -7.63 -9.87 -6.67
CA LYS B 106 -8.45 -8.71 -7.01
C LYS B 106 -9.78 -9.08 -7.67
N ARG B 107 -10.79 -8.25 -7.43
CA ARG B 107 -12.12 -8.47 -7.98
C ARG B 107 -12.37 -7.58 -9.19
N LYS B 108 -12.60 -8.20 -10.34
CA LYS B 108 -12.88 -7.48 -11.57
C LYS B 108 -13.65 -8.36 -12.55
N ALA B 109 -13.18 -9.59 -12.70
CA ALA B 109 -13.83 -10.56 -13.59
C ALA B 109 -13.49 -11.96 -13.10
N ASN B 110 -13.40 -12.07 -11.78
CA ASN B 110 -13.06 -13.31 -11.11
C ASN B 110 -13.29 -13.14 -9.62
N TYR A 1 -5.36 14.78 -2.02
CA TYR A 1 -6.20 15.34 -3.12
C TYR A 1 -7.67 15.05 -2.84
N VAL A 2 -8.48 14.86 -3.88
CA VAL A 2 -9.88 14.57 -3.68
C VAL A 2 -10.05 13.11 -3.28
N GLY A 3 -10.76 12.86 -2.19
CA GLY A 3 -10.96 11.51 -1.72
C GLY A 3 -9.90 11.11 -0.72
N GLU A 4 -8.65 11.07 -1.19
CA GLU A 4 -7.53 10.73 -0.33
C GLU A 4 -6.85 12.01 0.16
N ASP A 5 -6.46 12.03 1.41
CA ASP A 5 -5.86 13.22 2.02
C ASP A 5 -4.51 12.95 2.69
N ASP A 6 -3.72 12.03 2.17
CA ASP A 6 -2.43 11.74 2.81
C ASP A 6 -1.41 12.90 2.73
N GLU A 7 -1.92 14.11 2.43
CA GLU A 7 -1.14 15.38 2.38
C GLU A 7 -0.55 15.66 1.00
N GLU A 8 -0.08 14.64 0.31
CA GLU A 8 0.51 14.82 -1.02
C GLU A 8 0.28 13.58 -1.84
N ASP A 9 -0.37 13.75 -2.98
CA ASP A 9 -0.69 12.61 -3.82
C ASP A 9 -1.23 13.03 -5.18
N ASP A 10 -0.34 13.33 -6.10
CA ASP A 10 -0.77 13.76 -7.43
C ASP A 10 0.07 13.14 -8.55
N ASP A 11 1.39 13.15 -8.41
CA ASP A 11 2.28 12.57 -9.42
C ASP A 11 2.20 11.04 -9.37
N PHE A 12 1.28 10.57 -8.56
CA PHE A 12 1.03 9.17 -8.36
C PHE A 12 0.78 8.48 -9.70
N ASN A 13 1.52 7.42 -9.97
CA ASN A 13 1.40 6.70 -11.23
C ASN A 13 0.81 5.32 -11.05
N GLU A 14 -0.29 5.06 -11.73
CA GLU A 14 -0.95 3.76 -11.68
C GLU A 14 -1.13 3.22 -13.09
N ASN A 15 -0.74 1.97 -13.29
CA ASN A 15 -0.85 1.32 -14.59
C ASN A 15 -0.35 -0.11 -14.53
N ASP A 16 -0.47 -0.70 -13.35
CA ASP A 16 -0.04 -2.08 -13.15
C ASP A 16 -1.06 -3.00 -13.82
N GLU A 17 -2.28 -2.49 -13.96
CA GLU A 17 -3.37 -3.19 -14.60
C GLU A 17 -4.63 -2.35 -14.59
N ASP A 18 -5.75 -2.93 -15.00
CA ASP A 18 -7.03 -2.22 -15.02
C ASP A 18 -8.16 -3.22 -14.82
N ASP A 19 -8.53 -3.45 -13.57
CA ASP A 19 -9.60 -4.38 -13.23
C ASP A 19 -10.95 -3.69 -13.21
N MET B 3 -3.06 -17.44 5.68
CA MET B 3 -4.34 -17.26 6.41
C MET B 3 -4.33 -18.01 7.73
N ALA B 4 -4.78 -17.34 8.79
CA ALA B 4 -4.83 -17.94 10.12
C ALA B 4 -5.94 -17.31 10.97
N THR B 5 -5.77 -16.04 11.33
CA THR B 5 -6.77 -15.34 12.15
C THR B 5 -6.71 -13.82 11.95
N SER B 6 -5.52 -13.26 11.99
CA SER B 6 -5.34 -11.82 11.84
C SER B 6 -3.89 -11.51 11.45
N SER B 7 -2.96 -11.85 12.32
CA SER B 7 -1.55 -11.66 12.05
C SER B 7 -1.05 -12.84 11.23
N GLU B 8 -1.31 -12.78 9.93
CA GLU B 8 -0.95 -13.84 9.03
C GLU B 8 0.48 -13.75 8.54
N GLU B 9 0.79 -14.57 7.55
CA GLU B 9 2.12 -14.63 6.95
C GLU B 9 2.55 -13.28 6.38
N VAL B 10 3.40 -12.58 7.10
CA VAL B 10 3.90 -11.30 6.65
C VAL B 10 5.06 -11.54 5.71
N LEU B 11 4.83 -11.35 4.43
CA LEU B 11 5.86 -11.54 3.43
C LEU B 11 6.73 -10.30 3.27
N LEU B 12 6.17 -9.13 3.51
CA LEU B 12 6.92 -7.90 3.36
C LEU B 12 6.72 -6.96 4.56
N ILE B 13 7.82 -6.55 5.16
CA ILE B 13 7.77 -5.62 6.28
C ILE B 13 8.39 -4.29 5.87
N VAL B 14 7.58 -3.26 5.86
CA VAL B 14 8.04 -1.95 5.48
C VAL B 14 8.14 -1.08 6.71
N LYS B 15 9.09 -0.16 6.69
CA LYS B 15 9.31 0.71 7.81
C LYS B 15 8.84 2.11 7.48
N LYS B 16 8.91 2.99 8.49
CA LYS B 16 8.50 4.39 8.39
C LYS B 16 7.57 4.68 7.22
N VAL B 17 6.31 4.29 7.36
CA VAL B 17 5.30 4.52 6.36
C VAL B 17 4.14 5.27 7.00
N ARG B 18 3.84 6.44 6.48
CA ARG B 18 2.78 7.26 7.01
C ARG B 18 1.47 6.97 6.29
N GLN B 19 0.46 6.65 7.09
CA GLN B 19 -0.87 6.38 6.58
C GLN B 19 -1.82 7.42 7.14
N LYS B 20 -2.32 8.29 6.28
CA LYS B 20 -3.25 9.33 6.67
C LYS B 20 -2.57 10.34 7.57
N LYS B 21 -1.34 10.71 7.19
CA LYS B 21 -0.53 11.68 7.94
C LYS B 21 -0.04 11.09 9.27
N GLN B 22 -0.05 9.77 9.38
CA GLN B 22 0.39 9.09 10.60
C GLN B 22 1.46 8.07 10.29
N ASP B 23 2.64 8.25 10.86
CA ASP B 23 3.77 7.34 10.62
C ASP B 23 3.52 5.97 11.25
N GLY B 24 4.15 4.95 10.69
CA GLY B 24 4.01 3.60 11.20
C GLY B 24 4.78 2.60 10.39
N ALA B 25 4.39 1.33 10.48
CA ALA B 25 5.06 0.26 9.75
C ALA B 25 4.05 -0.55 8.95
N LEU B 26 4.39 -0.82 7.70
CA LEU B 26 3.53 -1.56 6.80
C LEU B 26 3.93 -3.04 6.76
N TYR B 27 2.95 -3.94 6.73
CA TYR B 27 3.21 -5.37 6.70
C TYR B 27 2.30 -6.05 5.68
N LEU B 28 2.86 -6.50 4.57
CA LEU B 28 2.08 -7.17 3.55
C LEU B 28 1.98 -8.65 3.85
N MET B 29 0.76 -9.17 3.93
CA MET B 29 0.55 -10.57 4.24
C MET B 29 0.12 -11.35 3.00
N ALA B 30 0.04 -12.67 3.18
CA ALA B 30 -0.30 -13.61 2.12
C ALA B 30 -1.48 -13.16 1.25
N GLU B 31 -2.62 -12.83 1.85
CA GLU B 31 -3.78 -12.45 1.05
C GLU B 31 -4.23 -11.01 1.33
N ARG B 32 -3.47 -10.24 2.09
CA ARG B 32 -3.92 -8.88 2.39
C ARG B 32 -2.77 -7.98 2.80
N ILE B 33 -2.93 -6.70 2.51
CA ILE B 33 -1.95 -5.69 2.87
C ILE B 33 -2.39 -5.02 4.16
N ALA B 34 -1.54 -5.05 5.16
CA ALA B 34 -1.85 -4.47 6.44
C ALA B 34 -0.79 -3.47 6.85
N TRP B 35 -1.16 -2.55 7.70
CA TRP B 35 -0.24 -1.53 8.19
C TRP B 35 -0.61 -1.17 9.62
N ALA B 36 0.38 -1.14 10.49
CA ALA B 36 0.17 -0.81 11.88
C ALA B 36 0.86 0.49 12.22
N PRO B 37 0.17 1.37 12.98
CA PRO B 37 0.74 2.65 13.38
C PRO B 37 1.98 2.46 14.23
N GLU B 38 2.80 3.48 14.30
CA GLU B 38 4.04 3.42 15.05
C GLU B 38 3.79 3.19 16.54
N GLY B 39 4.55 2.27 17.11
CA GLY B 39 4.44 1.96 18.53
C GLY B 39 3.08 1.39 18.93
N LYS B 40 2.26 1.01 17.96
CA LYS B 40 0.94 0.47 18.25
C LYS B 40 0.86 -1.00 17.84
N ASP B 41 0.19 -1.78 18.67
CA ASP B 41 0.05 -3.22 18.49
C ASP B 41 -1.12 -3.59 17.57
N ARG B 42 -2.00 -2.65 17.29
CA ARG B 42 -3.16 -2.94 16.46
C ARG B 42 -3.03 -2.34 15.07
N PHE B 43 -3.27 -3.17 14.07
CA PHE B 43 -3.21 -2.75 12.67
C PHE B 43 -4.49 -2.01 12.33
N THR B 44 -4.36 -0.76 11.91
CA THR B 44 -5.52 0.04 11.55
C THR B 44 -5.79 -0.04 10.05
N ILE B 45 -4.87 -0.66 9.33
CA ILE B 45 -4.99 -0.82 7.89
C ILE B 45 -5.01 -2.30 7.53
N SER B 46 -6.09 -2.74 6.92
CA SER B 46 -6.23 -4.12 6.49
C SER B 46 -7.09 -4.19 5.24
N HIS B 47 -6.45 -4.35 4.09
CA HIS B 47 -7.17 -4.43 2.82
C HIS B 47 -6.78 -5.71 2.12
N MET B 48 -7.74 -6.41 1.53
CA MET B 48 -7.44 -7.64 0.85
C MET B 48 -7.12 -7.33 -0.61
N TYR B 49 -6.15 -8.06 -1.16
CA TYR B 49 -5.73 -7.90 -2.55
C TYR B 49 -6.91 -8.08 -3.49
N ALA B 50 -7.92 -8.79 -3.03
CA ALA B 50 -9.11 -9.07 -3.81
C ALA B 50 -9.96 -7.81 -4.03
N ASP B 51 -9.86 -6.85 -3.10
CA ASP B 51 -10.63 -5.60 -3.17
C ASP B 51 -9.81 -4.50 -3.82
N ILE B 52 -8.56 -4.77 -4.09
CA ILE B 52 -7.70 -3.76 -4.70
C ILE B 52 -7.80 -3.89 -6.22
N LYS B 53 -8.04 -2.79 -6.90
CA LYS B 53 -8.19 -2.81 -8.35
C LYS B 53 -6.84 -2.60 -9.03
N CYS B 54 -6.07 -1.68 -8.48
CA CYS B 54 -4.76 -1.34 -8.99
C CYS B 54 -4.01 -0.57 -7.92
N GLN B 55 -2.80 -0.14 -8.23
CA GLN B 55 -2.03 0.61 -7.25
C GLN B 55 -1.28 1.76 -7.91
N LYS B 56 -1.12 2.87 -7.19
CA LYS B 56 -0.37 4.00 -7.71
C LYS B 56 0.95 4.09 -6.95
N ILE B 57 2.03 4.32 -7.64
CA ILE B 57 3.29 4.50 -6.96
C ILE B 57 3.78 5.91 -7.30
N SER B 58 4.05 6.70 -6.28
CA SER B 58 4.48 8.06 -6.52
C SER B 58 5.98 8.08 -6.73
N PRO B 59 6.36 8.53 -7.94
CA PRO B 59 7.74 8.62 -8.42
C PRO B 59 8.58 9.67 -7.70
N GLU B 60 9.87 9.66 -8.02
CA GLU B 60 10.82 10.60 -7.48
C GLU B 60 10.39 12.03 -7.81
N GLY B 61 10.92 12.98 -7.06
CA GLY B 61 10.55 14.37 -7.26
C GLY B 61 9.81 14.89 -6.06
N LYS B 62 9.11 13.99 -5.38
CA LYS B 62 8.40 14.32 -4.16
C LYS B 62 9.37 14.18 -3.02
N ALA B 63 9.13 14.91 -1.94
CA ALA B 63 9.98 14.83 -0.77
C ALA B 63 9.84 13.48 -0.12
N LYS B 64 8.81 12.77 -0.53
CA LYS B 64 8.54 11.46 0.01
C LYS B 64 8.14 10.50 -1.11
N ILE B 65 8.61 9.28 -1.00
CA ILE B 65 8.25 8.25 -1.97
C ILE B 65 6.92 7.68 -1.53
N GLN B 66 5.96 7.51 -2.42
CA GLN B 66 4.65 7.03 -1.97
C GLN B 66 4.05 5.93 -2.82
N LEU B 67 3.07 5.27 -2.21
CA LEU B 67 2.33 4.21 -2.86
C LEU B 67 0.86 4.37 -2.47
N GLN B 68 -0.06 3.91 -3.29
CA GLN B 68 -1.47 4.00 -2.94
C GLN B 68 -2.23 2.81 -3.49
N LEU B 69 -3.22 2.38 -2.74
CA LEU B 69 -4.06 1.27 -3.14
C LEU B 69 -5.34 1.79 -3.79
N VAL B 70 -5.49 1.56 -5.07
CA VAL B 70 -6.69 1.99 -5.77
C VAL B 70 -7.64 0.82 -5.82
N LEU B 71 -8.75 0.94 -5.13
CA LEU B 71 -9.71 -0.14 -5.04
C LEU B 71 -10.85 0.03 -6.04
N HIS B 72 -11.51 -1.09 -6.35
CA HIS B 72 -12.64 -1.04 -7.26
C HIS B 72 -13.87 -0.59 -6.49
N ALA B 73 -13.66 -0.36 -5.20
CA ALA B 73 -14.69 0.11 -4.30
C ALA B 73 -14.99 1.58 -4.59
N GLY B 74 -14.05 2.21 -5.29
CA GLY B 74 -14.19 3.61 -5.63
C GLY B 74 -13.33 4.50 -4.75
N ASP B 75 -12.48 3.88 -3.96
CA ASP B 75 -11.61 4.62 -3.05
C ASP B 75 -10.14 4.24 -3.24
N THR B 76 -9.27 4.99 -2.56
CA THR B 76 -7.83 4.78 -2.65
C THR B 76 -7.20 4.89 -1.26
N THR B 77 -6.19 4.07 -1.01
CA THR B 77 -5.48 4.08 0.27
C THR B 77 -4.01 4.46 0.06
N ASN B 78 -3.62 5.66 0.51
CA ASN B 78 -2.24 6.12 0.33
C ASN B 78 -1.30 5.57 1.39
N PHE B 79 -0.03 5.50 1.01
CA PHE B 79 1.04 5.03 1.88
C PHE B 79 2.28 5.87 1.63
N HIS B 80 2.54 6.78 2.55
CA HIS B 80 3.67 7.70 2.47
C HIS B 80 4.93 7.06 3.05
N PHE B 81 5.84 6.64 2.19
CA PHE B 81 7.09 6.03 2.64
C PHE B 81 8.03 7.12 3.15
N SER B 82 8.14 7.28 4.46
CA SER B 82 8.99 8.31 5.03
C SER B 82 10.37 7.76 5.41
N ASN B 83 10.62 6.51 5.03
CA ASN B 83 11.91 5.90 5.33
C ASN B 83 12.93 6.25 4.24
N GLU B 84 13.64 7.34 4.44
CA GLU B 84 14.64 7.83 3.48
C GLU B 84 15.62 6.73 3.02
N SER B 85 15.94 5.81 3.92
CA SER B 85 16.87 4.74 3.65
C SER B 85 16.43 3.85 2.48
N THR B 86 15.27 3.22 2.59
CA THR B 86 14.84 2.32 1.53
C THR B 86 13.44 2.59 0.99
N ALA B 87 12.85 3.74 1.30
CA ALA B 87 11.48 4.08 0.84
C ALA B 87 11.27 3.78 -0.65
N VAL B 88 12.23 4.17 -1.49
CA VAL B 88 12.13 3.93 -2.92
C VAL B 88 12.00 2.43 -3.22
N LYS B 89 12.96 1.67 -2.70
CA LYS B 89 13.01 0.21 -2.89
C LYS B 89 11.82 -0.44 -2.18
N GLU B 90 11.46 0.11 -1.03
CA GLU B 90 10.33 -0.39 -0.27
C GLU B 90 9.06 -0.15 -1.06
N ARG B 91 8.94 1.03 -1.66
CA ARG B 91 7.79 1.36 -2.51
C ARG B 91 7.70 0.33 -3.61
N ASP B 92 8.83 0.12 -4.23
CA ASP B 92 8.99 -0.82 -5.31
C ASP B 92 8.65 -2.25 -4.90
N ALA B 93 9.09 -2.67 -3.72
CA ALA B 93 8.80 -4.02 -3.24
C ALA B 93 7.31 -4.18 -2.93
N VAL B 94 6.71 -3.18 -2.27
CA VAL B 94 5.27 -3.23 -1.98
C VAL B 94 4.54 -3.29 -3.32
N LYS B 95 5.01 -2.46 -4.24
CA LYS B 95 4.48 -2.39 -5.59
C LYS B 95 4.61 -3.74 -6.30
N ASP B 96 5.84 -4.26 -6.29
CA ASP B 96 6.16 -5.54 -6.90
C ASP B 96 5.32 -6.66 -6.35
N LEU B 97 5.28 -6.77 -5.04
CA LEU B 97 4.50 -7.81 -4.38
C LEU B 97 3.01 -7.62 -4.64
N LEU B 98 2.55 -6.38 -4.69
CA LEU B 98 1.14 -6.10 -4.93
C LEU B 98 0.77 -6.37 -6.38
N GLN B 99 1.57 -5.87 -7.33
CA GLN B 99 1.29 -6.11 -8.76
C GLN B 99 1.30 -7.61 -9.03
N GLN B 100 1.97 -8.32 -8.14
CA GLN B 100 2.08 -9.75 -8.18
C GLN B 100 0.90 -10.43 -7.49
N LEU B 101 0.59 -9.93 -6.31
CA LEU B 101 -0.45 -10.46 -5.45
C LEU B 101 -1.87 -10.00 -5.76
N LEU B 102 -2.04 -8.74 -6.15
CA LEU B 102 -3.37 -8.18 -6.41
C LEU B 102 -4.18 -9.00 -7.42
N PRO B 103 -3.75 -9.15 -8.68
CA PRO B 103 -4.51 -9.90 -9.69
C PRO B 103 -4.60 -11.39 -9.38
N LYS B 104 -3.87 -11.85 -8.37
CA LYS B 104 -3.90 -13.27 -8.00
C LYS B 104 -5.13 -13.57 -7.15
N PHE B 105 -5.54 -12.58 -6.36
CA PHE B 105 -6.71 -12.74 -5.50
C PHE B 105 -7.91 -11.99 -6.07
N LYS B 106 -7.63 -10.85 -6.68
CA LYS B 106 -8.66 -10.04 -7.28
C LYS B 106 -9.09 -10.65 -8.61
N ARG B 107 -10.32 -11.15 -8.65
CA ARG B 107 -10.86 -11.77 -9.86
C ARG B 107 -12.18 -11.10 -10.23
N LYS B 108 -12.15 -9.80 -10.50
CA LYS B 108 -13.36 -9.09 -10.84
C LYS B 108 -13.54 -8.97 -12.36
N ALA B 109 -12.59 -8.32 -13.05
CA ALA B 109 -12.70 -8.18 -14.49
C ALA B 109 -11.35 -8.24 -15.18
N ASN B 110 -10.35 -8.73 -14.45
CA ASN B 110 -9.00 -8.85 -14.97
C ASN B 110 -8.26 -9.94 -14.23
N TYR A 1 -4.97 18.81 -0.29
CA TYR A 1 -5.80 17.70 -0.80
C TYR A 1 -5.82 17.73 -2.33
N VAL A 2 -5.27 16.69 -2.94
CA VAL A 2 -5.26 16.57 -4.39
C VAL A 2 -5.94 15.27 -4.78
N GLY A 3 -5.17 14.28 -5.24
CA GLY A 3 -5.74 12.99 -5.55
C GLY A 3 -6.07 12.29 -4.26
N GLU A 4 -5.42 12.80 -3.23
CA GLU A 4 -5.56 12.35 -1.85
C GLU A 4 -4.79 13.35 -1.01
N ASP A 5 -5.11 13.46 0.27
CA ASP A 5 -4.42 14.39 1.14
C ASP A 5 -3.47 13.65 2.06
N ASP A 6 -2.93 12.54 1.59
CA ASP A 6 -1.97 11.77 2.39
C ASP A 6 -0.84 12.69 2.84
N GLU A 7 -0.50 13.64 1.95
CA GLU A 7 0.53 14.65 2.21
C GLU A 7 0.93 15.36 0.91
N GLU A 8 0.83 14.62 -0.20
CA GLU A 8 1.18 15.09 -1.53
C GLU A 8 1.07 13.89 -2.45
N ASP A 9 -0.06 13.73 -3.10
CA ASP A 9 -0.28 12.56 -3.93
C ASP A 9 -1.01 12.87 -5.22
N ASP A 10 -0.26 13.15 -6.26
CA ASP A 10 -0.86 13.47 -7.57
C ASP A 10 -0.11 12.83 -8.74
N ASP A 11 1.22 12.97 -8.77
CA ASP A 11 2.04 12.40 -9.86
C ASP A 11 2.13 10.89 -9.74
N PHE A 12 1.22 10.34 -8.96
CA PHE A 12 1.12 8.92 -8.73
C PHE A 12 0.99 8.16 -10.05
N ASN A 13 1.82 7.16 -10.23
CA ASN A 13 1.81 6.37 -11.46
C ASN A 13 1.11 5.05 -11.21
N GLU A 14 0.22 4.70 -12.13
CA GLU A 14 -0.54 3.48 -12.02
C GLU A 14 -0.32 2.58 -13.23
N ASN A 15 -0.21 1.28 -12.98
CA ASN A 15 -0.02 0.30 -14.04
C ASN A 15 -0.37 -1.08 -13.51
N ASP A 16 -1.46 -1.14 -12.76
CA ASP A 16 -1.92 -2.40 -12.18
C ASP A 16 -3.19 -2.86 -12.89
N GLU A 17 -3.71 -1.99 -13.74
CA GLU A 17 -4.92 -2.24 -14.52
C GLU A 17 -6.11 -2.67 -13.65
N ASP A 18 -7.07 -3.31 -14.29
CA ASP A 18 -8.28 -3.77 -13.61
C ASP A 18 -8.33 -5.28 -13.54
N ASP A 19 -7.23 -5.92 -13.93
CA ASP A 19 -7.15 -7.37 -13.93
C ASP A 19 -6.28 -7.85 -12.79
N MET B 3 -5.37 -12.10 10.03
CA MET B 3 -6.16 -12.48 11.23
C MET B 3 -6.88 -13.79 10.97
N ALA B 4 -6.12 -14.89 10.92
CA ALA B 4 -6.66 -16.22 10.68
C ALA B 4 -7.33 -16.25 9.30
N THR B 5 -6.72 -15.55 8.36
CA THR B 5 -7.24 -15.44 7.02
C THR B 5 -6.93 -16.70 6.20
N SER B 6 -5.66 -16.97 5.99
CA SER B 6 -5.25 -18.15 5.22
C SER B 6 -3.92 -18.69 5.73
N SER B 7 -2.89 -17.86 5.70
CA SER B 7 -1.58 -18.28 6.16
C SER B 7 -0.96 -17.32 7.15
N GLU B 8 -1.34 -16.06 7.03
CA GLU B 8 -0.85 -14.99 7.91
C GLU B 8 0.64 -14.78 7.69
N GLU B 9 1.11 -15.21 6.53
CA GLU B 9 2.50 -15.10 6.18
C GLU B 9 2.83 -13.70 5.68
N VAL B 10 3.67 -13.00 6.42
CA VAL B 10 4.09 -11.67 6.03
C VAL B 10 5.26 -11.79 5.07
N LEU B 11 5.02 -11.40 3.83
CA LEU B 11 6.05 -11.49 2.81
C LEU B 11 6.91 -10.25 2.79
N LEU B 12 6.35 -9.12 3.20
CA LEU B 12 7.10 -7.87 3.20
C LEU B 12 6.80 -7.02 4.42
N ILE B 13 7.85 -6.44 4.97
CA ILE B 13 7.73 -5.55 6.11
C ILE B 13 8.33 -4.20 5.73
N VAL B 14 7.55 -3.14 5.91
CA VAL B 14 7.99 -1.81 5.58
C VAL B 14 8.01 -0.96 6.83
N LYS B 15 8.92 -0.02 6.89
CA LYS B 15 9.05 0.85 8.04
C LYS B 15 8.62 2.25 7.68
N LYS B 16 8.74 3.13 8.68
CA LYS B 16 8.36 4.56 8.58
C LYS B 16 7.45 4.87 7.40
N VAL B 17 6.22 4.41 7.48
CA VAL B 17 5.23 4.64 6.44
C VAL B 17 4.05 5.41 7.02
N ARG B 18 3.75 6.55 6.45
CA ARG B 18 2.65 7.37 6.91
C ARG B 18 1.42 7.11 6.05
N GLN B 19 0.34 6.68 6.66
CA GLN B 19 -0.89 6.43 5.93
C GLN B 19 -1.89 7.54 6.24
N LYS B 20 -2.04 8.45 5.28
CA LYS B 20 -2.95 9.59 5.42
C LYS B 20 -2.70 10.35 6.72
N LYS B 21 -1.48 10.91 6.80
CA LYS B 21 -1.04 11.72 7.96
C LYS B 21 -0.86 10.88 9.23
N GLN B 22 -0.61 9.58 9.09
CA GLN B 22 -0.42 8.72 10.26
C GLN B 22 0.85 7.89 10.11
N ASP B 23 1.79 8.06 11.05
CA ASP B 23 3.06 7.31 11.02
C ASP B 23 2.85 5.87 11.46
N GLY B 24 3.61 4.95 10.86
CA GLY B 24 3.50 3.55 11.23
C GLY B 24 4.36 2.63 10.39
N ALA B 25 4.12 1.33 10.51
CA ALA B 25 4.86 0.30 9.78
C ALA B 25 3.89 -0.53 8.93
N LEU B 26 4.29 -0.83 7.72
CA LEU B 26 3.46 -1.58 6.79
C LEU B 26 3.89 -3.05 6.73
N TYR B 27 2.91 -3.95 6.64
CA TYR B 27 3.17 -5.39 6.58
C TYR B 27 2.30 -6.04 5.51
N LEU B 28 2.91 -6.74 4.57
CA LEU B 28 2.14 -7.37 3.50
C LEU B 28 2.09 -8.88 3.66
N MET B 29 0.88 -9.43 3.72
CA MET B 29 0.68 -10.86 3.84
C MET B 29 0.24 -11.41 2.50
N ALA B 30 0.38 -12.71 2.32
CA ALA B 30 0.02 -13.35 1.05
C ALA B 30 -1.44 -13.14 0.68
N GLU B 31 -2.29 -12.83 1.66
CA GLU B 31 -3.71 -12.65 1.38
C GLU B 31 -4.12 -11.18 1.43
N ARG B 32 -3.37 -10.35 2.14
CA ARG B 32 -3.77 -8.95 2.27
C ARG B 32 -2.62 -8.04 2.68
N ILE B 33 -2.91 -6.76 2.66
CA ILE B 33 -1.94 -5.75 3.05
C ILE B 33 -2.41 -5.08 4.35
N ALA B 34 -1.57 -5.13 5.36
CA ALA B 34 -1.92 -4.55 6.64
C ALA B 34 -0.89 -3.51 7.06
N TRP B 35 -1.32 -2.52 7.81
CA TRP B 35 -0.43 -1.48 8.26
C TRP B 35 -0.87 -1.01 9.64
N ALA B 36 0.08 -0.80 10.53
CA ALA B 36 -0.21 -0.36 11.88
C ALA B 36 0.54 0.91 12.21
N PRO B 37 -0.09 1.83 12.95
CA PRO B 37 0.54 3.09 13.34
C PRO B 37 1.73 2.86 14.26
N GLU B 38 2.62 3.82 14.34
CA GLU B 38 3.81 3.71 15.17
C GLU B 38 3.44 3.48 16.64
N GLY B 39 4.17 2.56 17.28
CA GLY B 39 3.94 2.24 18.66
C GLY B 39 2.57 1.64 18.92
N LYS B 40 2.02 0.94 17.94
CA LYS B 40 0.72 0.31 18.09
C LYS B 40 0.84 -1.21 18.06
N ASP B 41 -0.09 -1.87 18.73
CA ASP B 41 -0.10 -3.32 18.81
C ASP B 41 -1.10 -3.91 17.82
N ARG B 42 -1.95 -3.06 17.27
CA ARG B 42 -2.97 -3.50 16.33
C ARG B 42 -2.86 -2.76 15.01
N PHE B 43 -3.20 -3.47 13.93
CA PHE B 43 -3.15 -2.90 12.59
C PHE B 43 -4.47 -2.21 12.28
N THR B 44 -4.42 -0.92 11.97
CA THR B 44 -5.61 -0.17 11.64
C THR B 44 -5.93 -0.32 10.16
N ILE B 45 -4.91 -0.64 9.39
CA ILE B 45 -5.05 -0.83 7.96
C ILE B 45 -5.05 -2.32 7.63
N SER B 46 -6.13 -2.79 7.06
CA SER B 46 -6.25 -4.19 6.68
C SER B 46 -7.12 -4.28 5.43
N HIS B 47 -6.49 -4.45 4.28
CA HIS B 47 -7.23 -4.55 3.03
C HIS B 47 -6.86 -5.83 2.30
N MET B 48 -7.85 -6.57 1.84
CA MET B 48 -7.60 -7.80 1.13
C MET B 48 -7.28 -7.47 -0.32
N TYR B 49 -6.36 -8.22 -0.91
CA TYR B 49 -5.96 -7.99 -2.30
C TYR B 49 -7.18 -8.08 -3.22
N ALA B 50 -8.20 -8.80 -2.77
CA ALA B 50 -9.42 -8.98 -3.52
C ALA B 50 -10.24 -7.70 -3.62
N ASP B 51 -10.09 -6.81 -2.62
CA ASP B 51 -10.83 -5.55 -2.57
C ASP B 51 -10.01 -4.44 -3.20
N ILE B 52 -8.77 -4.73 -3.52
CA ILE B 52 -7.92 -3.73 -4.14
C ILE B 52 -8.13 -3.80 -5.64
N LYS B 53 -8.35 -2.66 -6.28
CA LYS B 53 -8.58 -2.66 -7.72
C LYS B 53 -7.25 -2.56 -8.44
N CYS B 54 -6.35 -1.78 -7.87
CA CYS B 54 -5.04 -1.56 -8.43
C CYS B 54 -4.21 -0.79 -7.43
N GLN B 55 -2.98 -0.45 -7.79
CA GLN B 55 -2.13 0.30 -6.89
C GLN B 55 -1.26 1.29 -7.66
N LYS B 56 -1.08 2.48 -7.09
CA LYS B 56 -0.26 3.51 -7.70
C LYS B 56 1.04 3.64 -6.92
N ILE B 57 2.07 4.14 -7.57
CA ILE B 57 3.34 4.39 -6.90
C ILE B 57 3.78 5.80 -7.27
N SER B 58 4.16 6.58 -6.28
CA SER B 58 4.58 7.94 -6.55
C SER B 58 6.08 7.98 -6.74
N PRO B 59 6.48 8.44 -7.94
CA PRO B 59 7.87 8.53 -8.39
C PRO B 59 8.70 9.60 -7.69
N GLU B 60 9.98 9.58 -8.00
CA GLU B 60 10.94 10.53 -7.46
C GLU B 60 10.60 11.94 -7.94
N GLY B 61 11.12 12.93 -7.24
CA GLY B 61 10.83 14.31 -7.57
C GLY B 61 10.03 14.94 -6.46
N LYS B 62 9.25 14.10 -5.80
CA LYS B 62 8.46 14.52 -4.66
C LYS B 62 9.31 14.43 -3.42
N ALA B 63 8.90 15.13 -2.39
CA ALA B 63 9.63 15.10 -1.13
C ALA B 63 9.29 13.84 -0.37
N LYS B 64 8.29 13.14 -0.87
CA LYS B 64 7.85 11.92 -0.25
C LYS B 64 7.64 10.82 -1.27
N ILE B 65 8.20 9.65 -1.02
CA ILE B 65 8.01 8.51 -1.90
C ILE B 65 6.71 7.86 -1.49
N GLN B 66 5.81 7.54 -2.42
CA GLN B 66 4.52 7.01 -2.01
C GLN B 66 4.01 5.86 -2.84
N LEU B 67 3.03 5.20 -2.26
CA LEU B 67 2.33 4.12 -2.88
C LEU B 67 0.86 4.27 -2.51
N GLN B 68 -0.06 3.79 -3.31
CA GLN B 68 -1.47 3.92 -2.96
C GLN B 68 -2.28 2.72 -3.43
N LEU B 69 -3.18 2.27 -2.58
CA LEU B 69 -4.04 1.15 -2.88
C LEU B 69 -5.36 1.65 -3.42
N VAL B 70 -5.50 1.59 -4.73
CA VAL B 70 -6.73 2.03 -5.36
C VAL B 70 -7.74 0.89 -5.32
N LEU B 71 -8.71 1.01 -4.44
CA LEU B 71 -9.71 -0.03 -4.28
C LEU B 71 -10.91 0.23 -5.16
N HIS B 72 -11.66 -0.83 -5.44
CA HIS B 72 -12.87 -0.68 -6.24
C HIS B 72 -14.00 -0.19 -5.36
N ALA B 73 -13.67 0.00 -4.09
CA ALA B 73 -14.61 0.48 -3.09
C ALA B 73 -14.80 1.99 -3.22
N GLY B 74 -13.97 2.61 -4.05
CA GLY B 74 -14.05 4.05 -4.24
C GLY B 74 -13.07 4.79 -3.37
N ASP B 75 -12.18 4.05 -2.73
CA ASP B 75 -11.18 4.66 -1.84
C ASP B 75 -9.79 4.22 -2.23
N THR B 76 -8.81 5.07 -1.96
CA THR B 76 -7.43 4.77 -2.23
C THR B 76 -6.64 4.84 -0.92
N THR B 77 -5.86 3.82 -0.64
CA THR B 77 -5.08 3.79 0.56
C THR B 77 -3.65 4.21 0.26
N ASN B 78 -3.33 5.47 0.52
CA ASN B 78 -2.00 5.98 0.24
C ASN B 78 -1.04 5.68 1.37
N PHE B 79 0.19 5.40 1.00
CA PHE B 79 1.24 5.08 1.95
C PHE B 79 2.47 5.94 1.67
N HIS B 80 2.76 6.83 2.61
CA HIS B 80 3.90 7.72 2.50
C HIS B 80 5.14 7.03 3.05
N PHE B 81 6.01 6.61 2.14
CA PHE B 81 7.25 5.96 2.51
C PHE B 81 8.24 7.01 2.99
N SER B 82 8.29 7.22 4.30
CA SER B 82 9.18 8.22 4.88
C SER B 82 10.46 7.60 5.42
N ASN B 83 10.72 6.34 5.09
CA ASN B 83 11.94 5.68 5.55
C ASN B 83 13.09 6.00 4.60
N GLU B 84 13.82 7.05 4.93
CA GLU B 84 14.94 7.55 4.13
C GLU B 84 15.88 6.43 3.67
N SER B 85 16.02 5.39 4.49
CA SER B 85 16.90 4.28 4.18
C SER B 85 16.47 3.49 2.94
N THR B 86 15.28 2.91 2.96
CA THR B 86 14.87 2.09 1.84
C THR B 86 13.50 2.44 1.24
N ALA B 87 12.92 3.58 1.62
CA ALA B 87 11.58 3.99 1.15
C ALA B 87 11.35 3.75 -0.33
N VAL B 88 12.27 4.20 -1.18
CA VAL B 88 12.14 4.03 -2.62
C VAL B 88 12.04 2.53 -2.98
N LYS B 89 12.98 1.75 -2.49
CA LYS B 89 13.02 0.31 -2.75
C LYS B 89 11.82 -0.37 -2.08
N GLU B 90 11.46 0.14 -0.92
CA GLU B 90 10.32 -0.37 -0.18
C GLU B 90 9.05 -0.13 -0.98
N ARG B 91 8.93 1.08 -1.54
CA ARG B 91 7.79 1.43 -2.39
C ARG B 91 7.72 0.44 -3.52
N ASP B 92 8.87 0.23 -4.13
CA ASP B 92 9.02 -0.68 -5.23
C ASP B 92 8.67 -2.11 -4.86
N ALA B 93 9.12 -2.58 -3.70
CA ALA B 93 8.82 -3.94 -3.27
C ALA B 93 7.34 -4.11 -2.96
N VAL B 94 6.73 -3.13 -2.30
CA VAL B 94 5.30 -3.19 -2.00
C VAL B 94 4.56 -3.22 -3.34
N LYS B 95 5.02 -2.35 -4.24
CA LYS B 95 4.47 -2.25 -5.60
C LYS B 95 4.59 -3.59 -6.31
N ASP B 96 5.80 -4.11 -6.31
CA ASP B 96 6.12 -5.39 -6.94
C ASP B 96 5.28 -6.52 -6.39
N LEU B 97 5.30 -6.68 -5.08
CA LEU B 97 4.56 -7.73 -4.42
C LEU B 97 3.06 -7.58 -4.64
N LEU B 98 2.58 -6.35 -4.68
CA LEU B 98 1.15 -6.10 -4.89
C LEU B 98 0.77 -6.37 -6.34
N GLN B 99 1.55 -5.83 -7.27
CA GLN B 99 1.30 -6.04 -8.69
C GLN B 99 1.37 -7.54 -9.00
N GLN B 100 2.05 -8.24 -8.11
CA GLN B 100 2.23 -9.68 -8.19
C GLN B 100 1.06 -10.42 -7.51
N LEU B 101 0.72 -9.94 -6.35
CA LEU B 101 -0.30 -10.52 -5.49
C LEU B 101 -1.73 -10.07 -5.80
N LEU B 102 -1.94 -8.79 -6.04
CA LEU B 102 -3.27 -8.24 -6.28
C LEU B 102 -4.06 -8.97 -7.36
N PRO B 103 -3.59 -9.04 -8.62
CA PRO B 103 -4.32 -9.70 -9.72
C PRO B 103 -4.62 -11.18 -9.47
N LYS B 104 -4.09 -11.75 -8.39
CA LYS B 104 -4.33 -13.14 -8.08
C LYS B 104 -5.63 -13.31 -7.30
N PHE B 105 -6.08 -12.23 -6.68
CA PHE B 105 -7.33 -12.23 -5.91
C PHE B 105 -8.25 -11.12 -6.39
N LYS B 106 -7.69 -10.19 -7.13
CA LYS B 106 -8.41 -9.03 -7.65
C LYS B 106 -9.48 -9.44 -8.67
N ARG B 107 -10.73 -9.03 -8.39
CA ARG B 107 -11.87 -9.30 -9.26
C ARG B 107 -12.18 -10.79 -9.38
N LYS B 108 -11.34 -11.50 -10.11
CA LYS B 108 -11.52 -12.93 -10.34
C LYS B 108 -10.22 -13.53 -10.86
N ALA B 109 -9.13 -12.77 -10.77
CA ALA B 109 -7.83 -13.20 -11.27
C ALA B 109 -7.95 -13.48 -12.77
N ASN B 110 -7.95 -12.40 -13.55
CA ASN B 110 -8.10 -12.49 -15.00
C ASN B 110 -9.44 -13.14 -15.33
N TYR A 1 -6.23 16.65 1.10
CA TYR A 1 -7.22 17.52 0.42
C TYR A 1 -8.61 16.87 0.48
N VAL A 2 -9.51 17.32 -0.39
CA VAL A 2 -10.86 16.76 -0.45
C VAL A 2 -10.80 15.28 -0.81
N GLY A 3 -11.02 14.44 0.18
CA GLY A 3 -10.96 13.01 -0.02
C GLY A 3 -9.78 12.43 0.70
N GLU A 4 -8.64 12.34 0.02
CA GLU A 4 -7.44 11.82 0.63
C GLU A 4 -6.61 12.98 1.16
N ASP A 5 -6.08 12.83 2.37
CA ASP A 5 -5.29 13.89 2.98
C ASP A 5 -3.89 13.42 3.34
N ASP A 6 -3.34 12.48 2.58
CA ASP A 6 -1.99 11.99 2.87
C ASP A 6 -0.93 13.02 2.49
N GLU A 7 -1.40 14.26 2.29
CA GLU A 7 -0.58 15.44 1.99
C GLU A 7 -0.45 15.76 0.50
N GLU A 8 0.50 15.10 -0.14
CA GLU A 8 0.79 15.38 -1.55
C GLU A 8 0.74 14.11 -2.38
N ASP A 9 -0.40 13.88 -3.02
CA ASP A 9 -0.57 12.69 -3.82
C ASP A 9 -1.26 12.99 -5.14
N ASP A 10 -0.46 13.26 -6.16
CA ASP A 10 -0.99 13.59 -7.49
C ASP A 10 -0.20 12.95 -8.61
N ASP A 11 1.12 13.04 -8.57
CA ASP A 11 1.99 12.45 -9.60
C ASP A 11 2.01 10.93 -9.47
N PHE A 12 1.13 10.44 -8.63
CA PHE A 12 0.96 9.05 -8.36
C PHE A 12 0.79 8.26 -9.66
N ASN A 13 1.71 7.35 -9.91
CA ASN A 13 1.68 6.54 -11.12
C ASN A 13 0.69 5.41 -10.93
N GLU A 14 -0.19 5.23 -11.89
CA GLU A 14 -1.21 4.21 -11.81
C GLU A 14 -0.75 2.90 -12.40
N ASN A 15 -1.62 1.91 -12.28
CA ASN A 15 -1.34 0.60 -12.79
C ASN A 15 -2.67 -0.11 -13.08
N ASP A 16 -2.69 -0.94 -14.12
CA ASP A 16 -3.92 -1.63 -14.48
C ASP A 16 -3.83 -3.14 -14.26
N GLU A 17 -2.83 -3.59 -13.52
CA GLU A 17 -2.64 -5.02 -13.25
C GLU A 17 -3.71 -5.56 -12.30
N ASP A 18 -4.96 -5.30 -12.59
CA ASP A 18 -6.05 -5.78 -11.76
C ASP A 18 -6.16 -7.28 -11.90
N ASP A 19 -6.48 -7.72 -13.12
CA ASP A 19 -6.61 -9.14 -13.48
C ASP A 19 -7.39 -9.25 -14.80
N MET B 3 1.15 -14.80 14.84
CA MET B 3 0.85 -16.07 14.16
C MET B 3 0.05 -16.99 15.09
N ALA B 4 -1.26 -16.82 15.06
CA ALA B 4 -2.15 -17.63 15.88
C ALA B 4 -3.33 -18.11 15.05
N THR B 5 -3.69 -17.33 14.05
CA THR B 5 -4.79 -17.67 13.17
C THR B 5 -4.28 -18.26 11.87
N SER B 6 -5.14 -18.33 10.86
CA SER B 6 -4.76 -18.86 9.56
C SER B 6 -4.18 -17.75 8.68
N SER B 7 -3.52 -16.80 9.32
CA SER B 7 -2.91 -15.68 8.65
C SER B 7 -1.75 -15.14 9.47
N GLU B 8 -1.46 -13.83 9.32
CA GLU B 8 -0.39 -13.15 10.06
C GLU B 8 0.95 -13.48 9.42
N GLU B 9 0.89 -13.83 8.14
CA GLU B 9 2.07 -14.16 7.36
C GLU B 9 2.56 -12.93 6.64
N VAL B 10 3.59 -12.31 7.17
CA VAL B 10 4.15 -11.11 6.56
C VAL B 10 5.28 -11.47 5.62
N LEU B 11 5.04 -11.26 4.33
CA LEU B 11 6.05 -11.55 3.34
C LEU B 11 6.95 -10.34 3.11
N LEU B 12 6.38 -9.15 3.27
CA LEU B 12 7.14 -7.92 3.08
C LEU B 12 6.95 -6.97 4.25
N ILE B 13 8.06 -6.57 4.87
CA ILE B 13 8.01 -5.64 5.97
C ILE B 13 8.54 -4.28 5.53
N VAL B 14 7.70 -3.29 5.64
CA VAL B 14 8.06 -1.94 5.27
C VAL B 14 8.14 -1.08 6.52
N LYS B 15 8.98 -0.08 6.49
CA LYS B 15 9.17 0.77 7.64
C LYS B 15 8.73 2.19 7.36
N LYS B 16 8.89 3.04 8.38
CA LYS B 16 8.51 4.46 8.37
C LYS B 16 7.54 4.85 7.25
N VAL B 17 6.35 4.26 7.32
CA VAL B 17 5.29 4.53 6.35
C VAL B 17 4.17 5.24 7.07
N ARG B 18 3.75 6.37 6.53
CA ARG B 18 2.70 7.14 7.15
C ARG B 18 1.38 6.93 6.44
N GLN B 19 0.37 6.56 7.22
CA GLN B 19 -0.97 6.37 6.71
C GLN B 19 -1.81 7.55 7.15
N LYS B 20 -2.06 8.46 6.23
CA LYS B 20 -2.84 9.65 6.51
C LYS B 20 -2.11 10.52 7.54
N LYS B 21 -0.81 10.73 7.28
CA LYS B 21 0.06 11.54 8.14
C LYS B 21 0.42 10.82 9.44
N GLN B 22 0.07 9.55 9.55
CA GLN B 22 0.38 8.78 10.76
C GLN B 22 1.55 7.83 10.49
N ASP B 23 2.65 8.01 11.21
CA ASP B 23 3.85 7.19 11.01
C ASP B 23 3.66 5.76 11.53
N GLY B 24 4.32 4.81 10.87
CA GLY B 24 4.22 3.41 11.26
C GLY B 24 5.00 2.49 10.36
N ALA B 25 4.66 1.20 10.39
CA ALA B 25 5.33 0.19 9.58
C ALA B 25 4.30 -0.63 8.81
N LEU B 26 4.58 -0.88 7.55
CA LEU B 26 3.66 -1.62 6.69
C LEU B 26 4.09 -3.08 6.61
N TYR B 27 3.13 -3.99 6.64
CA TYR B 27 3.41 -5.42 6.58
C TYR B 27 2.51 -6.10 5.56
N LEU B 28 3.08 -6.53 4.45
CA LEU B 28 2.30 -7.18 3.41
C LEU B 28 2.19 -8.67 3.66
N MET B 29 0.96 -9.16 3.71
CA MET B 29 0.70 -10.57 3.94
C MET B 29 0.32 -11.22 2.63
N ALA B 30 0.36 -12.54 2.58
CA ALA B 30 0.06 -13.28 1.35
C ALA B 30 -1.30 -12.95 0.76
N GLU B 31 -2.30 -12.78 1.62
CA GLU B 31 -3.64 -12.49 1.13
C GLU B 31 -4.14 -11.09 1.49
N ARG B 32 -3.31 -10.28 2.15
CA ARG B 32 -3.76 -8.95 2.55
C ARG B 32 -2.62 -8.02 2.89
N ILE B 33 -2.87 -6.73 2.73
CA ILE B 33 -1.89 -5.70 3.05
C ILE B 33 -2.27 -5.08 4.39
N ALA B 34 -1.39 -5.20 5.37
CA ALA B 34 -1.64 -4.67 6.69
C ALA B 34 -0.59 -3.63 7.05
N TRP B 35 -0.96 -2.68 7.88
CA TRP B 35 -0.04 -1.65 8.30
C TRP B 35 -0.35 -1.24 9.74
N ALA B 36 0.70 -1.12 10.55
CA ALA B 36 0.54 -0.74 11.95
C ALA B 36 1.30 0.53 12.26
N PRO B 37 0.64 1.50 12.88
CA PRO B 37 1.25 2.78 13.24
C PRO B 37 2.21 2.62 14.42
N GLU B 38 3.31 3.37 14.38
CA GLU B 38 4.31 3.30 15.43
C GLU B 38 3.71 3.72 16.77
N GLY B 39 3.96 2.91 17.79
CA GLY B 39 3.44 3.18 19.11
C GLY B 39 2.20 2.38 19.41
N LYS B 40 1.66 1.74 18.38
CA LYS B 40 0.46 0.93 18.53
C LYS B 40 0.79 -0.54 18.28
N ASP B 41 0.02 -1.43 18.89
CA ASP B 41 0.24 -2.87 18.77
C ASP B 41 -0.72 -3.51 17.78
N ARG B 42 -1.81 -2.83 17.49
CA ARG B 42 -2.83 -3.36 16.59
C ARG B 42 -2.78 -2.69 15.22
N PHE B 43 -2.70 -3.51 14.17
CA PHE B 43 -2.68 -3.01 12.80
C PHE B 43 -3.99 -2.32 12.49
N THR B 44 -3.92 -1.05 12.12
CA THR B 44 -5.11 -0.29 11.80
C THR B 44 -5.53 -0.51 10.36
N ILE B 45 -4.55 -0.69 9.49
CA ILE B 45 -4.79 -0.92 8.08
C ILE B 45 -4.85 -2.41 7.77
N SER B 46 -5.97 -2.83 7.20
CA SER B 46 -6.16 -4.22 6.82
C SER B 46 -7.05 -4.30 5.58
N HIS B 47 -6.41 -4.50 4.43
CA HIS B 47 -7.14 -4.62 3.17
C HIS B 47 -6.73 -5.89 2.47
N MET B 48 -7.68 -6.57 1.86
CA MET B 48 -7.36 -7.79 1.16
C MET B 48 -7.06 -7.47 -0.29
N TYR B 49 -6.12 -8.21 -0.87
CA TYR B 49 -5.73 -7.99 -2.27
C TYR B 49 -6.93 -8.21 -3.20
N ALA B 50 -7.94 -8.91 -2.70
CA ALA B 50 -9.14 -9.18 -3.47
C ALA B 50 -9.98 -7.92 -3.68
N ASP B 51 -9.77 -6.93 -2.82
CA ASP B 51 -10.49 -5.67 -2.90
C ASP B 51 -9.63 -4.59 -3.53
N ILE B 52 -8.35 -4.87 -3.69
CA ILE B 52 -7.45 -3.91 -4.30
C ILE B 52 -7.45 -4.12 -5.81
N LYS B 53 -7.73 -3.07 -6.56
CA LYS B 53 -7.79 -3.16 -7.99
C LYS B 53 -6.40 -2.99 -8.58
N CYS B 54 -5.64 -2.10 -7.98
CA CYS B 54 -4.29 -1.81 -8.43
C CYS B 54 -3.60 -0.95 -7.40
N GLN B 55 -2.39 -0.55 -7.66
CA GLN B 55 -1.68 0.28 -6.72
C GLN B 55 -0.98 1.43 -7.46
N LYS B 56 -0.97 2.62 -6.84
CA LYS B 56 -0.28 3.75 -7.44
C LYS B 56 1.03 3.94 -6.71
N ILE B 57 2.05 4.39 -7.42
CA ILE B 57 3.32 4.66 -6.78
C ILE B 57 3.74 6.08 -7.12
N SER B 58 4.04 6.87 -6.12
CA SER B 58 4.43 8.25 -6.37
C SER B 58 5.95 8.29 -6.56
N PRO B 59 6.35 8.72 -7.76
CA PRO B 59 7.74 8.80 -8.21
C PRO B 59 8.57 9.85 -7.50
N GLU B 60 9.86 9.82 -7.80
CA GLU B 60 10.82 10.76 -7.26
C GLU B 60 10.47 12.19 -7.68
N GLY B 61 11.01 13.15 -6.95
CA GLY B 61 10.72 14.55 -7.22
C GLY B 61 9.95 15.13 -6.07
N LYS B 62 9.20 14.27 -5.41
CA LYS B 62 8.44 14.65 -4.24
C LYS B 62 9.33 14.49 -3.02
N ALA B 63 9.06 15.26 -1.99
CA ALA B 63 9.84 15.18 -0.76
C ALA B 63 9.57 13.87 -0.05
N LYS B 64 8.55 13.17 -0.51
CA LYS B 64 8.19 11.92 0.07
C LYS B 64 7.80 10.91 -1.00
N ILE B 65 8.26 9.69 -0.83
CA ILE B 65 7.94 8.62 -1.76
C ILE B 65 6.58 8.07 -1.35
N GLN B 66 5.71 7.72 -2.28
CA GLN B 66 4.38 7.25 -1.87
C GLN B 66 3.87 6.09 -2.69
N LEU B 67 2.87 5.44 -2.12
CA LEU B 67 2.18 4.34 -2.74
C LEU B 67 0.71 4.46 -2.36
N GLN B 68 -0.19 3.94 -3.17
CA GLN B 68 -1.60 4.00 -2.80
C GLN B 68 -2.33 2.76 -3.30
N LEU B 69 -3.30 2.32 -2.51
CA LEU B 69 -4.08 1.15 -2.84
C LEU B 69 -5.36 1.56 -3.56
N VAL B 70 -5.39 1.36 -4.85
CA VAL B 70 -6.56 1.71 -5.64
C VAL B 70 -7.50 0.52 -5.66
N LEU B 71 -8.71 0.72 -5.16
CA LEU B 71 -9.67 -0.35 -5.08
C LEU B 71 -10.71 -0.25 -6.19
N HIS B 72 -11.25 -1.40 -6.59
CA HIS B 72 -12.28 -1.46 -7.62
C HIS B 72 -13.59 -0.98 -7.02
N ALA B 73 -13.56 -0.78 -5.72
CA ALA B 73 -14.70 -0.32 -4.95
C ALA B 73 -14.91 1.18 -5.14
N GLY B 74 -13.99 1.81 -5.86
CA GLY B 74 -14.08 3.25 -6.08
C GLY B 74 -13.41 4.02 -4.96
N ASP B 75 -12.51 3.34 -4.26
CA ASP B 75 -11.79 3.93 -3.14
C ASP B 75 -10.29 3.78 -3.33
N THR B 76 -9.51 4.59 -2.63
CA THR B 76 -8.07 4.55 -2.74
C THR B 76 -7.43 4.79 -1.35
N THR B 77 -6.48 3.94 -0.98
CA THR B 77 -5.80 4.06 0.31
C THR B 77 -4.34 4.48 0.10
N ASN B 78 -4.00 5.72 0.41
CA ASN B 78 -2.63 6.19 0.20
C ASN B 78 -1.69 5.79 1.33
N PHE B 79 -0.42 5.64 0.98
CA PHE B 79 0.63 5.26 1.92
C PHE B 79 1.85 6.15 1.68
N HIS B 80 2.18 6.94 2.67
CA HIS B 80 3.30 7.86 2.61
C HIS B 80 4.60 7.18 3.06
N PHE B 81 5.43 6.77 2.10
CA PHE B 81 6.69 6.12 2.40
C PHE B 81 7.72 7.17 2.84
N SER B 82 7.96 7.25 4.13
CA SER B 82 8.89 8.23 4.66
C SER B 82 10.17 7.62 5.22
N ASN B 83 10.50 6.41 4.77
CA ASN B 83 11.72 5.76 5.25
C ASN B 83 12.90 6.13 4.35
N GLU B 84 13.65 7.13 4.80
CA GLU B 84 14.82 7.66 4.09
C GLU B 84 15.77 6.59 3.56
N SER B 85 15.85 5.46 4.24
CA SER B 85 16.74 4.39 3.84
C SER B 85 16.26 3.61 2.62
N THR B 86 15.09 3.00 2.70
CA THR B 86 14.62 2.18 1.60
C THR B 86 13.23 2.51 1.06
N ALA B 87 12.64 3.63 1.45
CA ALA B 87 11.28 4.01 1.01
C ALA B 87 11.06 3.82 -0.50
N VAL B 88 12.01 4.27 -1.31
CA VAL B 88 11.90 4.14 -2.76
C VAL B 88 11.79 2.67 -3.16
N LYS B 89 12.74 1.86 -2.68
CA LYS B 89 12.77 0.42 -2.99
C LYS B 89 11.59 -0.27 -2.33
N GLU B 90 11.21 0.21 -1.16
CA GLU B 90 10.07 -0.32 -0.43
C GLU B 90 8.81 -0.07 -1.23
N ARG B 91 8.67 1.16 -1.73
CA ARG B 91 7.54 1.54 -2.56
C ARG B 91 7.44 0.56 -3.72
N ASP B 92 8.59 0.35 -4.32
CA ASP B 92 8.73 -0.55 -5.44
C ASP B 92 8.40 -1.99 -5.08
N ALA B 93 8.90 -2.48 -3.96
CA ALA B 93 8.64 -3.85 -3.54
C ALA B 93 7.16 -4.06 -3.22
N VAL B 94 6.54 -3.09 -2.53
CA VAL B 94 5.12 -3.18 -2.21
C VAL B 94 4.36 -3.23 -3.53
N LYS B 95 4.76 -2.34 -4.44
CA LYS B 95 4.19 -2.26 -5.78
C LYS B 95 4.31 -3.60 -6.49
N ASP B 96 5.55 -4.06 -6.55
CA ASP B 96 5.91 -5.32 -7.18
C ASP B 96 5.12 -6.49 -6.64
N LEU B 97 5.13 -6.64 -5.33
CA LEU B 97 4.45 -7.74 -4.66
C LEU B 97 2.94 -7.63 -4.86
N LEU B 98 2.45 -6.41 -5.03
CA LEU B 98 1.01 -6.21 -5.21
C LEU B 98 0.61 -6.53 -6.64
N GLN B 99 1.38 -6.04 -7.62
CA GLN B 99 1.09 -6.32 -9.03
C GLN B 99 1.21 -7.82 -9.28
N GLN B 100 1.89 -8.46 -8.34
CA GLN B 100 2.12 -9.90 -8.35
C GLN B 100 0.98 -10.64 -7.65
N LEU B 101 0.67 -10.12 -6.48
CA LEU B 101 -0.33 -10.69 -5.58
C LEU B 101 -1.79 -10.30 -5.87
N LEU B 102 -2.03 -9.04 -6.20
CA LEU B 102 -3.39 -8.54 -6.43
C LEU B 102 -4.23 -9.38 -7.43
N PRO B 103 -3.70 -9.67 -8.64
CA PRO B 103 -4.46 -10.43 -9.65
C PRO B 103 -4.77 -11.88 -9.29
N LYS B 104 -4.00 -12.48 -8.38
CA LYS B 104 -4.23 -13.87 -8.02
C LYS B 104 -5.49 -14.05 -7.15
N PHE B 105 -6.19 -12.96 -6.90
CA PHE B 105 -7.42 -12.99 -6.11
C PHE B 105 -8.63 -12.82 -7.00
N LYS B 106 -8.39 -12.73 -8.30
CA LYS B 106 -9.45 -12.54 -9.27
C LYS B 106 -9.29 -13.53 -10.41
N ARG B 107 -10.17 -13.48 -11.41
CA ARG B 107 -10.10 -14.41 -12.53
C ARG B 107 -10.77 -13.86 -13.79
N LYS B 108 -10.09 -12.96 -14.48
CA LYS B 108 -10.60 -12.37 -15.71
C LYS B 108 -9.70 -12.75 -16.88
N ALA B 109 -8.46 -12.24 -16.87
CA ALA B 109 -7.52 -12.53 -17.94
C ALA B 109 -6.23 -13.16 -17.40
N ASN B 110 -6.30 -13.66 -16.19
CA ASN B 110 -5.14 -14.30 -15.57
C ASN B 110 -5.43 -15.78 -15.32
N TYR A 1 -6.30 15.43 -0.75
CA TYR A 1 -7.59 15.96 -1.24
C TYR A 1 -8.74 15.02 -0.84
N VAL A 2 -9.78 14.99 -1.67
CA VAL A 2 -10.93 14.13 -1.41
C VAL A 2 -10.53 12.66 -1.51
N GLY A 3 -11.01 11.84 -0.57
CA GLY A 3 -10.67 10.43 -0.57
C GLY A 3 -9.35 10.19 0.13
N GLU A 4 -8.29 10.70 -0.48
CA GLU A 4 -6.96 10.56 0.09
C GLU A 4 -6.35 11.95 0.31
N ASP A 5 -5.83 12.16 1.51
CA ASP A 5 -5.25 13.45 1.88
C ASP A 5 -3.94 13.27 2.62
N ASP A 6 -3.19 12.21 2.36
CA ASP A 6 -1.93 12.00 3.08
C ASP A 6 -1.02 13.22 2.99
N GLU A 7 -0.95 13.83 1.80
CA GLU A 7 -0.14 15.03 1.59
C GLU A 7 -0.10 15.39 0.10
N GLU A 8 1.01 15.05 -0.57
CA GLU A 8 1.14 15.32 -1.99
C GLU A 8 0.99 14.02 -2.76
N ASP A 9 -0.15 13.84 -3.37
CA ASP A 9 -0.44 12.63 -4.12
C ASP A 9 -1.01 12.95 -5.49
N ASP A 10 -0.14 13.23 -6.44
CA ASP A 10 -0.57 13.59 -7.78
C ASP A 10 0.24 12.95 -8.89
N ASP A 11 1.57 12.99 -8.79
CA ASP A 11 2.44 12.39 -9.80
C ASP A 11 2.43 10.87 -9.69
N PHE A 12 1.48 10.39 -8.91
CA PHE A 12 1.28 8.99 -8.66
C PHE A 12 1.14 8.22 -9.98
N ASN A 13 2.02 7.26 -10.18
CA ASN A 13 2.02 6.45 -11.38
C ASN A 13 1.05 5.32 -11.21
N GLU A 14 0.26 5.06 -12.22
CA GLU A 14 -0.74 4.02 -12.13
C GLU A 14 -0.95 3.26 -13.42
N ASN A 15 -1.57 2.11 -13.27
CA ASN A 15 -1.95 1.23 -14.34
C ASN A 15 -3.40 0.87 -14.08
N ASP A 16 -4.21 0.66 -15.10
CA ASP A 16 -5.60 0.34 -14.88
C ASP A 16 -5.76 -0.95 -14.08
N GLU A 17 -5.23 -2.04 -14.66
CA GLU A 17 -5.30 -3.39 -14.07
C GLU A 17 -6.59 -3.59 -13.28
N ASP A 18 -7.71 -3.23 -13.90
CA ASP A 18 -9.03 -3.35 -13.28
C ASP A 18 -9.16 -4.70 -12.61
N ASP A 19 -8.81 -5.74 -13.38
CA ASP A 19 -8.83 -7.12 -12.93
C ASP A 19 -10.03 -7.42 -12.03
N MET B 3 1.61 -13.64 11.43
CA MET B 3 2.03 -14.84 10.67
C MET B 3 1.86 -16.09 11.52
N ALA B 4 1.68 -17.23 10.89
CA ALA B 4 1.49 -18.49 11.58
C ALA B 4 1.65 -19.66 10.62
N THR B 5 0.71 -19.78 9.69
CA THR B 5 0.75 -20.85 8.70
C THR B 5 -0.07 -20.46 7.47
N SER B 6 0.61 -19.82 6.50
CA SER B 6 0.00 -19.38 5.25
C SER B 6 -0.93 -18.18 5.45
N SER B 7 -1.92 -18.35 6.33
CA SER B 7 -2.85 -17.28 6.62
C SER B 7 -2.20 -16.23 7.52
N GLU B 8 -2.28 -14.97 7.11
CA GLU B 8 -1.72 -13.85 7.86
C GLU B 8 -0.19 -13.89 7.79
N GLU B 9 0.31 -14.57 6.76
CA GLU B 9 1.74 -14.69 6.57
C GLU B 9 2.31 -13.39 6.00
N VAL B 10 3.15 -12.74 6.78
CA VAL B 10 3.75 -11.49 6.36
C VAL B 10 4.95 -11.78 5.49
N LEU B 11 4.88 -11.36 4.24
CA LEU B 11 5.96 -11.60 3.29
C LEU B 11 6.88 -10.39 3.20
N LEU B 12 6.31 -9.20 3.41
CA LEU B 12 7.09 -7.98 3.32
C LEU B 12 6.83 -7.06 4.51
N ILE B 13 7.89 -6.71 5.22
CA ILE B 13 7.78 -5.80 6.35
C ILE B 13 8.42 -4.49 5.97
N VAL B 14 7.63 -3.44 5.97
CA VAL B 14 8.11 -2.13 5.63
C VAL B 14 8.08 -1.25 6.86
N LYS B 15 9.00 -0.33 6.94
CA LYS B 15 9.06 0.55 8.08
C LYS B 15 8.66 1.95 7.67
N LYS B 16 8.73 2.86 8.64
CA LYS B 16 8.35 4.27 8.46
C LYS B 16 7.45 4.50 7.24
N VAL B 17 6.20 4.08 7.39
CA VAL B 17 5.19 4.24 6.35
C VAL B 17 4.00 5.01 6.90
N ARG B 18 3.68 6.11 6.27
CA ARG B 18 2.57 6.94 6.69
C ARG B 18 1.31 6.63 5.91
N GLN B 19 0.22 6.43 6.60
CA GLN B 19 -1.05 6.15 5.98
C GLN B 19 -2.06 7.21 6.39
N LYS B 20 -2.33 8.14 5.49
CA LYS B 20 -3.27 9.22 5.74
C LYS B 20 -2.87 10.07 6.95
N LYS B 21 -1.73 10.76 6.82
CA LYS B 21 -1.22 11.68 7.85
C LYS B 21 -0.76 10.99 9.15
N GLN B 22 -0.39 9.71 9.11
CA GLN B 22 0.08 9.02 10.31
C GLN B 22 1.16 8.00 9.98
N ASP B 23 2.25 8.02 10.72
CA ASP B 23 3.39 7.13 10.49
C ASP B 23 3.23 5.77 11.18
N GLY B 24 3.88 4.76 10.63
CA GLY B 24 3.82 3.42 11.18
C GLY B 24 4.65 2.41 10.39
N ALA B 25 4.29 1.14 10.52
CA ALA B 25 4.99 0.05 9.83
C ALA B 25 4.01 -0.73 8.96
N LEU B 26 4.41 -1.02 7.75
CA LEU B 26 3.57 -1.74 6.80
C LEU B 26 3.96 -3.22 6.73
N TYR B 27 2.98 -4.10 6.63
CA TYR B 27 3.25 -5.54 6.56
C TYR B 27 2.38 -6.17 5.48
N LEU B 28 2.99 -6.61 4.40
CA LEU B 28 2.25 -7.23 3.31
C LEU B 28 2.14 -8.72 3.53
N MET B 29 0.91 -9.21 3.62
CA MET B 29 0.65 -10.62 3.82
C MET B 29 0.25 -11.27 2.51
N ALA B 30 0.36 -12.58 2.47
CA ALA B 30 0.05 -13.35 1.28
C ALA B 30 -1.36 -13.09 0.76
N GLU B 31 -2.29 -12.75 1.64
CA GLU B 31 -3.67 -12.54 1.22
C GLU B 31 -4.10 -11.06 1.32
N ARG B 32 -3.35 -10.25 2.05
CA ARG B 32 -3.75 -8.87 2.24
C ARG B 32 -2.59 -7.96 2.64
N ILE B 33 -2.80 -6.68 2.46
CA ILE B 33 -1.82 -5.68 2.84
C ILE B 33 -2.24 -5.07 4.16
N ALA B 34 -1.45 -5.28 5.20
CA ALA B 34 -1.76 -4.76 6.52
C ALA B 34 -0.74 -3.72 6.94
N TRP B 35 -1.18 -2.78 7.74
CA TRP B 35 -0.30 -1.73 8.23
C TRP B 35 -0.71 -1.31 9.64
N ALA B 36 0.27 -1.03 10.48
CA ALA B 36 0.01 -0.61 11.85
C ALA B 36 0.77 0.67 12.17
N PRO B 37 0.12 1.63 12.85
CA PRO B 37 0.75 2.90 13.21
C PRO B 37 1.91 2.72 14.19
N GLU B 38 2.80 3.69 14.22
CA GLU B 38 3.98 3.65 15.08
C GLU B 38 3.61 3.44 16.55
N GLY B 39 4.13 2.37 17.12
CA GLY B 39 3.89 2.06 18.52
C GLY B 39 2.46 1.61 18.78
N LYS B 40 1.84 0.97 17.80
CA LYS B 40 0.48 0.47 17.97
C LYS B 40 0.47 -1.05 17.93
N ASP B 41 -0.28 -1.65 18.84
CA ASP B 41 -0.38 -3.10 18.93
C ASP B 41 -1.45 -3.64 17.97
N ARG B 42 -2.30 -2.76 17.48
CA ARG B 42 -3.36 -3.16 16.57
C ARG B 42 -3.12 -2.65 15.16
N PHE B 43 -3.38 -3.50 14.18
CA PHE B 43 -3.24 -3.11 12.80
C PHE B 43 -4.53 -2.38 12.41
N THR B 44 -4.41 -1.14 12.00
CA THR B 44 -5.59 -0.37 11.62
C THR B 44 -5.80 -0.41 10.12
N ILE B 45 -4.86 -0.99 9.41
CA ILE B 45 -4.95 -1.11 7.97
C ILE B 45 -4.93 -2.57 7.56
N SER B 46 -6.00 -3.01 6.95
CA SER B 46 -6.11 -4.38 6.49
C SER B 46 -6.98 -4.41 5.24
N HIS B 47 -6.34 -4.51 4.08
CA HIS B 47 -7.06 -4.54 2.82
C HIS B 47 -6.71 -5.80 2.06
N MET B 48 -7.73 -6.52 1.63
CA MET B 48 -7.50 -7.74 0.88
C MET B 48 -7.18 -7.38 -0.56
N TYR B 49 -6.25 -8.10 -1.16
CA TYR B 49 -5.85 -7.85 -2.55
C TYR B 49 -7.04 -7.92 -3.48
N ALA B 50 -8.06 -8.66 -3.06
CA ALA B 50 -9.27 -8.83 -3.85
C ALA B 50 -10.10 -7.55 -3.91
N ASP B 51 -10.02 -6.71 -2.87
CA ASP B 51 -10.78 -5.47 -2.81
C ASP B 51 -9.99 -4.32 -3.43
N ILE B 52 -8.76 -4.60 -3.81
CA ILE B 52 -7.94 -3.59 -4.42
C ILE B 52 -8.19 -3.61 -5.94
N LYS B 53 -8.47 -2.47 -6.52
CA LYS B 53 -8.74 -2.42 -7.95
C LYS B 53 -7.42 -2.30 -8.69
N CYS B 54 -6.56 -1.44 -8.18
CA CYS B 54 -5.28 -1.17 -8.77
C CYS B 54 -4.40 -0.50 -7.71
N GLN B 55 -3.19 -0.14 -8.09
CA GLN B 55 -2.29 0.50 -7.15
C GLN B 55 -1.46 1.58 -7.83
N LYS B 56 -1.19 2.67 -7.13
CA LYS B 56 -0.37 3.73 -7.69
C LYS B 56 0.93 3.80 -6.92
N ILE B 57 1.97 4.27 -7.56
CA ILE B 57 3.25 4.45 -6.91
C ILE B 57 3.76 5.86 -7.25
N SER B 58 4.07 6.64 -6.23
CA SER B 58 4.55 7.98 -6.48
C SER B 58 6.06 7.94 -6.61
N PRO B 59 6.53 8.28 -7.82
CA PRO B 59 7.94 8.26 -8.23
C PRO B 59 8.82 9.26 -7.49
N GLU B 60 10.11 9.13 -7.75
CA GLU B 60 11.10 10.01 -7.18
C GLU B 60 10.86 11.44 -7.66
N GLY B 61 11.38 12.40 -6.93
CA GLY B 61 11.18 13.79 -7.26
C GLY B 61 10.33 14.45 -6.19
N LYS B 62 9.48 13.65 -5.57
CA LYS B 62 8.67 14.12 -4.47
C LYS B 62 9.50 14.09 -3.21
N ALA B 63 9.13 14.89 -2.25
CA ALA B 63 9.86 14.92 -0.99
C ALA B 63 9.55 13.68 -0.20
N LYS B 64 8.46 13.04 -0.58
CA LYS B 64 8.03 11.84 0.07
C LYS B 64 7.64 10.78 -0.95
N ILE B 65 8.32 9.64 -0.91
CA ILE B 65 8.02 8.53 -1.81
C ILE B 65 6.71 7.89 -1.37
N GLN B 66 5.80 7.61 -2.29
CA GLN B 66 4.51 7.06 -1.89
C GLN B 66 4.01 5.93 -2.76
N LEU B 67 3.04 5.23 -2.20
CA LEU B 67 2.35 4.16 -2.86
C LEU B 67 0.87 4.33 -2.51
N GLN B 68 -0.05 3.90 -3.33
CA GLN B 68 -1.46 4.04 -2.97
C GLN B 68 -2.28 2.86 -3.46
N LEU B 69 -3.18 2.43 -2.60
CA LEU B 69 -4.07 1.33 -2.90
C LEU B 69 -5.38 1.86 -3.45
N VAL B 70 -5.58 1.71 -4.74
CA VAL B 70 -6.80 2.18 -5.36
C VAL B 70 -7.80 1.05 -5.38
N LEU B 71 -8.86 1.20 -4.60
CA LEU B 71 -9.86 0.16 -4.48
C LEU B 71 -11.08 0.43 -5.32
N HIS B 72 -11.84 -0.63 -5.61
CA HIS B 72 -13.06 -0.48 -6.38
C HIS B 72 -14.15 0.05 -5.49
N ALA B 73 -13.82 0.14 -4.20
CA ALA B 73 -14.71 0.64 -3.18
C ALA B 73 -14.87 2.16 -3.29
N GLY B 74 -14.07 2.75 -4.17
CA GLY B 74 -14.12 4.20 -4.36
C GLY B 74 -13.17 4.92 -3.44
N ASP B 75 -12.26 4.17 -2.84
CA ASP B 75 -11.28 4.75 -1.92
C ASP B 75 -9.86 4.40 -2.33
N THR B 76 -8.92 5.23 -1.91
CA THR B 76 -7.53 5.03 -2.20
C THR B 76 -6.73 5.14 -0.90
N THR B 77 -5.87 4.18 -0.66
CA THR B 77 -5.07 4.16 0.55
C THR B 77 -3.61 4.54 0.27
N ASN B 78 -3.22 5.76 0.64
CA ASN B 78 -1.84 6.22 0.42
C ASN B 78 -0.90 5.72 1.49
N PHE B 79 0.27 5.30 1.05
CA PHE B 79 1.31 4.83 1.93
C PHE B 79 2.58 5.61 1.64
N HIS B 80 2.87 6.54 2.51
CA HIS B 80 4.03 7.40 2.39
C HIS B 80 5.23 6.73 3.04
N PHE B 81 6.23 6.44 2.23
CA PHE B 81 7.45 5.83 2.71
C PHE B 81 8.38 6.88 3.28
N SER B 82 8.32 7.10 4.59
CA SER B 82 9.14 8.10 5.24
C SER B 82 10.50 7.52 5.66
N ASN B 83 10.75 6.25 5.35
CA ASN B 83 12.03 5.63 5.68
C ASN B 83 13.09 6.07 4.67
N GLU B 84 13.77 7.16 5.00
CA GLU B 84 14.81 7.77 4.15
C GLU B 84 15.80 6.76 3.56
N SER B 85 16.13 5.73 4.30
CA SER B 85 17.10 4.73 3.86
C SER B 85 16.69 3.98 2.59
N THR B 86 15.57 3.29 2.61
CA THR B 86 15.19 2.51 1.44
C THR B 86 13.76 2.78 0.95
N ALA B 87 13.15 3.86 1.40
CA ALA B 87 11.77 4.21 1.02
C ALA B 87 11.46 4.02 -0.46
N VAL B 88 12.37 4.49 -1.31
CA VAL B 88 12.19 4.37 -2.75
C VAL B 88 12.04 2.91 -3.19
N LYS B 89 13.01 2.08 -2.78
CA LYS B 89 13.00 0.67 -3.15
C LYS B 89 11.97 -0.09 -2.32
N GLU B 90 11.65 0.44 -1.16
CA GLU B 90 10.63 -0.16 -0.32
C GLU B 90 9.29 0.01 -1.03
N ARG B 91 9.12 1.19 -1.63
CA ARG B 91 7.94 1.49 -2.42
C ARG B 91 7.84 0.49 -3.55
N ASP B 92 8.98 0.30 -4.18
CA ASP B 92 9.14 -0.60 -5.29
C ASP B 92 8.75 -2.03 -4.93
N ALA B 93 9.26 -2.53 -3.80
CA ALA B 93 8.94 -3.90 -3.36
C ALA B 93 7.47 -4.05 -3.02
N VAL B 94 6.89 -3.06 -2.33
CA VAL B 94 5.46 -3.10 -2.00
C VAL B 94 4.68 -3.13 -3.31
N LYS B 95 5.12 -2.28 -4.24
CA LYS B 95 4.55 -2.19 -5.57
C LYS B 95 4.64 -3.54 -6.27
N ASP B 96 5.84 -4.07 -6.29
CA ASP B 96 6.16 -5.35 -6.91
C ASP B 96 5.34 -6.48 -6.33
N LEU B 97 5.39 -6.63 -5.02
CA LEU B 97 4.65 -7.68 -4.34
C LEU B 97 3.16 -7.54 -4.59
N LEU B 98 2.66 -6.31 -4.61
CA LEU B 98 1.23 -6.07 -4.88
C LEU B 98 0.92 -6.36 -6.33
N GLN B 99 1.78 -5.92 -7.23
CA GLN B 99 1.60 -6.17 -8.67
C GLN B 99 1.63 -7.67 -8.93
N GLN B 100 2.28 -8.36 -8.02
CA GLN B 100 2.42 -9.79 -8.04
C GLN B 100 1.23 -10.48 -7.39
N LEU B 101 0.91 -9.99 -6.22
CA LEU B 101 -0.14 -10.52 -5.38
C LEU B 101 -1.57 -10.10 -5.76
N LEU B 102 -1.76 -8.83 -6.08
CA LEU B 102 -3.09 -8.31 -6.41
C LEU B 102 -3.82 -9.14 -7.48
N PRO B 103 -3.27 -9.29 -8.70
CA PRO B 103 -3.93 -10.07 -9.76
C PRO B 103 -4.11 -11.54 -9.42
N LYS B 104 -3.39 -12.02 -8.40
CA LYS B 104 -3.49 -13.41 -7.99
C LYS B 104 -4.75 -13.62 -7.15
N PHE B 105 -5.33 -12.51 -6.68
CA PHE B 105 -6.54 -12.54 -5.88
C PHE B 105 -7.63 -11.73 -6.57
N LYS B 106 -7.37 -11.40 -7.82
CA LYS B 106 -8.30 -10.61 -8.61
C LYS B 106 -8.70 -11.37 -9.87
N ARG B 107 -9.69 -10.85 -10.57
CA ARG B 107 -10.21 -11.46 -11.78
C ARG B 107 -11.35 -10.62 -12.33
N LYS B 108 -12.19 -10.16 -11.40
CA LYS B 108 -13.33 -9.30 -11.72
C LYS B 108 -14.13 -9.06 -10.45
N ALA B 109 -13.67 -8.11 -9.64
CA ALA B 109 -14.35 -7.77 -8.40
C ALA B 109 -15.17 -6.50 -8.58
N ASN B 110 -15.35 -6.14 -9.83
CA ASN B 110 -16.09 -4.96 -10.23
C ASN B 110 -16.25 -4.98 -11.74
N TYR A 1 -5.70 17.81 1.59
CA TYR A 1 -6.61 18.66 0.77
C TYR A 1 -7.94 17.93 0.55
N VAL A 2 -8.62 18.24 -0.54
CA VAL A 2 -9.88 17.59 -0.85
C VAL A 2 -9.65 16.14 -1.24
N GLY A 3 -10.26 15.22 -0.50
CA GLY A 3 -10.09 13.81 -0.78
C GLY A 3 -8.91 13.26 -0.03
N GLU A 4 -7.72 13.49 -0.56
CA GLU A 4 -6.50 13.02 0.07
C GLU A 4 -5.84 14.15 0.85
N ASP A 5 -5.14 13.80 1.92
CA ASP A 5 -4.48 14.79 2.76
C ASP A 5 -3.09 14.34 3.12
N ASP A 6 -2.54 13.35 2.43
CA ASP A 6 -1.20 12.86 2.75
C ASP A 6 -0.11 13.80 2.24
N GLU A 7 -0.53 15.03 1.92
CA GLU A 7 0.31 16.14 1.43
C GLU A 7 0.22 16.32 -0.08
N GLU A 8 0.81 15.41 -0.84
CA GLU A 8 0.78 15.48 -2.30
C GLU A 8 0.62 14.10 -2.91
N ASP A 9 -0.48 13.89 -3.60
CA ASP A 9 -0.77 12.61 -4.22
C ASP A 9 -1.41 12.81 -5.57
N ASP A 10 -0.61 13.03 -6.59
CA ASP A 10 -1.12 13.28 -7.94
C ASP A 10 -0.33 12.57 -9.03
N ASP A 11 1.00 12.66 -8.98
CA ASP A 11 1.85 11.99 -9.98
C ASP A 11 1.86 10.48 -9.73
N PHE A 12 0.94 10.08 -8.86
CA PHE A 12 0.73 8.72 -8.48
C PHE A 12 0.36 7.87 -9.69
N ASN A 13 1.21 6.91 -10.04
CA ASN A 13 0.98 6.05 -11.20
C ASN A 13 0.58 4.64 -10.79
N GLU A 14 -0.49 4.13 -11.37
CA GLU A 14 -0.94 2.76 -11.08
C GLU A 14 -0.67 1.86 -12.28
N ASN A 15 -1.72 1.44 -12.98
CA ASN A 15 -1.53 0.58 -14.14
C ASN A 15 -2.66 0.75 -15.17
N ASP A 16 -2.60 -0.04 -16.21
CA ASP A 16 -3.55 0.02 -17.34
C ASP A 16 -4.96 -0.48 -17.02
N GLU A 17 -5.09 -1.48 -16.17
CA GLU A 17 -6.41 -2.04 -15.86
C GLU A 17 -7.24 -1.11 -14.97
N ASP A 18 -8.54 -1.41 -14.94
CA ASP A 18 -9.50 -0.66 -14.14
C ASP A 18 -10.62 -1.60 -13.73
N ASP A 19 -10.24 -2.72 -13.10
CA ASP A 19 -11.19 -3.73 -12.66
C ASP A 19 -11.40 -3.67 -11.15
N MET B 3 -2.52 -18.47 3.79
CA MET B 3 -1.86 -19.74 3.40
C MET B 3 -1.91 -20.73 4.55
N ALA B 4 -1.22 -20.39 5.63
CA ALA B 4 -1.19 -21.21 6.82
C ALA B 4 -2.29 -20.73 7.76
N THR B 5 -2.54 -19.43 7.67
CA THR B 5 -3.58 -18.78 8.43
C THR B 5 -4.52 -18.08 7.47
N SER B 6 -5.37 -17.19 7.98
CA SER B 6 -6.29 -16.46 7.14
C SER B 6 -5.51 -15.58 6.17
N SER B 7 -4.66 -14.72 6.73
CA SER B 7 -3.81 -13.81 5.97
C SER B 7 -2.95 -13.00 6.93
N GLU B 8 -2.23 -13.68 7.81
CA GLU B 8 -1.40 -13.00 8.81
C GLU B 8 0.06 -13.25 8.53
N GLU B 9 0.30 -14.05 7.53
CA GLU B 9 1.65 -14.40 7.10
C GLU B 9 2.27 -13.24 6.35
N VAL B 10 3.14 -12.50 7.02
CA VAL B 10 3.78 -11.34 6.44
C VAL B 10 4.98 -11.75 5.59
N LEU B 11 4.91 -11.39 4.31
CA LEU B 11 5.99 -11.70 3.39
C LEU B 11 6.91 -10.49 3.24
N LEU B 12 6.33 -9.31 3.36
CA LEU B 12 7.10 -8.08 3.23
C LEU B 12 6.86 -7.13 4.39
N ILE B 13 7.92 -6.81 5.11
CA ILE B 13 7.82 -5.87 6.23
C ILE B 13 8.39 -4.54 5.80
N VAL B 14 7.57 -3.52 5.85
CA VAL B 14 7.96 -2.19 5.46
C VAL B 14 8.02 -1.31 6.70
N LYS B 15 8.91 -0.33 6.66
CA LYS B 15 9.07 0.55 7.79
C LYS B 15 8.64 1.96 7.42
N LYS B 16 8.75 2.85 8.40
CA LYS B 16 8.36 4.27 8.29
C LYS B 16 7.43 4.54 7.11
N VAL B 17 6.19 4.09 7.27
CA VAL B 17 5.16 4.28 6.26
C VAL B 17 4.04 5.12 6.86
N ARG B 18 3.74 6.21 6.20
CA ARG B 18 2.71 7.12 6.66
C ARG B 18 1.38 6.88 5.97
N GLN B 19 0.34 6.75 6.77
CA GLN B 19 -1.01 6.58 6.25
C GLN B 19 -1.87 7.69 6.84
N LYS B 20 -2.17 8.69 6.03
CA LYS B 20 -2.99 9.83 6.44
C LYS B 20 -2.22 10.72 7.40
N LYS B 21 -0.96 11.00 7.03
CA LYS B 21 -0.07 11.85 7.82
C LYS B 21 0.29 11.18 9.15
N GLN B 22 0.17 9.86 9.18
CA GLN B 22 0.48 9.08 10.37
C GLN B 22 1.53 8.04 10.05
N ASP B 23 2.67 8.11 10.73
CA ASP B 23 3.78 7.19 10.47
C ASP B 23 3.60 5.85 11.16
N GLY B 24 4.20 4.81 10.58
CA GLY B 24 4.10 3.47 11.13
C GLY B 24 4.89 2.46 10.33
N ALA B 25 4.48 1.20 10.39
CA ALA B 25 5.14 0.11 9.67
C ALA B 25 4.11 -0.69 8.88
N LEU B 26 4.42 -0.93 7.62
CA LEU B 26 3.53 -1.65 6.72
C LEU B 26 3.94 -3.13 6.64
N TYR B 27 2.96 -4.02 6.58
CA TYR B 27 3.24 -5.46 6.51
C TYR B 27 2.34 -6.10 5.45
N LEU B 28 2.95 -6.71 4.45
CA LEU B 28 2.17 -7.34 3.38
C LEU B 28 2.08 -8.84 3.60
N MET B 29 0.87 -9.33 3.83
CA MET B 29 0.63 -10.74 4.02
C MET B 29 0.28 -11.39 2.70
N ALA B 30 0.38 -12.72 2.66
CA ALA B 30 0.12 -13.47 1.45
C ALA B 30 -1.24 -13.16 0.80
N GLU B 31 -2.27 -12.98 1.61
CA GLU B 31 -3.60 -12.71 1.07
C GLU B 31 -4.09 -11.28 1.33
N ARG B 32 -3.33 -10.48 2.08
CA ARG B 32 -3.80 -9.12 2.38
C ARG B 32 -2.67 -8.21 2.83
N ILE B 33 -2.90 -6.91 2.69
CA ILE B 33 -1.94 -5.90 3.10
C ILE B 33 -2.42 -5.23 4.39
N ALA B 34 -1.54 -5.17 5.38
CA ALA B 34 -1.87 -4.56 6.64
C ALA B 34 -0.81 -3.56 7.05
N TRP B 35 -1.20 -2.57 7.84
CA TRP B 35 -0.27 -1.56 8.28
C TRP B 35 -0.64 -1.09 9.69
N ALA B 36 0.36 -0.84 10.52
CA ALA B 36 0.13 -0.39 11.88
C ALA B 36 0.94 0.86 12.18
N PRO B 37 0.37 1.79 12.98
CA PRO B 37 1.05 3.02 13.36
C PRO B 37 2.28 2.75 14.22
N GLU B 38 3.26 3.65 14.17
CA GLU B 38 4.48 3.49 14.94
C GLU B 38 4.17 3.56 16.42
N GLY B 39 4.41 2.45 17.12
CA GLY B 39 4.16 2.40 18.55
C GLY B 39 2.83 1.75 18.86
N LYS B 40 2.19 1.17 17.86
CA LYS B 40 0.90 0.51 18.07
C LYS B 40 1.04 -1.00 18.05
N ASP B 41 0.24 -1.62 18.89
CA ASP B 41 0.21 -3.07 19.06
C ASP B 41 -0.70 -3.74 18.05
N ARG B 42 -1.64 -2.97 17.51
CA ARG B 42 -2.59 -3.51 16.54
C ARG B 42 -2.53 -2.75 15.23
N PHE B 43 -2.84 -3.46 14.15
CA PHE B 43 -2.84 -2.86 12.82
C PHE B 43 -4.14 -2.08 12.60
N THR B 44 -4.03 -0.96 11.90
CA THR B 44 -5.18 -0.13 11.60
C THR B 44 -5.63 -0.32 10.15
N ILE B 45 -4.68 -0.72 9.32
CA ILE B 45 -4.94 -0.94 7.91
C ILE B 45 -5.02 -2.43 7.62
N SER B 46 -6.13 -2.86 7.02
CA SER B 46 -6.31 -4.26 6.66
C SER B 46 -7.17 -4.36 5.40
N HIS B 47 -6.52 -4.61 4.27
CA HIS B 47 -7.22 -4.74 3.01
C HIS B 47 -6.78 -6.01 2.30
N MET B 48 -7.71 -6.73 1.71
CA MET B 48 -7.37 -7.95 0.99
C MET B 48 -7.08 -7.62 -0.46
N TYR B 49 -6.15 -8.33 -1.05
CA TYR B 49 -5.76 -8.11 -2.46
C TYR B 49 -6.94 -8.26 -3.40
N ALA B 50 -7.95 -9.01 -2.98
CA ALA B 50 -9.13 -9.24 -3.78
C ALA B 50 -9.98 -7.97 -3.92
N ASP B 51 -9.88 -7.07 -2.94
CA ASP B 51 -10.65 -5.83 -2.96
C ASP B 51 -9.82 -4.69 -3.52
N ILE B 52 -8.56 -4.95 -3.77
CA ILE B 52 -7.69 -3.93 -4.32
C ILE B 52 -7.80 -3.98 -5.83
N LYS B 53 -8.08 -2.85 -6.44
CA LYS B 53 -8.23 -2.77 -7.87
C LYS B 53 -6.87 -2.68 -8.51
N CYS B 54 -6.01 -1.91 -7.85
CA CYS B 54 -4.67 -1.69 -8.30
C CYS B 54 -3.94 -0.89 -7.24
N GLN B 55 -2.70 -0.56 -7.50
CA GLN B 55 -1.93 0.23 -6.57
C GLN B 55 -1.13 1.29 -7.30
N LYS B 56 -1.07 2.49 -6.76
CA LYS B 56 -0.31 3.56 -7.39
C LYS B 56 1.01 3.74 -6.66
N ILE B 57 2.01 4.19 -7.37
CA ILE B 57 3.28 4.49 -6.76
C ILE B 57 3.65 5.89 -7.18
N SER B 58 3.99 6.73 -6.22
CA SER B 58 4.36 8.10 -6.52
C SER B 58 5.86 8.13 -6.76
N PRO B 59 6.22 8.44 -8.02
CA PRO B 59 7.59 8.48 -8.53
C PRO B 59 8.43 9.62 -7.97
N GLU B 60 9.71 9.58 -8.30
CA GLU B 60 10.66 10.59 -7.89
C GLU B 60 10.23 11.96 -8.40
N GLY B 61 10.72 13.00 -7.75
CA GLY B 61 10.34 14.34 -8.10
C GLY B 61 9.55 14.95 -6.97
N LYS B 62 8.86 14.07 -6.25
CA LYS B 62 8.09 14.47 -5.09
C LYS B 62 9.01 14.49 -3.89
N ALA B 63 8.60 15.19 -2.87
CA ALA B 63 9.40 15.25 -1.66
C ALA B 63 9.18 14.01 -0.85
N LYS B 64 8.15 13.28 -1.21
CA LYS B 64 7.80 12.07 -0.53
C LYS B 64 7.57 10.92 -1.50
N ILE B 65 8.24 9.81 -1.26
CA ILE B 65 8.04 8.62 -2.07
C ILE B 65 6.76 7.98 -1.58
N GLN B 66 5.79 7.73 -2.46
CA GLN B 66 4.50 7.22 -1.99
C GLN B 66 3.97 6.05 -2.78
N LEU B 67 3.02 5.38 -2.16
CA LEU B 67 2.30 4.27 -2.74
C LEU B 67 0.84 4.39 -2.33
N GLN B 68 -0.10 3.87 -3.10
CA GLN B 68 -1.50 3.95 -2.71
C GLN B 68 -2.28 2.72 -3.17
N LEU B 69 -3.22 2.32 -2.35
CA LEU B 69 -4.07 1.18 -2.65
C LEU B 69 -5.37 1.64 -3.29
N VAL B 70 -5.51 1.43 -4.57
CA VAL B 70 -6.72 1.83 -5.26
C VAL B 70 -7.68 0.65 -5.29
N LEU B 71 -8.86 0.84 -4.75
CA LEU B 71 -9.84 -0.24 -4.69
C LEU B 71 -10.99 -0.02 -5.64
N HIS B 72 -11.63 -1.11 -6.04
CA HIS B 72 -12.78 -1.04 -6.94
C HIS B 72 -14.00 -0.58 -6.15
N ALA B 73 -13.79 -0.46 -4.84
CA ALA B 73 -14.81 -0.01 -3.92
C ALA B 73 -14.99 1.50 -4.00
N GLY B 74 -14.16 2.14 -4.81
CA GLY B 74 -14.22 3.58 -4.96
C GLY B 74 -13.42 4.28 -3.88
N ASP B 75 -12.49 3.54 -3.29
CA ASP B 75 -11.65 4.07 -2.22
C ASP B 75 -10.18 3.87 -2.56
N THR B 76 -9.33 4.69 -1.94
CA THR B 76 -7.89 4.61 -2.17
C THR B 76 -7.16 4.81 -0.83
N THR B 77 -6.22 3.93 -0.55
CA THR B 77 -5.44 4.01 0.68
C THR B 77 -4.01 4.44 0.38
N ASN B 78 -3.69 5.71 0.64
CA ASN B 78 -2.35 6.21 0.36
C ASN B 78 -1.38 5.88 1.47
N PHE B 79 -0.17 5.49 1.06
CA PHE B 79 0.90 5.13 1.97
C PHE B 79 2.17 5.88 1.61
N HIS B 80 2.57 6.80 2.46
CA HIS B 80 3.76 7.59 2.24
C HIS B 80 4.98 6.87 2.82
N PHE B 81 5.95 6.60 1.96
CA PHE B 81 7.17 5.92 2.38
C PHE B 81 8.15 6.95 2.92
N SER B 82 8.13 7.16 4.24
CA SER B 82 9.01 8.13 4.88
C SER B 82 10.29 7.51 5.43
N ASN B 83 10.59 6.27 5.03
CA ASN B 83 11.79 5.60 5.50
C ASN B 83 12.99 5.97 4.62
N GLU B 84 13.71 6.98 5.06
CA GLU B 84 14.88 7.52 4.35
C GLU B 84 15.85 6.44 3.83
N SER B 85 15.94 5.32 4.54
CA SER B 85 16.85 4.25 4.16
C SER B 85 16.42 3.49 2.92
N THR B 86 15.25 2.87 2.94
CA THR B 86 14.85 2.06 1.81
C THR B 86 13.46 2.40 1.24
N ALA B 87 12.89 3.55 1.60
CA ALA B 87 11.55 3.96 1.13
C ALA B 87 11.34 3.73 -0.37
N VAL B 88 12.26 4.20 -1.20
CA VAL B 88 12.14 4.04 -2.65
C VAL B 88 12.05 2.56 -3.03
N LYS B 89 13.00 1.77 -2.53
CA LYS B 89 13.04 0.32 -2.81
C LYS B 89 11.84 -0.37 -2.17
N GLU B 90 11.43 0.15 -1.02
CA GLU B 90 10.28 -0.38 -0.31
C GLU B 90 9.03 -0.12 -1.14
N ARG B 91 8.92 1.10 -1.67
CA ARG B 91 7.80 1.47 -2.53
C ARG B 91 7.73 0.49 -3.68
N ASP B 92 8.90 0.24 -4.23
CA ASP B 92 9.08 -0.68 -5.33
C ASP B 92 8.70 -2.11 -4.97
N ALA B 93 9.16 -2.60 -3.82
CA ALA B 93 8.85 -3.96 -3.40
C ALA B 93 7.36 -4.13 -3.07
N VAL B 94 6.78 -3.15 -2.38
CA VAL B 94 5.35 -3.21 -2.07
C VAL B 94 4.59 -3.19 -3.39
N LYS B 95 5.09 -2.38 -4.32
CA LYS B 95 4.53 -2.25 -5.65
C LYS B 95 4.62 -3.60 -6.37
N ASP B 96 5.85 -4.09 -6.46
CA ASP B 96 6.16 -5.36 -7.10
C ASP B 96 5.32 -6.49 -6.54
N LEU B 97 5.36 -6.65 -5.24
CA LEU B 97 4.62 -7.71 -4.56
C LEU B 97 3.12 -7.54 -4.79
N LEU B 98 2.62 -6.32 -4.75
CA LEU B 98 1.18 -6.09 -4.97
C LEU B 98 0.82 -6.37 -6.42
N GLN B 99 1.61 -5.89 -7.36
CA GLN B 99 1.36 -6.12 -8.78
C GLN B 99 1.48 -7.61 -9.08
N GLN B 100 2.13 -8.30 -8.16
CA GLN B 100 2.33 -9.73 -8.24
C GLN B 100 1.13 -10.44 -7.62
N LEU B 101 0.82 -10.01 -6.41
CA LEU B 101 -0.23 -10.57 -5.57
C LEU B 101 -1.65 -10.18 -5.97
N LEU B 102 -1.89 -8.90 -6.23
CA LEU B 102 -3.23 -8.40 -6.56
C LEU B 102 -3.95 -9.20 -7.65
N PRO B 103 -3.40 -9.29 -8.88
CA PRO B 103 -4.06 -10.02 -9.98
C PRO B 103 -4.24 -11.51 -9.69
N LYS B 104 -3.54 -12.01 -8.67
CA LYS B 104 -3.64 -13.41 -8.31
C LYS B 104 -4.81 -13.66 -7.36
N PHE B 105 -5.34 -12.59 -6.77
CA PHE B 105 -6.45 -12.72 -5.83
C PHE B 105 -7.71 -12.02 -6.32
N LYS B 106 -7.57 -11.11 -7.28
CA LYS B 106 -8.73 -10.40 -7.82
C LYS B 106 -9.70 -11.39 -8.46
N ARG B 107 -10.84 -11.59 -7.81
CA ARG B 107 -11.84 -12.53 -8.31
C ARG B 107 -13.05 -11.80 -8.88
N LYS B 108 -12.81 -10.90 -9.83
CA LYS B 108 -13.88 -10.16 -10.46
C LYS B 108 -13.52 -9.83 -11.90
N ALA B 109 -14.50 -9.39 -12.67
CA ALA B 109 -14.30 -9.04 -14.06
C ALA B 109 -15.35 -8.02 -14.48
N ASN B 110 -15.88 -7.33 -13.49
CA ASN B 110 -16.91 -6.32 -13.68
C ASN B 110 -17.18 -5.63 -12.35
N TYR A 1 -5.89 14.08 -1.81
CA TYR A 1 -6.71 14.51 -2.96
C TYR A 1 -8.15 14.03 -2.82
N VAL A 2 -8.73 14.22 -1.63
CA VAL A 2 -10.12 13.81 -1.34
C VAL A 2 -10.18 12.31 -1.07
N GLY A 3 -10.69 11.94 0.10
CA GLY A 3 -10.76 10.54 0.48
C GLY A 3 -9.44 10.11 1.09
N GLU A 4 -8.40 10.29 0.29
CA GLU A 4 -7.05 10.01 0.72
C GLU A 4 -6.29 11.32 0.61
N ASP A 5 -5.86 11.85 1.74
CA ASP A 5 -5.20 13.15 1.77
C ASP A 5 -3.95 13.14 2.64
N ASP A 6 -3.26 12.00 2.70
CA ASP A 6 -2.04 11.86 3.51
C ASP A 6 -1.14 13.11 3.41
N GLU A 7 -1.10 13.74 2.24
CA GLU A 7 -0.32 14.95 2.04
C GLU A 7 -0.33 15.40 0.57
N GLU A 8 0.58 14.85 -0.21
CA GLU A 8 0.70 15.17 -1.63
C GLU A 8 0.50 13.91 -2.43
N ASP A 9 -0.57 13.81 -3.18
CA ASP A 9 -0.85 12.61 -3.93
C ASP A 9 -1.49 12.89 -5.28
N ASP A 10 -0.65 13.17 -6.28
CA ASP A 10 -1.15 13.47 -7.62
C ASP A 10 -0.31 12.83 -8.71
N ASP A 11 1.01 12.94 -8.61
CA ASP A 11 1.91 12.34 -9.61
C ASP A 11 1.93 10.83 -9.47
N PHE A 12 1.00 10.34 -8.67
CA PHE A 12 0.82 8.95 -8.41
C PHE A 12 0.58 8.19 -9.71
N ASN A 13 1.54 7.35 -10.08
CA ASN A 13 1.46 6.59 -11.32
C ASN A 13 0.99 5.17 -11.09
N GLU A 14 0.09 4.70 -11.92
CA GLU A 14 -0.41 3.35 -11.82
C GLU A 14 -0.66 2.75 -13.20
N ASN A 15 -0.75 1.43 -13.25
CA ASN A 15 -1.00 0.70 -14.49
C ASN A 15 -1.29 -0.75 -14.13
N ASP A 16 -1.96 -0.92 -13.01
CA ASP A 16 -2.32 -2.23 -12.49
C ASP A 16 -3.83 -2.40 -12.53
N GLU A 17 -4.51 -1.32 -12.89
CA GLU A 17 -5.96 -1.27 -12.95
C GLU A 17 -6.57 -2.26 -13.92
N ASP A 18 -7.73 -2.76 -13.53
CA ASP A 18 -8.52 -3.65 -14.34
C ASP A 18 -9.66 -2.82 -14.88
N ASP A 19 -10.69 -3.43 -15.44
CA ASP A 19 -11.81 -2.66 -15.95
C ASP A 19 -12.67 -2.16 -14.81
N MET B 3 1.20 -17.60 9.08
CA MET B 3 1.26 -18.40 10.32
C MET B 3 1.39 -19.89 10.00
N ALA B 4 1.21 -20.25 8.74
CA ALA B 4 1.29 -21.65 8.32
C ALA B 4 1.53 -21.75 6.82
N THR B 5 0.47 -21.55 6.05
CA THR B 5 0.55 -21.62 4.59
C THR B 5 -0.58 -20.81 3.97
N SER B 6 -0.23 -19.64 3.45
CA SER B 6 -1.21 -18.74 2.82
C SER B 6 -2.25 -18.28 3.85
N SER B 7 -1.83 -18.21 5.10
CA SER B 7 -2.71 -17.79 6.18
C SER B 7 -1.90 -16.98 7.18
N GLU B 8 -1.94 -15.65 7.03
CA GLU B 8 -1.20 -14.73 7.90
C GLU B 8 0.28 -14.86 7.58
N GLU B 9 0.57 -14.96 6.29
CA GLU B 9 1.93 -15.10 5.80
C GLU B 9 2.47 -13.75 5.39
N VAL B 10 3.32 -13.17 6.22
CA VAL B 10 3.91 -11.87 5.93
C VAL B 10 5.09 -12.05 4.99
N LEU B 11 4.95 -11.54 3.79
CA LEU B 11 6.00 -11.66 2.80
C LEU B 11 6.89 -10.43 2.78
N LEU B 12 6.32 -9.28 3.14
CA LEU B 12 7.08 -8.04 3.13
C LEU B 12 6.81 -7.19 4.37
N ILE B 13 7.88 -6.63 4.93
CA ILE B 13 7.77 -5.74 6.07
C ILE B 13 8.39 -4.41 5.72
N VAL B 14 7.59 -3.37 5.70
CA VAL B 14 8.06 -2.06 5.37
C VAL B 14 8.17 -1.21 6.61
N LYS B 15 9.11 -0.29 6.60
CA LYS B 15 9.33 0.57 7.74
C LYS B 15 8.86 1.98 7.41
N LYS B 16 8.88 2.83 8.43
CA LYS B 16 8.44 4.23 8.36
C LYS B 16 7.55 4.53 7.16
N VAL B 17 6.28 4.21 7.32
CA VAL B 17 5.28 4.44 6.28
C VAL B 17 4.09 5.18 6.91
N ARG B 18 3.75 6.32 6.34
CA ARG B 18 2.66 7.12 6.85
C ARG B 18 1.36 6.91 6.06
N GLN B 19 0.26 6.88 6.78
CA GLN B 19 -1.05 6.75 6.19
C GLN B 19 -1.96 7.80 6.81
N LYS B 20 -2.20 8.85 6.03
CA LYS B 20 -3.04 9.97 6.44
C LYS B 20 -2.45 10.75 7.60
N LYS B 21 -1.21 11.22 7.41
CA LYS B 21 -0.49 12.02 8.41
C LYS B 21 -0.11 11.21 9.64
N GLN B 22 -0.01 9.89 9.49
CA GLN B 22 0.34 9.04 10.62
C GLN B 22 1.39 8.00 10.20
N ASP B 23 2.55 8.04 10.85
CA ASP B 23 3.64 7.12 10.53
C ASP B 23 3.45 5.76 11.20
N GLY B 24 4.02 4.73 10.58
CA GLY B 24 3.93 3.38 11.11
C GLY B 24 4.70 2.37 10.27
N ALA B 25 4.35 1.10 10.37
CA ALA B 25 5.02 0.04 9.62
C ALA B 25 4.01 -0.75 8.79
N LEU B 26 4.39 -1.03 7.55
CA LEU B 26 3.53 -1.75 6.62
C LEU B 26 3.93 -3.22 6.53
N TYR B 27 2.95 -4.11 6.47
CA TYR B 27 3.19 -5.55 6.38
C TYR B 27 2.31 -6.15 5.29
N LEU B 28 2.91 -6.85 4.34
CA LEU B 28 2.14 -7.44 3.26
C LEU B 28 2.05 -8.96 3.41
N MET B 29 0.84 -9.47 3.59
CA MET B 29 0.61 -10.89 3.72
C MET B 29 0.18 -11.46 2.39
N ALA B 30 0.33 -12.76 2.23
CA ALA B 30 -0.01 -13.44 0.99
C ALA B 30 -1.46 -13.20 0.58
N GLU B 31 -2.32 -12.95 1.57
CA GLU B 31 -3.74 -12.74 1.32
C GLU B 31 -4.15 -11.27 1.39
N ARG B 32 -3.41 -10.44 2.11
CA ARG B 32 -3.81 -9.06 2.27
C ARG B 32 -2.67 -8.14 2.65
N ILE B 33 -2.94 -6.85 2.59
CA ILE B 33 -1.97 -5.84 2.96
C ILE B 33 -2.43 -5.17 4.25
N ALA B 34 -1.57 -5.21 5.27
CA ALA B 34 -1.89 -4.64 6.55
C ALA B 34 -0.83 -3.61 6.95
N TRP B 35 -1.23 -2.61 7.70
CA TRP B 35 -0.31 -1.58 8.14
C TRP B 35 -0.72 -1.08 9.51
N ALA B 36 0.26 -0.96 10.39
CA ALA B 36 0.01 -0.50 11.75
C ALA B 36 0.86 0.72 12.05
N PRO B 37 0.24 1.77 12.60
CA PRO B 37 0.94 3.00 12.94
C PRO B 37 1.87 2.79 14.13
N GLU B 38 2.84 3.68 14.28
CA GLU B 38 3.78 3.59 15.37
C GLU B 38 3.06 3.83 16.70
N GLY B 39 3.51 3.13 17.74
CA GLY B 39 2.90 3.25 19.04
C GLY B 39 1.50 2.69 19.10
N LYS B 40 1.20 1.75 18.20
CA LYS B 40 -0.12 1.13 18.17
C LYS B 40 -0.01 -0.35 18.52
N ASP B 41 -1.10 -0.90 19.04
CA ASP B 41 -1.14 -2.30 19.43
C ASP B 41 -1.97 -3.11 18.44
N ARG B 42 -2.42 -2.45 17.38
CA ARG B 42 -3.24 -3.11 16.38
C ARG B 42 -3.06 -2.46 15.00
N PHE B 43 -3.42 -3.21 13.97
CA PHE B 43 -3.31 -2.73 12.60
C PHE B 43 -4.56 -1.93 12.22
N THR B 44 -4.37 -0.71 11.76
CA THR B 44 -5.49 0.13 11.35
C THR B 44 -5.79 -0.07 9.88
N ILE B 45 -4.79 -0.54 9.14
CA ILE B 45 -4.94 -0.79 7.72
C ILE B 45 -4.99 -2.28 7.46
N SER B 46 -6.09 -2.73 6.89
CA SER B 46 -6.27 -4.14 6.57
C SER B 46 -7.16 -4.25 5.33
N HIS B 47 -6.53 -4.50 4.19
CA HIS B 47 -7.26 -4.62 2.93
C HIS B 47 -6.88 -5.92 2.23
N MET B 48 -7.88 -6.64 1.73
CA MET B 48 -7.64 -7.87 1.03
C MET B 48 -7.32 -7.55 -0.41
N TYR B 49 -6.40 -8.30 -1.00
CA TYR B 49 -5.99 -8.09 -2.40
C TYR B 49 -7.19 -8.19 -3.34
N ALA B 50 -8.23 -8.88 -2.89
CA ALA B 50 -9.44 -9.06 -3.68
C ALA B 50 -10.25 -7.77 -3.81
N ASP B 51 -10.11 -6.88 -2.82
CA ASP B 51 -10.83 -5.61 -2.82
C ASP B 51 -9.98 -4.51 -3.43
N ILE B 52 -8.74 -4.83 -3.76
CA ILE B 52 -7.86 -3.85 -4.36
C ILE B 52 -8.01 -3.90 -5.88
N LYS B 53 -8.24 -2.76 -6.49
CA LYS B 53 -8.41 -2.71 -7.94
C LYS B 53 -7.04 -2.62 -8.60
N CYS B 54 -6.18 -1.81 -8.00
CA CYS B 54 -4.85 -1.57 -8.48
C CYS B 54 -4.06 -0.83 -7.42
N GLN B 55 -2.82 -0.49 -7.73
CA GLN B 55 -1.99 0.23 -6.79
C GLN B 55 -1.11 1.23 -7.53
N LYS B 56 -0.96 2.42 -6.96
CA LYS B 56 -0.13 3.45 -7.58
C LYS B 56 1.17 3.60 -6.81
N ILE B 57 2.15 4.20 -7.46
CA ILE B 57 3.41 4.50 -6.82
C ILE B 57 3.76 5.94 -7.17
N SER B 58 4.10 6.73 -6.16
CA SER B 58 4.43 8.11 -6.43
C SER B 58 5.92 8.21 -6.66
N PRO B 59 6.27 8.65 -7.88
CA PRO B 59 7.65 8.79 -8.37
C PRO B 59 8.43 9.90 -7.69
N GLU B 60 9.71 9.95 -8.01
CA GLU B 60 10.63 10.94 -7.51
C GLU B 60 10.16 12.33 -7.92
N GLY B 61 10.66 13.34 -7.21
CA GLY B 61 10.25 14.70 -7.47
C GLY B 61 9.50 15.25 -6.28
N LYS B 62 8.85 14.34 -5.56
CA LYS B 62 8.15 14.68 -4.35
C LYS B 62 9.13 14.55 -3.19
N ALA B 63 8.84 15.22 -2.10
CA ALA B 63 9.70 15.15 -0.94
C ALA B 63 9.56 13.82 -0.25
N LYS B 64 8.62 13.04 -0.72
CA LYS B 64 8.37 11.75 -0.15
C LYS B 64 8.03 10.73 -1.22
N ILE B 65 8.42 9.50 -0.99
CA ILE B 65 8.13 8.41 -1.90
C ILE B 65 6.81 7.78 -1.47
N GLN B 66 5.87 7.57 -2.38
CA GLN B 66 4.57 7.04 -1.98
C GLN B 66 4.07 5.88 -2.80
N LEU B 67 3.11 5.20 -2.22
CA LEU B 67 2.40 4.10 -2.84
C LEU B 67 0.94 4.24 -2.45
N GLN B 68 0.02 3.74 -3.25
CA GLN B 68 -1.39 3.85 -2.88
C GLN B 68 -2.20 2.65 -3.35
N LEU B 69 -3.13 2.24 -2.52
CA LEU B 69 -4.01 1.12 -2.81
C LEU B 69 -5.29 1.63 -3.43
N VAL B 70 -5.43 1.47 -4.73
CA VAL B 70 -6.63 1.90 -5.41
C VAL B 70 -7.64 0.77 -5.42
N LEU B 71 -8.74 0.96 -4.74
CA LEU B 71 -9.74 -0.08 -4.62
C LEU B 71 -10.91 0.15 -5.55
N HIS B 72 -11.60 -0.93 -5.90
CA HIS B 72 -12.77 -0.84 -6.77
C HIS B 72 -13.95 -0.33 -5.95
N ALA B 73 -13.70 -0.16 -4.66
CA ALA B 73 -14.68 0.32 -3.72
C ALA B 73 -14.84 1.84 -3.85
N GLY B 74 -13.96 2.44 -4.65
CA GLY B 74 -14.00 3.87 -4.86
C GLY B 74 -13.11 4.61 -3.87
N ASP B 75 -12.20 3.87 -3.25
CA ASP B 75 -11.29 4.44 -2.26
C ASP B 75 -9.84 4.13 -2.62
N THR B 76 -8.93 4.91 -2.06
CA THR B 76 -7.50 4.74 -2.29
C THR B 76 -6.74 4.90 -0.98
N THR B 77 -5.85 3.97 -0.69
CA THR B 77 -5.08 4.01 0.55
C THR B 77 -3.62 4.41 0.28
N ASN B 78 -3.23 5.61 0.70
CA ASN B 78 -1.87 6.09 0.47
C ASN B 78 -0.91 5.57 1.52
N PHE B 79 0.31 5.37 1.08
CA PHE B 79 1.39 4.91 1.93
C PHE B 79 2.63 5.75 1.66
N HIS B 80 2.89 6.66 2.57
CA HIS B 80 4.02 7.57 2.46
C HIS B 80 5.25 6.90 3.06
N PHE B 81 6.16 6.51 2.19
CA PHE B 81 7.40 5.88 2.61
C PHE B 81 8.35 6.94 3.16
N SER B 82 8.32 7.13 4.47
CA SER B 82 9.16 8.12 5.12
C SER B 82 10.51 7.56 5.53
N ASN B 83 10.78 6.33 5.14
CA ASN B 83 12.06 5.69 5.45
C ASN B 83 13.08 6.05 4.39
N GLU B 84 13.81 7.13 4.61
CA GLU B 84 14.81 7.63 3.66
C GLU B 84 15.80 6.55 3.24
N SER B 85 16.05 5.58 4.11
CA SER B 85 16.97 4.50 3.83
C SER B 85 16.57 3.67 2.61
N THR B 86 15.40 3.07 2.64
CA THR B 86 14.99 2.22 1.53
C THR B 86 13.60 2.54 0.95
N ALA B 87 13.02 3.68 1.32
CA ALA B 87 11.67 4.07 0.85
C ALA B 87 11.43 3.81 -0.63
N VAL B 88 12.35 4.27 -1.48
CA VAL B 88 12.21 4.07 -2.92
C VAL B 88 12.12 2.57 -3.27
N LYS B 89 13.08 1.80 -2.77
CA LYS B 89 13.12 0.36 -3.02
C LYS B 89 11.95 -0.33 -2.33
N GLU B 90 11.59 0.17 -1.15
CA GLU B 90 10.46 -0.35 -0.41
C GLU B 90 9.18 -0.10 -1.20
N ARG B 91 9.05 1.10 -1.76
CA ARG B 91 7.91 1.45 -2.59
C ARG B 91 7.81 0.46 -3.73
N ASP B 92 8.95 0.28 -4.36
CA ASP B 92 9.09 -0.63 -5.48
C ASP B 92 8.75 -2.07 -5.10
N ALA B 93 9.21 -2.53 -3.94
CA ALA B 93 8.92 -3.90 -3.51
C ALA B 93 7.45 -4.06 -3.15
N VAL B 94 6.87 -3.09 -2.43
CA VAL B 94 5.44 -3.16 -2.09
C VAL B 94 4.66 -3.17 -3.40
N LYS B 95 5.09 -2.33 -4.32
CA LYS B 95 4.49 -2.22 -5.65
C LYS B 95 4.59 -3.57 -6.35
N ASP B 96 5.81 -4.04 -6.51
CA ASP B 96 6.11 -5.31 -7.15
C ASP B 96 5.33 -6.46 -6.54
N LEU B 97 5.44 -6.61 -5.24
CA LEU B 97 4.76 -7.69 -4.53
C LEU B 97 3.24 -7.55 -4.67
N LEU B 98 2.72 -6.35 -4.65
CA LEU B 98 1.28 -6.14 -4.81
C LEU B 98 0.89 -6.40 -6.25
N GLN B 99 1.72 -5.93 -7.16
CA GLN B 99 1.53 -6.13 -8.60
C GLN B 99 1.53 -7.63 -8.90
N GLN B 100 2.11 -8.36 -7.96
CA GLN B 100 2.23 -9.80 -8.01
C GLN B 100 1.06 -10.48 -7.28
N LEU B 101 0.88 -10.02 -6.06
CA LEU B 101 -0.12 -10.54 -5.12
C LEU B 101 -1.56 -10.10 -5.39
N LEU B 102 -1.76 -8.95 -6.00
CA LEU B 102 -3.10 -8.42 -6.25
C LEU B 102 -3.85 -9.18 -7.37
N PRO B 103 -3.30 -9.24 -8.60
CA PRO B 103 -3.97 -9.89 -9.74
C PRO B 103 -4.31 -11.35 -9.50
N LYS B 104 -3.66 -11.97 -8.53
CA LYS B 104 -3.91 -13.37 -8.23
C LYS B 104 -5.17 -13.54 -7.37
N PHE B 105 -5.68 -12.43 -6.83
CA PHE B 105 -6.88 -12.45 -6.00
C PHE B 105 -7.95 -11.51 -6.56
N LYS B 106 -7.64 -10.85 -7.66
CA LYS B 106 -8.56 -9.89 -8.25
C LYS B 106 -9.79 -10.56 -8.83
N ARG B 107 -10.87 -10.50 -8.06
CA ARG B 107 -12.14 -11.06 -8.47
C ARG B 107 -13.09 -9.93 -8.82
N LYS B 108 -12.51 -8.72 -8.92
CA LYS B 108 -13.24 -7.49 -9.22
C LYS B 108 -14.05 -7.06 -8.01
N ALA B 109 -13.94 -7.85 -6.96
CA ALA B 109 -14.63 -7.63 -5.71
C ALA B 109 -14.21 -8.74 -4.75
N ASN B 110 -14.78 -8.75 -3.57
CA ASN B 110 -14.47 -9.76 -2.57
C ASN B 110 -15.13 -11.08 -2.95
N TYR A 1 -4.58 16.72 -0.06
CA TYR A 1 -5.95 16.39 -0.52
C TYR A 1 -6.06 16.52 -2.03
N VAL A 2 -5.83 15.42 -2.72
CA VAL A 2 -5.94 15.39 -4.18
C VAL A 2 -6.73 14.15 -4.58
N GLY A 3 -6.03 13.03 -4.69
CA GLY A 3 -6.69 11.77 -5.00
C GLY A 3 -7.09 11.15 -3.68
N GLU A 4 -6.30 11.51 -2.69
CA GLU A 4 -6.47 11.11 -1.31
C GLU A 4 -5.99 12.30 -0.48
N ASP A 5 -5.79 12.14 0.81
CA ASP A 5 -5.32 13.27 1.59
C ASP A 5 -4.23 12.86 2.56
N ASP A 6 -3.45 11.86 2.20
CA ASP A 6 -2.37 11.47 3.07
C ASP A 6 -1.40 12.62 3.18
N GLU A 7 -1.38 13.47 2.14
CA GLU A 7 -0.56 14.66 2.08
C GLU A 7 -0.50 15.26 0.67
N GLU A 8 0.31 14.64 -0.18
CA GLU A 8 0.53 15.09 -1.55
C GLU A 8 0.50 13.91 -2.48
N ASP A 9 -0.61 13.73 -3.17
CA ASP A 9 -0.78 12.58 -4.04
C ASP A 9 -1.38 12.94 -5.39
N ASP A 10 -0.52 13.20 -6.35
CA ASP A 10 -0.98 13.55 -7.70
C ASP A 10 -0.13 12.91 -8.79
N ASP A 11 1.19 12.95 -8.65
CA ASP A 11 2.09 12.36 -9.65
C ASP A 11 2.05 10.85 -9.57
N PHE A 12 1.12 10.35 -8.78
CA PHE A 12 0.90 8.94 -8.58
C PHE A 12 0.74 8.24 -9.92
N ASN A 13 1.62 7.28 -10.17
CA ASN A 13 1.61 6.55 -11.43
C ASN A 13 0.96 5.19 -11.26
N GLU A 14 0.23 4.79 -12.28
CA GLU A 14 -0.46 3.51 -12.29
C GLU A 14 -0.10 2.72 -13.55
N ASN A 15 -0.13 1.40 -13.46
CA ASN A 15 0.19 0.54 -14.60
C ASN A 15 -0.40 -0.85 -14.42
N ASP A 16 -1.43 -0.94 -13.61
CA ASP A 16 -2.08 -2.22 -13.33
C ASP A 16 -3.26 -2.47 -14.28
N GLU A 17 -3.82 -1.37 -14.80
CA GLU A 17 -4.97 -1.45 -15.70
C GLU A 17 -6.07 -2.29 -15.05
N ASP A 18 -6.38 -3.43 -15.64
CA ASP A 18 -7.36 -4.38 -15.11
C ASP A 18 -7.69 -5.43 -16.16
N ASP A 19 -8.14 -4.95 -17.31
CA ASP A 19 -8.48 -5.83 -18.42
C ASP A 19 -7.27 -6.03 -19.32
N MET B 3 -6.87 -15.21 6.48
CA MET B 3 -8.25 -14.69 6.40
C MET B 3 -9.08 -15.57 5.48
N ALA B 4 -8.60 -15.77 4.25
CA ALA B 4 -9.30 -16.61 3.29
C ALA B 4 -8.61 -17.96 3.20
N THR B 5 -7.47 -17.99 2.55
CA THR B 5 -6.70 -19.22 2.41
C THR B 5 -5.42 -19.10 3.23
N SER B 6 -4.73 -17.97 3.07
CA SER B 6 -3.49 -17.68 3.76
C SER B 6 -3.27 -16.18 3.75
N SER B 7 -3.58 -15.50 4.85
CA SER B 7 -3.42 -14.06 4.92
C SER B 7 -2.96 -13.62 6.30
N GLU B 8 -2.15 -14.44 6.94
CA GLU B 8 -1.64 -14.16 8.27
C GLU B 8 -0.13 -14.32 8.30
N GLU B 9 0.44 -14.30 7.12
CA GLU B 9 1.88 -14.47 6.94
C GLU B 9 2.47 -13.23 6.26
N VAL B 10 3.35 -12.55 6.97
CA VAL B 10 3.97 -11.34 6.43
C VAL B 10 5.14 -11.70 5.53
N LEU B 11 5.01 -11.33 4.27
CA LEU B 11 6.06 -11.59 3.29
C LEU B 11 6.97 -10.39 3.14
N LEU B 12 6.40 -9.20 3.32
CA LEU B 12 7.14 -7.97 3.20
C LEU B 12 6.92 -7.03 4.37
N ILE B 13 8.01 -6.55 4.95
CA ILE B 13 7.92 -5.62 6.07
C ILE B 13 8.49 -4.28 5.65
N VAL B 14 7.67 -3.25 5.76
CA VAL B 14 8.04 -1.91 5.40
C VAL B 14 8.10 -1.05 6.65
N LYS B 15 8.95 -0.06 6.63
CA LYS B 15 9.10 0.81 7.78
C LYS B 15 8.71 2.24 7.46
N LYS B 16 8.80 3.09 8.49
CA LYS B 16 8.44 4.51 8.44
C LYS B 16 7.53 4.86 7.26
N VAL B 17 6.29 4.44 7.37
CA VAL B 17 5.28 4.69 6.36
C VAL B 17 4.09 5.39 7.00
N ARG B 18 3.71 6.53 6.47
CA ARG B 18 2.59 7.28 7.01
C ARG B 18 1.32 6.92 6.27
N GLN B 19 0.28 6.66 7.03
CA GLN B 19 -1.03 6.35 6.47
C GLN B 19 -2.06 7.23 7.14
N LYS B 20 -2.65 8.11 6.33
CA LYS B 20 -3.66 9.04 6.81
C LYS B 20 -3.05 10.03 7.79
N LYS B 21 -1.84 10.48 7.45
CA LYS B 21 -1.11 11.44 8.27
C LYS B 21 -0.66 10.81 9.59
N GLN B 22 -0.43 9.50 9.58
CA GLN B 22 0.00 8.78 10.77
C GLN B 22 1.22 7.90 10.46
N ASP B 23 2.29 8.05 11.24
CA ASP B 23 3.52 7.28 11.04
C ASP B 23 3.35 5.83 11.49
N GLY B 24 4.03 4.91 10.81
CA GLY B 24 3.93 3.50 11.16
C GLY B 24 4.77 2.58 10.29
N ALA B 25 4.48 1.29 10.37
CA ALA B 25 5.19 0.26 9.61
C ALA B 25 4.19 -0.58 8.82
N LEU B 26 4.51 -0.86 7.57
CA LEU B 26 3.64 -1.63 6.69
C LEU B 26 4.07 -3.10 6.63
N TYR B 27 3.10 -4.00 6.55
CA TYR B 27 3.38 -5.43 6.48
C TYR B 27 2.48 -6.09 5.45
N LEU B 28 3.07 -6.62 4.39
CA LEU B 28 2.29 -7.28 3.34
C LEU B 28 2.20 -8.77 3.58
N MET B 29 0.98 -9.29 3.57
CA MET B 29 0.76 -10.71 3.78
C MET B 29 0.38 -11.37 2.47
N ALA B 30 0.37 -12.69 2.45
CA ALA B 30 0.09 -13.46 1.24
C ALA B 30 -1.24 -13.09 0.57
N GLU B 31 -2.26 -12.79 1.35
CA GLU B 31 -3.56 -12.44 0.78
C GLU B 31 -4.05 -11.06 1.21
N ARG B 32 -3.24 -10.32 1.96
CA ARG B 32 -3.70 -9.01 2.42
C ARG B 32 -2.55 -8.09 2.77
N ILE B 33 -2.84 -6.79 2.73
CA ILE B 33 -1.87 -5.77 3.07
C ILE B 33 -2.27 -5.14 4.41
N ALA B 34 -1.40 -5.22 5.38
CA ALA B 34 -1.67 -4.67 6.69
C ALA B 34 -0.63 -3.62 7.06
N TRP B 35 -1.03 -2.66 7.85
CA TRP B 35 -0.12 -1.61 8.28
C TRP B 35 -0.48 -1.16 9.69
N ALA B 36 0.53 -1.01 10.54
CA ALA B 36 0.31 -0.59 11.91
C ALA B 36 1.13 0.66 12.20
N PRO B 37 0.51 1.66 12.86
CA PRO B 37 1.19 2.90 13.20
C PRO B 37 2.20 2.70 14.32
N GLU B 38 3.30 3.43 14.25
CA GLU B 38 4.34 3.34 15.24
C GLU B 38 3.84 3.79 16.60
N GLY B 39 4.06 2.97 17.61
CA GLY B 39 3.61 3.29 18.96
C GLY B 39 2.25 2.69 19.26
N LYS B 40 1.69 1.96 18.31
CA LYS B 40 0.40 1.33 18.49
C LYS B 40 0.54 -0.19 18.51
N ASP B 41 -0.36 -0.85 19.21
CA ASP B 41 -0.34 -2.30 19.35
C ASP B 41 -1.33 -2.98 18.41
N ARG B 42 -1.94 -2.21 17.51
CA ARG B 42 -2.91 -2.77 16.60
C ARG B 42 -2.76 -2.22 15.19
N PHE B 43 -3.14 -3.02 14.20
CA PHE B 43 -3.08 -2.64 12.80
C PHE B 43 -4.33 -1.88 12.42
N THR B 44 -4.17 -0.66 11.96
CA THR B 44 -5.31 0.15 11.55
C THR B 44 -5.61 -0.05 10.08
N ILE B 45 -4.65 -0.63 9.36
CA ILE B 45 -4.80 -0.89 7.94
C ILE B 45 -4.84 -2.38 7.67
N SER B 46 -5.95 -2.83 7.11
CA SER B 46 -6.11 -4.24 6.76
C SER B 46 -7.00 -4.34 5.53
N HIS B 47 -6.38 -4.55 4.38
CA HIS B 47 -7.12 -4.68 3.13
C HIS B 47 -6.71 -5.95 2.42
N MET B 48 -7.68 -6.64 1.85
CA MET B 48 -7.39 -7.86 1.13
C MET B 48 -7.10 -7.51 -0.32
N TYR B 49 -6.17 -8.23 -0.93
CA TYR B 49 -5.80 -7.98 -2.33
C TYR B 49 -7.02 -8.18 -3.23
N ALA B 50 -7.99 -8.93 -2.73
CA ALA B 50 -9.21 -9.20 -3.48
C ALA B 50 -10.12 -7.98 -3.52
N ASP B 51 -9.85 -7.01 -2.65
CA ASP B 51 -10.64 -5.78 -2.59
C ASP B 51 -9.87 -4.65 -3.26
N ILE B 52 -8.61 -4.90 -3.55
CA ILE B 52 -7.77 -3.91 -4.20
C ILE B 52 -7.90 -4.09 -5.70
N LYS B 53 -8.24 -3.04 -6.42
CA LYS B 53 -8.41 -3.15 -7.86
C LYS B 53 -7.07 -2.94 -8.54
N CYS B 54 -6.32 -1.98 -8.04
CA CYS B 54 -5.03 -1.64 -8.57
C CYS B 54 -4.23 -0.87 -7.53
N GLN B 55 -3.03 -0.44 -7.88
CA GLN B 55 -2.21 0.31 -6.95
C GLN B 55 -1.37 1.35 -7.68
N LYS B 56 -1.24 2.53 -7.10
CA LYS B 56 -0.41 3.58 -7.70
C LYS B 56 0.88 3.71 -6.93
N ILE B 57 1.89 4.24 -7.59
CA ILE B 57 3.16 4.48 -6.95
C ILE B 57 3.58 5.91 -7.30
N SER B 58 3.89 6.70 -6.29
CA SER B 58 4.30 8.07 -6.54
C SER B 58 5.80 8.10 -6.71
N PRO B 59 6.22 8.54 -7.90
CA PRO B 59 7.63 8.61 -8.32
C PRO B 59 8.44 9.68 -7.59
N GLU B 60 9.74 9.64 -7.86
CA GLU B 60 10.68 10.59 -7.29
C GLU B 60 10.33 12.01 -7.73
N GLY B 61 10.85 12.98 -7.00
CA GLY B 61 10.54 14.37 -7.25
C GLY B 61 9.78 14.93 -6.08
N LYS B 62 9.03 14.05 -5.43
CA LYS B 62 8.31 14.40 -4.23
C LYS B 62 9.25 14.16 -3.07
N ALA B 63 9.14 14.97 -2.03
CA ALA B 63 9.99 14.82 -0.86
C ALA B 63 9.62 13.56 -0.10
N LYS B 64 8.59 12.91 -0.57
CA LYS B 64 8.10 11.71 0.03
C LYS B 64 7.70 10.70 -1.03
N ILE B 65 8.26 9.51 -0.96
CA ILE B 65 7.93 8.46 -1.90
C ILE B 65 6.57 7.87 -1.48
N GLN B 66 5.67 7.60 -2.42
CA GLN B 66 4.35 7.10 -2.01
C GLN B 66 3.83 5.95 -2.85
N LEU B 67 2.85 5.29 -2.27
CA LEU B 67 2.15 4.19 -2.90
C LEU B 67 0.68 4.32 -2.53
N GLN B 68 -0.23 3.82 -3.35
CA GLN B 68 -1.65 3.90 -3.00
C GLN B 68 -2.41 2.66 -3.47
N LEU B 69 -3.36 2.25 -2.68
CA LEU B 69 -4.20 1.10 -2.98
C LEU B 69 -5.50 1.55 -3.60
N VAL B 70 -5.64 1.36 -4.89
CA VAL B 70 -6.86 1.76 -5.57
C VAL B 70 -7.83 0.58 -5.56
N LEU B 71 -8.91 0.73 -4.82
CA LEU B 71 -9.88 -0.33 -4.68
C LEU B 71 -11.01 -0.22 -5.68
N HIS B 72 -11.67 -1.35 -5.97
CA HIS B 72 -12.80 -1.36 -6.89
C HIS B 72 -14.03 -0.85 -6.16
N ALA B 73 -13.84 -0.59 -4.87
CA ALA B 73 -14.89 -0.09 -4.01
C ALA B 73 -15.07 1.42 -4.20
N GLY B 74 -14.20 2.01 -5.03
CA GLY B 74 -14.27 3.44 -5.28
C GLY B 74 -13.48 4.21 -4.26
N ASP B 75 -12.56 3.52 -3.60
CA ASP B 75 -11.72 4.12 -2.57
C ASP B 75 -10.25 3.89 -2.86
N THR B 76 -9.38 4.72 -2.31
CA THR B 76 -7.96 4.60 -2.51
C THR B 76 -7.22 4.77 -1.17
N THR B 77 -6.31 3.87 -0.89
CA THR B 77 -5.54 3.93 0.35
C THR B 77 -4.10 4.35 0.10
N ASN B 78 -3.74 5.57 0.50
CA ASN B 78 -2.37 6.06 0.28
C ASN B 78 -1.40 5.56 1.34
N PHE B 79 -0.14 5.50 0.97
CA PHE B 79 0.94 5.07 1.85
C PHE B 79 2.17 5.95 1.60
N HIS B 80 2.50 6.76 2.59
CA HIS B 80 3.63 7.67 2.52
C HIS B 80 4.91 6.99 3.01
N PHE B 81 5.77 6.62 2.08
CA PHE B 81 7.04 5.98 2.39
C PHE B 81 8.05 7.05 2.81
N SER B 82 8.40 7.09 4.09
CA SER B 82 9.33 8.10 4.57
C SER B 82 10.62 7.52 5.12
N ASN B 83 10.81 6.22 4.98
CA ASN B 83 12.04 5.60 5.47
C ASN B 83 13.17 5.86 4.50
N GLU B 84 13.89 6.95 4.74
CA GLU B 84 15.01 7.39 3.91
C GLU B 84 15.92 6.25 3.45
N SER B 85 16.16 5.29 4.33
CA SER B 85 17.00 4.15 4.03
C SER B 85 16.53 3.35 2.81
N THR B 86 15.32 2.81 2.86
CA THR B 86 14.86 1.97 1.77
C THR B 86 13.51 2.36 1.17
N ALA B 87 12.94 3.51 1.54
CA ALA B 87 11.61 3.94 1.07
C ALA B 87 11.39 3.72 -0.43
N VAL B 88 12.36 4.13 -1.24
CA VAL B 88 12.26 3.96 -2.69
C VAL B 88 12.13 2.48 -3.05
N LYS B 89 13.05 1.66 -2.54
CA LYS B 89 13.05 0.23 -2.80
C LYS B 89 11.84 -0.43 -2.14
N GLU B 90 11.43 0.12 -1.02
CA GLU B 90 10.26 -0.36 -0.30
C GLU B 90 9.03 -0.13 -1.16
N ARG B 91 8.92 1.08 -1.71
CA ARG B 91 7.81 1.42 -2.60
C ARG B 91 7.79 0.45 -3.76
N ASP B 92 8.98 0.15 -4.24
CA ASP B 92 9.17 -0.77 -5.34
C ASP B 92 8.75 -2.19 -4.98
N ALA B 93 9.17 -2.68 -3.82
CA ALA B 93 8.83 -4.04 -3.38
C ALA B 93 7.33 -4.16 -3.09
N VAL B 94 6.76 -3.17 -2.40
CA VAL B 94 5.32 -3.18 -2.10
C VAL B 94 4.58 -3.17 -3.43
N LYS B 95 5.09 -2.37 -4.36
CA LYS B 95 4.53 -2.27 -5.71
C LYS B 95 4.62 -3.62 -6.39
N ASP B 96 5.84 -4.13 -6.47
CA ASP B 96 6.14 -5.40 -7.09
C ASP B 96 5.26 -6.52 -6.56
N LEU B 97 5.28 -6.70 -5.25
CA LEU B 97 4.49 -7.75 -4.61
C LEU B 97 2.99 -7.55 -4.85
N LEU B 98 2.55 -6.30 -4.97
CA LEU B 98 1.13 -6.03 -5.18
C LEU B 98 0.75 -6.26 -6.63
N GLN B 99 1.56 -5.80 -7.57
CA GLN B 99 1.28 -6.01 -8.99
C GLN B 99 1.35 -7.51 -9.29
N GLN B 100 1.99 -8.21 -8.38
CA GLN B 100 2.16 -9.64 -8.44
C GLN B 100 0.98 -10.35 -7.79
N LEU B 101 0.67 -9.90 -6.60
CA LEU B 101 -0.37 -10.45 -5.75
C LEU B 101 -1.80 -9.99 -6.07
N LEU B 102 -1.97 -8.76 -6.52
CA LEU B 102 -3.32 -8.25 -6.80
C LEU B 102 -4.00 -8.96 -7.98
N PRO B 103 -3.39 -8.96 -9.19
CA PRO B 103 -4.00 -9.60 -10.37
C PRO B 103 -4.30 -11.08 -10.20
N LYS B 104 -3.64 -11.72 -9.26
CA LYS B 104 -3.86 -13.14 -9.03
C LYS B 104 -5.10 -13.35 -8.18
N PHE B 105 -5.53 -12.32 -7.46
CA PHE B 105 -6.71 -12.42 -6.61
C PHE B 105 -7.87 -11.69 -7.25
N LYS B 106 -7.60 -10.56 -7.92
CA LYS B 106 -8.65 -9.82 -8.60
C LYS B 106 -8.98 -10.56 -9.90
N ARG B 107 -10.25 -10.94 -10.04
CA ARG B 107 -10.72 -11.69 -11.22
C ARG B 107 -10.23 -13.15 -11.12
N LYS B 108 -9.40 -13.40 -10.10
CA LYS B 108 -8.83 -14.71 -9.83
C LYS B 108 -8.09 -15.29 -11.04
N ALA B 109 -6.94 -14.70 -11.36
CA ALA B 109 -6.14 -15.17 -12.47
C ALA B 109 -5.03 -16.10 -11.98
N ASN B 110 -5.15 -16.46 -10.71
CA ASN B 110 -4.19 -17.36 -10.04
C ASN B 110 -4.53 -17.44 -8.56
N TYR A 1 -3.73 14.94 -5.52
CA TYR A 1 -4.45 15.11 -4.25
C TYR A 1 -5.94 14.86 -4.48
N VAL A 2 -6.75 15.11 -3.45
CA VAL A 2 -8.20 14.93 -3.49
C VAL A 2 -8.58 13.49 -3.18
N GLY A 3 -7.76 12.56 -3.63
CA GLY A 3 -8.02 11.15 -3.39
C GLY A 3 -7.68 10.75 -1.97
N GLU A 4 -6.62 11.35 -1.45
CA GLU A 4 -6.16 11.06 -0.10
C GLU A 4 -5.73 12.37 0.58
N ASP A 5 -5.68 12.36 1.90
CA ASP A 5 -5.28 13.55 2.64
C ASP A 5 -3.85 13.42 3.12
N ASP A 6 -3.15 12.40 2.62
CA ASP A 6 -1.77 12.11 3.01
C ASP A 6 -0.75 13.20 2.62
N GLU A 7 -1.26 14.39 2.32
CA GLU A 7 -0.47 15.58 1.96
C GLU A 7 -0.25 15.69 0.46
N GLU A 8 0.04 14.57 -0.20
CA GLU A 8 0.30 14.59 -1.64
C GLU A 8 -0.08 13.27 -2.29
N ASP A 9 -0.47 13.36 -3.57
CA ASP A 9 -0.84 12.18 -4.34
C ASP A 9 -1.30 12.59 -5.75
N ASP A 10 -0.35 12.90 -6.62
CA ASP A 10 -0.73 13.33 -7.98
C ASP A 10 0.15 12.72 -9.06
N ASP A 11 1.46 12.83 -8.90
CA ASP A 11 2.40 12.28 -9.87
C ASP A 11 2.44 10.76 -9.77
N PHE A 12 1.49 10.23 -9.01
CA PHE A 12 1.35 8.82 -8.79
C PHE A 12 1.30 8.06 -10.10
N ASN A 13 2.14 7.05 -10.22
CA ASN A 13 2.22 6.25 -11.43
C ASN A 13 1.42 4.99 -11.25
N GLU A 14 0.63 4.66 -12.26
CA GLU A 14 -0.20 3.48 -12.21
C GLU A 14 -0.01 2.61 -13.44
N ASN A 15 0.01 1.31 -13.21
CA ASN A 15 0.18 0.32 -14.27
C ASN A 15 -0.16 -1.05 -13.72
N ASP A 16 -1.23 -1.09 -12.94
CA ASP A 16 -1.69 -2.34 -12.33
C ASP A 16 -3.02 -2.73 -12.95
N GLU A 17 -3.80 -1.71 -13.30
CA GLU A 17 -5.11 -1.85 -13.93
C GLU A 17 -5.94 -2.91 -13.24
N ASP A 18 -6.80 -3.56 -14.02
CA ASP A 18 -7.68 -4.61 -13.56
C ASP A 18 -8.67 -4.94 -14.64
N ASP A 19 -9.09 -3.90 -15.35
CA ASP A 19 -10.06 -4.03 -16.43
C ASP A 19 -9.51 -4.87 -17.57
N MET B 3 -2.79 -17.81 5.34
CA MET B 3 -4.06 -18.02 6.06
C MET B 3 -4.62 -16.68 6.55
N ALA B 4 -5.82 -16.34 6.11
CA ALA B 4 -6.44 -15.08 6.49
C ALA B 4 -7.17 -15.20 7.82
N THR B 5 -6.67 -14.52 8.82
CA THR B 5 -7.29 -14.51 10.14
C THR B 5 -7.12 -13.14 10.81
N SER B 6 -5.88 -12.72 10.97
CA SER B 6 -5.57 -11.44 11.59
C SER B 6 -4.25 -10.88 11.06
N SER B 7 -3.15 -11.38 11.60
CA SER B 7 -1.82 -10.96 11.19
C SER B 7 -0.93 -12.19 11.08
N GLU B 8 -1.04 -12.87 9.95
CA GLU B 8 -0.31 -14.10 9.72
C GLU B 8 0.92 -13.90 8.85
N GLU B 9 1.07 -14.78 7.87
CA GLU B 9 2.21 -14.78 6.94
C GLU B 9 2.54 -13.41 6.38
N VAL B 10 3.58 -12.80 6.93
CA VAL B 10 4.05 -11.50 6.47
C VAL B 10 5.17 -11.73 5.47
N LEU B 11 4.87 -11.46 4.21
CA LEU B 11 5.86 -11.65 3.16
C LEU B 11 6.75 -10.42 3.01
N LEU B 12 6.23 -9.25 3.33
CA LEU B 12 7.00 -8.02 3.21
C LEU B 12 6.83 -7.12 4.42
N ILE B 13 7.94 -6.62 4.93
CA ILE B 13 7.92 -5.70 6.05
C ILE B 13 8.49 -4.37 5.62
N VAL B 14 7.69 -3.33 5.74
CA VAL B 14 8.11 -2.00 5.37
C VAL B 14 8.20 -1.14 6.61
N LYS B 15 9.11 -0.20 6.59
CA LYS B 15 9.32 0.69 7.72
C LYS B 15 8.84 2.08 7.40
N LYS B 16 8.90 2.94 8.41
CA LYS B 16 8.48 4.35 8.35
C LYS B 16 7.56 4.66 7.18
N VAL B 17 6.31 4.30 7.35
CA VAL B 17 5.27 4.55 6.35
C VAL B 17 4.10 5.23 7.03
N ARG B 18 3.68 6.37 6.51
CA ARG B 18 2.58 7.11 7.08
C ARG B 18 1.29 6.86 6.32
N GLN B 19 0.22 6.70 7.06
CA GLN B 19 -1.11 6.53 6.49
C GLN B 19 -1.99 7.59 7.11
N LYS B 20 -2.46 8.52 6.28
CA LYS B 20 -3.30 9.62 6.76
C LYS B 20 -2.44 10.54 7.63
N LYS B 21 -1.15 10.59 7.27
CA LYS B 21 -0.15 11.41 7.96
C LYS B 21 0.29 10.78 9.28
N GLN B 22 -0.06 9.52 9.49
CA GLN B 22 0.32 8.80 10.71
C GLN B 22 1.43 7.81 10.37
N ASP B 23 2.59 7.97 11.00
CA ASP B 23 3.73 7.10 10.71
C ASP B 23 3.61 5.73 11.39
N GLY B 24 4.19 4.73 10.74
CA GLY B 24 4.17 3.36 11.25
C GLY B 24 4.94 2.42 10.35
N ALA B 25 4.60 1.14 10.40
CA ALA B 25 5.28 0.13 9.58
C ALA B 25 4.24 -0.70 8.81
N LEU B 26 4.54 -0.96 7.56
CA LEU B 26 3.65 -1.71 6.68
C LEU B 26 4.06 -3.18 6.61
N TYR B 27 3.09 -4.08 6.62
CA TYR B 27 3.36 -5.51 6.56
C TYR B 27 2.42 -6.18 5.55
N LEU B 28 2.98 -6.63 4.44
CA LEU B 28 2.16 -7.28 3.42
C LEU B 28 2.06 -8.77 3.72
N MET B 29 0.83 -9.27 3.72
CA MET B 29 0.59 -10.68 4.00
C MET B 29 0.14 -11.41 2.75
N ALA B 30 0.11 -12.73 2.84
CA ALA B 30 -0.24 -13.61 1.74
C ALA B 30 -1.49 -13.17 0.98
N GLU B 31 -2.58 -12.89 1.69
CA GLU B 31 -3.82 -12.50 1.03
C GLU B 31 -4.26 -11.09 1.36
N ARG B 32 -3.43 -10.31 2.07
CA ARG B 32 -3.84 -8.95 2.42
C ARG B 32 -2.67 -8.05 2.74
N ILE B 33 -2.90 -6.75 2.62
CA ILE B 33 -1.91 -5.75 2.93
C ILE B 33 -2.29 -5.08 4.24
N ALA B 34 -1.45 -5.23 5.25
CA ALA B 34 -1.73 -4.65 6.55
C ALA B 34 -0.66 -3.64 6.93
N TRP B 35 -1.05 -2.66 7.73
CA TRP B 35 -0.13 -1.63 8.18
C TRP B 35 -0.49 -1.19 9.59
N ALA B 36 0.51 -1.03 10.44
CA ALA B 36 0.30 -0.61 11.82
C ALA B 36 1.15 0.61 12.13
N PRO B 37 0.55 1.62 12.76
CA PRO B 37 1.25 2.85 13.12
C PRO B 37 2.18 2.64 14.31
N GLU B 38 3.27 3.38 14.35
CA GLU B 38 4.23 3.26 15.43
C GLU B 38 3.62 3.72 16.74
N GLY B 39 3.77 2.90 17.77
CA GLY B 39 3.25 3.22 19.08
C GLY B 39 1.88 2.61 19.30
N LYS B 40 1.41 1.85 18.33
CA LYS B 40 0.11 1.19 18.43
C LYS B 40 0.29 -0.32 18.50
N ASP B 41 -0.62 -0.98 19.20
CA ASP B 41 -0.58 -2.43 19.37
C ASP B 41 -1.50 -3.14 18.40
N ARG B 42 -2.09 -2.39 17.48
CA ARG B 42 -3.00 -2.99 16.52
C ARG B 42 -2.85 -2.37 15.13
N PHE B 43 -3.17 -3.15 14.11
CA PHE B 43 -3.09 -2.71 12.73
C PHE B 43 -4.34 -1.93 12.36
N THR B 44 -4.16 -0.70 11.92
CA THR B 44 -5.28 0.14 11.52
C THR B 44 -5.60 -0.03 10.05
N ILE B 45 -4.62 -0.55 9.31
CA ILE B 45 -4.77 -0.78 7.89
C ILE B 45 -4.78 -2.27 7.59
N SER B 46 -5.89 -2.74 7.04
CA SER B 46 -6.04 -4.14 6.67
C SER B 46 -6.94 -4.24 5.45
N HIS B 47 -6.33 -4.43 4.28
CA HIS B 47 -7.10 -4.55 3.05
C HIS B 47 -6.74 -5.84 2.34
N MET B 48 -7.73 -6.52 1.81
CA MET B 48 -7.49 -7.75 1.09
C MET B 48 -7.20 -7.41 -0.37
N TYR B 49 -6.30 -8.16 -0.98
CA TYR B 49 -5.95 -7.94 -2.38
C TYR B 49 -7.18 -8.08 -3.27
N ALA B 50 -8.18 -8.79 -2.77
CA ALA B 50 -9.42 -9.02 -3.50
C ALA B 50 -10.29 -7.76 -3.52
N ASP B 51 -9.96 -6.78 -2.68
CA ASP B 51 -10.70 -5.52 -2.62
C ASP B 51 -9.90 -4.42 -3.30
N ILE B 52 -8.64 -4.72 -3.59
CA ILE B 52 -7.78 -3.76 -4.24
C ILE B 52 -7.94 -3.92 -5.75
N LYS B 53 -8.22 -2.83 -6.45
CA LYS B 53 -8.39 -2.92 -7.88
C LYS B 53 -7.03 -2.82 -8.56
N CYS B 54 -6.24 -1.88 -8.09
CA CYS B 54 -4.92 -1.63 -8.61
C CYS B 54 -4.13 -0.84 -7.58
N GLN B 55 -2.90 -0.49 -7.90
CA GLN B 55 -2.09 0.27 -6.96
C GLN B 55 -1.19 1.27 -7.69
N LYS B 56 -1.02 2.45 -7.10
CA LYS B 56 -0.16 3.48 -7.69
C LYS B 56 1.10 3.62 -6.88
N ILE B 57 2.16 4.10 -7.53
CA ILE B 57 3.40 4.36 -6.84
C ILE B 57 3.85 5.77 -7.21
N SER B 58 4.15 6.60 -6.23
CA SER B 58 4.55 7.96 -6.53
C SER B 58 6.05 8.01 -6.67
N PRO B 59 6.48 8.38 -7.89
CA PRO B 59 7.89 8.47 -8.30
C PRO B 59 8.63 9.63 -7.66
N GLU B 60 9.93 9.65 -7.91
CA GLU B 60 10.80 10.69 -7.40
C GLU B 60 10.32 12.06 -7.89
N GLY B 61 10.76 13.09 -7.20
CA GLY B 61 10.33 14.44 -7.53
C GLY B 61 9.52 15.00 -6.40
N LYS B 62 8.85 14.10 -5.69
CA LYS B 62 8.07 14.45 -4.52
C LYS B 62 9.00 14.38 -3.33
N ALA B 63 8.71 15.16 -2.31
CA ALA B 63 9.54 15.16 -1.12
C ALA B 63 9.38 13.86 -0.37
N LYS B 64 8.42 13.08 -0.79
CA LYS B 64 8.16 11.82 -0.16
C LYS B 64 7.83 10.75 -1.20
N ILE B 65 8.32 9.56 -0.96
CA ILE B 65 8.03 8.45 -1.83
C ILE B 65 6.68 7.88 -1.42
N GLN B 66 5.76 7.67 -2.35
CA GLN B 66 4.44 7.22 -1.94
C GLN B 66 3.92 6.03 -2.75
N LEU B 67 2.93 5.40 -2.18
CA LEU B 67 2.23 4.28 -2.80
C LEU B 67 0.75 4.45 -2.50
N GLN B 68 -0.12 3.93 -3.33
CA GLN B 68 -1.55 4.05 -3.04
C GLN B 68 -2.31 2.81 -3.51
N LEU B 69 -3.23 2.39 -2.68
CA LEU B 69 -4.07 1.25 -2.97
C LEU B 69 -5.36 1.72 -3.60
N VAL B 70 -5.49 1.53 -4.90
CA VAL B 70 -6.69 1.93 -5.59
C VAL B 70 -7.68 0.80 -5.56
N LEU B 71 -8.74 0.96 -4.80
CA LEU B 71 -9.73 -0.09 -4.64
C LEU B 71 -10.87 0.07 -5.62
N HIS B 72 -11.55 -1.05 -5.88
CA HIS B 72 -12.71 -1.02 -6.77
C HIS B 72 -13.91 -0.52 -5.99
N ALA B 73 -13.67 -0.22 -4.73
CA ALA B 73 -14.68 0.28 -3.83
C ALA B 73 -14.96 1.75 -4.13
N GLY B 74 -14.03 2.35 -4.87
CA GLY B 74 -14.15 3.75 -5.24
C GLY B 74 -13.24 4.64 -4.43
N ASP B 75 -12.37 4.02 -3.64
CA ASP B 75 -11.45 4.77 -2.79
C ASP B 75 -10.00 4.34 -3.02
N THR B 76 -9.08 5.11 -2.44
CA THR B 76 -7.67 4.86 -2.57
C THR B 76 -6.96 5.03 -1.22
N THR B 77 -6.13 4.07 -0.86
CA THR B 77 -5.39 4.14 0.40
C THR B 77 -3.92 4.50 0.14
N ASN B 78 -3.49 5.68 0.58
CA ASN B 78 -2.11 6.10 0.35
C ASN B 78 -1.16 5.56 1.40
N PHE B 79 0.10 5.43 1.02
CA PHE B 79 1.15 4.97 1.90
C PHE B 79 2.35 5.87 1.72
N HIS B 80 2.63 6.63 2.76
CA HIS B 80 3.70 7.60 2.79
C HIS B 80 5.01 6.93 3.20
N PHE B 81 5.85 6.60 2.23
CA PHE B 81 7.13 5.98 2.51
C PHE B 81 8.12 7.02 3.01
N SER B 82 8.24 7.14 4.33
CA SER B 82 9.13 8.12 4.92
C SER B 82 10.45 7.50 5.39
N ASN B 83 10.65 6.21 5.11
CA ASN B 83 11.89 5.54 5.50
C ASN B 83 13.01 5.86 4.52
N GLU B 84 13.74 6.91 4.84
CA GLU B 84 14.86 7.40 4.02
C GLU B 84 15.76 6.27 3.50
N SER B 85 16.05 5.30 4.35
CA SER B 85 16.92 4.19 4.02
C SER B 85 16.44 3.39 2.80
N THR B 86 15.25 2.81 2.87
CA THR B 86 14.80 1.98 1.77
C THR B 86 13.42 2.32 1.19
N ALA B 87 12.82 3.44 1.60
CA ALA B 87 11.47 3.84 1.12
C ALA B 87 11.28 3.65 -0.38
N VAL B 88 12.23 4.11 -1.18
CA VAL B 88 12.14 3.97 -2.64
C VAL B 88 12.04 2.50 -3.05
N LYS B 89 12.98 1.68 -2.55
CA LYS B 89 13.00 0.25 -2.86
C LYS B 89 11.80 -0.44 -2.22
N GLU B 90 11.41 0.05 -1.05
CA GLU B 90 10.27 -0.48 -0.34
C GLU B 90 9.00 -0.21 -1.15
N ARG B 91 8.90 1.01 -1.67
CA ARG B 91 7.77 1.41 -2.52
C ARG B 91 7.68 0.42 -3.66
N ASP B 92 8.83 0.18 -4.26
CA ASP B 92 8.97 -0.73 -5.37
C ASP B 92 8.60 -2.16 -5.00
N ALA B 93 9.06 -2.64 -3.85
CA ALA B 93 8.75 -4.00 -3.41
C ALA B 93 7.27 -4.15 -3.07
N VAL B 94 6.69 -3.16 -2.39
CA VAL B 94 5.26 -3.20 -2.07
C VAL B 94 4.50 -3.22 -3.38
N LYS B 95 4.97 -2.39 -4.31
CA LYS B 95 4.39 -2.28 -5.64
C LYS B 95 4.48 -3.64 -6.33
N ASP B 96 5.70 -4.14 -6.42
CA ASP B 96 5.98 -5.44 -7.04
C ASP B 96 5.15 -6.56 -6.45
N LEU B 97 5.19 -6.69 -5.13
CA LEU B 97 4.44 -7.73 -4.46
C LEU B 97 2.94 -7.58 -4.70
N LEU B 98 2.42 -6.36 -4.63
CA LEU B 98 1.01 -6.13 -4.89
C LEU B 98 0.70 -6.40 -6.36
N GLN B 99 1.57 -5.91 -7.22
CA GLN B 99 1.43 -6.11 -8.67
C GLN B 99 1.49 -7.60 -8.98
N GLN B 100 2.11 -8.33 -8.08
CA GLN B 100 2.27 -9.76 -8.17
C GLN B 100 1.04 -10.47 -7.59
N LEU B 101 0.69 -10.04 -6.41
CA LEU B 101 -0.39 -10.59 -5.61
C LEU B 101 -1.80 -10.18 -6.05
N LEU B 102 -2.00 -8.89 -6.29
CA LEU B 102 -3.32 -8.35 -6.64
C LEU B 102 -4.02 -9.11 -7.79
N PRO B 103 -3.37 -9.27 -8.97
CA PRO B 103 -3.99 -9.96 -10.12
C PRO B 103 -4.35 -11.41 -9.81
N LYS B 104 -3.78 -11.97 -8.75
CA LYS B 104 -4.05 -13.34 -8.37
C LYS B 104 -5.27 -13.44 -7.46
N PHE B 105 -5.77 -12.28 -7.02
CA PHE B 105 -6.95 -12.25 -6.14
C PHE B 105 -8.10 -11.49 -6.79
N LYS B 106 -7.77 -10.44 -7.54
CA LYS B 106 -8.79 -9.65 -8.20
C LYS B 106 -9.24 -10.35 -9.49
N ARG B 107 -10.48 -10.77 -9.53
CA ARG B 107 -11.01 -11.45 -10.69
C ARG B 107 -12.45 -11.05 -10.96
N LYS B 108 -12.63 -10.06 -11.81
CA LYS B 108 -13.97 -9.59 -12.15
C LYS B 108 -14.47 -10.30 -13.41
N ALA B 109 -15.55 -9.80 -14.00
CA ALA B 109 -16.15 -10.40 -15.19
C ALA B 109 -15.38 -10.05 -16.46
N ASN B 110 -14.07 -10.24 -16.41
CA ASN B 110 -13.17 -9.98 -17.54
C ASN B 110 -11.75 -10.23 -17.10
N TYR A 1 -7.39 14.97 -0.30
CA TYR A 1 -8.74 15.27 -0.85
C TYR A 1 -9.76 14.28 -0.28
N VAL A 2 -10.88 14.13 -0.98
CA VAL A 2 -11.93 13.21 -0.55
C VAL A 2 -11.40 11.78 -0.54
N GLY A 3 -11.71 11.04 0.52
CA GLY A 3 -11.25 9.67 0.64
C GLY A 3 -9.85 9.61 1.22
N GLU A 4 -8.88 10.08 0.46
CA GLU A 4 -7.49 10.07 0.90
C GLU A 4 -6.94 11.50 0.97
N ASP A 5 -6.37 11.83 2.12
CA ASP A 5 -5.79 13.16 2.33
C ASP A 5 -4.46 13.02 3.04
N ASP A 6 -3.73 11.94 2.83
CA ASP A 6 -2.46 11.77 3.51
C ASP A 6 -1.56 12.99 3.37
N GLU A 7 -1.56 13.64 2.20
CA GLU A 7 -0.78 14.87 2.01
C GLU A 7 -0.64 15.27 0.53
N GLU A 8 0.47 14.88 -0.08
CA GLU A 8 0.77 15.22 -1.47
C GLU A 8 0.78 14.00 -2.36
N ASP A 9 -0.34 13.73 -3.00
CA ASP A 9 -0.45 12.58 -3.86
C ASP A 9 -1.16 12.90 -5.17
N ASP A 10 -0.37 13.23 -6.18
CA ASP A 10 -0.91 13.58 -7.50
C ASP A 10 -0.10 13.00 -8.65
N ASP A 11 1.23 13.09 -8.57
CA ASP A 11 2.10 12.54 -9.63
C ASP A 11 2.14 11.03 -9.54
N PHE A 12 1.21 10.50 -8.76
CA PHE A 12 1.07 9.10 -8.53
C PHE A 12 0.91 8.36 -9.85
N ASN A 13 1.80 7.43 -10.10
CA ASN A 13 1.79 6.68 -11.34
C ASN A 13 1.10 5.33 -11.13
N GLU A 14 0.22 5.00 -12.04
CA GLU A 14 -0.52 3.75 -11.98
C GLU A 14 0.26 2.62 -12.61
N ASN A 15 -0.25 1.41 -12.44
CA ASN A 15 0.37 0.23 -13.02
C ASN A 15 -0.55 -0.97 -12.92
N ASP A 16 -1.47 -0.94 -11.97
CA ASP A 16 -2.43 -2.03 -11.82
C ASP A 16 -3.68 -1.66 -12.60
N GLU A 17 -3.67 -0.42 -13.09
CA GLU A 17 -4.69 0.17 -13.95
C GLU A 17 -5.87 0.74 -13.18
N ASP A 18 -6.08 2.03 -13.41
CA ASP A 18 -7.15 2.76 -12.75
C ASP A 18 -8.36 2.91 -13.66
N ASP A 19 -8.79 1.80 -14.24
CA ASP A 19 -9.94 1.80 -15.13
C ASP A 19 -11.23 1.85 -14.30
N MET B 3 -8.36 -17.39 0.62
CA MET B 3 -9.24 -16.21 0.69
C MET B 3 -9.57 -15.91 2.15
N ALA B 4 -9.02 -14.82 2.66
CA ALA B 4 -9.22 -14.42 4.06
C ALA B 4 -8.75 -15.53 4.99
N THR B 5 -7.75 -16.26 4.54
CA THR B 5 -7.20 -17.36 5.31
C THR B 5 -5.78 -17.04 5.78
N SER B 6 -4.89 -16.79 4.83
CA SER B 6 -3.51 -16.47 5.15
C SER B 6 -3.40 -15.00 5.54
N SER B 7 -3.31 -14.75 6.84
CA SER B 7 -3.22 -13.40 7.36
C SER B 7 -2.46 -13.40 8.69
N GLU B 8 -1.60 -14.38 8.85
CA GLU B 8 -0.81 -14.53 10.07
C GLU B 8 0.67 -14.60 9.72
N GLU B 9 0.94 -14.38 8.45
CA GLU B 9 2.28 -14.42 7.92
C GLU B 9 2.60 -13.09 7.24
N VAL B 10 3.86 -12.71 7.27
CA VAL B 10 4.29 -11.46 6.65
C VAL B 10 5.38 -11.73 5.62
N LEU B 11 5.10 -11.42 4.37
CA LEU B 11 6.05 -11.62 3.30
C LEU B 11 6.96 -10.41 3.16
N LEU B 12 6.43 -9.23 3.46
CA LEU B 12 7.21 -8.01 3.34
C LEU B 12 6.99 -7.05 4.50
N ILE B 13 8.08 -6.51 5.02
CA ILE B 13 8.00 -5.55 6.11
C ILE B 13 8.56 -4.22 5.65
N VAL B 14 7.77 -3.18 5.78
CA VAL B 14 8.17 -1.85 5.38
C VAL B 14 8.22 -0.95 6.61
N LYS B 15 9.10 0.03 6.58
CA LYS B 15 9.26 0.95 7.69
C LYS B 15 8.76 2.34 7.31
N LYS B 16 8.85 3.26 8.28
CA LYS B 16 8.41 4.66 8.14
C LYS B 16 7.45 4.89 6.98
N VAL B 17 6.24 4.39 7.13
CA VAL B 17 5.20 4.55 6.14
C VAL B 17 3.99 5.21 6.78
N ARG B 18 3.60 6.37 6.28
CA ARG B 18 2.46 7.07 6.82
C ARG B 18 1.20 6.67 6.06
N GLN B 19 0.11 6.56 6.79
CA GLN B 19 -1.17 6.22 6.19
C GLN B 19 -2.26 7.06 6.84
N LYS B 20 -2.72 8.06 6.11
CA LYS B 20 -3.77 8.96 6.57
C LYS B 20 -3.23 9.90 7.65
N LYS B 21 -2.08 10.53 7.35
CA LYS B 21 -1.44 11.51 8.24
C LYS B 21 -0.84 10.89 9.50
N GLN B 22 -0.43 9.63 9.45
CA GLN B 22 0.17 8.99 10.63
C GLN B 22 1.25 7.99 10.21
N ASP B 23 2.40 8.07 10.85
CA ASP B 23 3.54 7.19 10.53
C ASP B 23 3.39 5.81 11.15
N GLY B 24 4.01 4.82 10.52
CA GLY B 24 3.95 3.46 11.00
C GLY B 24 4.76 2.50 10.15
N ALA B 25 4.50 1.22 10.29
CA ALA B 25 5.21 0.20 9.53
C ALA B 25 4.22 -0.67 8.78
N LEU B 26 4.55 -0.96 7.53
CA LEU B 26 3.69 -1.75 6.67
C LEU B 26 4.13 -3.22 6.63
N TYR B 27 3.17 -4.13 6.61
CA TYR B 27 3.47 -5.56 6.57
C TYR B 27 2.55 -6.25 5.57
N LEU B 28 3.12 -6.77 4.49
CA LEU B 28 2.33 -7.44 3.47
C LEU B 28 2.22 -8.92 3.79
N MET B 29 1.00 -9.44 3.74
CA MET B 29 0.71 -10.84 4.03
C MET B 29 0.27 -11.56 2.77
N ALA B 30 0.38 -12.87 2.78
CA ALA B 30 0.03 -13.72 1.64
C ALA B 30 -1.30 -13.36 0.97
N GLU B 31 -2.33 -13.00 1.75
CA GLU B 31 -3.62 -12.66 1.16
C GLU B 31 -4.06 -11.24 1.47
N ARG B 32 -3.31 -10.51 2.29
CA ARG B 32 -3.74 -9.16 2.65
C ARG B 32 -2.57 -8.25 2.97
N ILE B 33 -2.81 -6.96 2.87
CA ILE B 33 -1.81 -5.95 3.19
C ILE B 33 -2.22 -5.29 4.50
N ALA B 34 -1.35 -5.37 5.50
CA ALA B 34 -1.63 -4.79 6.79
C ALA B 34 -0.59 -3.74 7.14
N TRP B 35 -1.01 -2.72 7.85
CA TRP B 35 -0.11 -1.66 8.26
C TRP B 35 -0.56 -1.12 9.62
N ALA B 36 0.40 -0.84 10.48
CA ALA B 36 0.11 -0.32 11.81
C ALA B 36 1.00 0.86 12.14
N PRO B 37 0.44 1.88 12.81
CA PRO B 37 1.20 3.05 13.21
C PRO B 37 2.26 2.68 14.24
N GLU B 38 3.43 3.28 14.14
CA GLU B 38 4.50 2.99 15.08
C GLU B 38 4.08 3.42 16.47
N GLY B 39 3.97 2.45 17.36
CA GLY B 39 3.54 2.72 18.72
C GLY B 39 2.15 2.19 18.96
N LYS B 40 1.59 1.53 17.96
CA LYS B 40 0.26 0.96 18.08
C LYS B 40 0.31 -0.56 18.20
N ASP B 41 -0.65 -1.08 18.92
CA ASP B 41 -0.77 -2.51 19.19
C ASP B 41 -1.68 -3.20 18.18
N ARG B 42 -2.54 -2.44 17.53
CA ARG B 42 -3.46 -3.00 16.56
C ARG B 42 -3.24 -2.40 15.19
N PHE B 43 -3.20 -3.26 14.17
CA PHE B 43 -3.03 -2.82 12.80
C PHE B 43 -4.27 -2.07 12.34
N THR B 44 -4.10 -0.82 11.95
CA THR B 44 -5.21 0.00 11.49
C THR B 44 -5.56 -0.35 10.05
N ILE B 45 -4.54 -0.56 9.25
CA ILE B 45 -4.72 -0.89 7.84
C ILE B 45 -4.75 -2.38 7.63
N SER B 46 -5.86 -2.87 7.11
CA SER B 46 -6.03 -4.28 6.81
C SER B 46 -6.93 -4.43 5.61
N HIS B 47 -6.33 -4.68 4.46
CA HIS B 47 -7.08 -4.84 3.22
C HIS B 47 -6.61 -6.08 2.49
N MET B 48 -7.53 -6.77 1.86
CA MET B 48 -7.16 -7.95 1.10
C MET B 48 -6.89 -7.53 -0.34
N TYR B 49 -5.94 -8.19 -0.97
CA TYR B 49 -5.60 -7.90 -2.37
C TYR B 49 -6.83 -8.06 -3.27
N ALA B 50 -7.80 -8.82 -2.78
CA ALA B 50 -9.02 -9.07 -3.52
C ALA B 50 -9.98 -7.88 -3.48
N ASP B 51 -9.68 -6.90 -2.61
CA ASP B 51 -10.51 -5.71 -2.48
C ASP B 51 -9.79 -4.51 -3.09
N ILE B 52 -8.56 -4.73 -3.52
CA ILE B 52 -7.78 -3.68 -4.13
C ILE B 52 -8.04 -3.71 -5.63
N LYS B 53 -8.31 -2.55 -6.23
CA LYS B 53 -8.58 -2.53 -7.67
C LYS B 53 -7.29 -2.35 -8.42
N CYS B 54 -6.44 -1.48 -7.89
CA CYS B 54 -5.17 -1.18 -8.48
C CYS B 54 -4.28 -0.50 -7.45
N GLN B 55 -3.08 -0.13 -7.84
CA GLN B 55 -2.16 0.52 -6.93
C GLN B 55 -1.29 1.53 -7.67
N LYS B 56 -1.08 2.68 -7.06
CA LYS B 56 -0.22 3.69 -7.65
C LYS B 56 1.07 3.80 -6.87
N ILE B 57 2.11 4.29 -7.52
CA ILE B 57 3.38 4.53 -6.86
C ILE B 57 3.81 5.95 -7.22
N SER B 58 4.13 6.75 -6.22
CA SER B 58 4.53 8.11 -6.48
C SER B 58 6.03 8.15 -6.70
N PRO B 59 6.39 8.60 -7.91
CA PRO B 59 7.78 8.68 -8.40
C PRO B 59 8.60 9.78 -7.77
N GLU B 60 9.88 9.76 -8.12
CA GLU B 60 10.85 10.74 -7.66
C GLU B 60 10.44 12.14 -8.11
N GLY B 61 10.98 13.14 -7.45
CA GLY B 61 10.64 14.52 -7.75
C GLY B 61 9.94 15.13 -6.56
N LYS B 62 9.26 14.26 -5.81
CA LYS B 62 8.60 14.65 -4.59
C LYS B 62 9.60 14.46 -3.46
N ALA B 63 9.45 15.20 -2.40
CA ALA B 63 10.34 15.08 -1.26
C ALA B 63 10.05 13.82 -0.49
N LYS B 64 9.11 13.06 -0.99
CA LYS B 64 8.71 11.83 -0.36
C LYS B 64 8.31 10.80 -1.39
N ILE B 65 8.56 9.54 -1.08
CA ILE B 65 8.20 8.44 -1.95
C ILE B 65 6.86 7.88 -1.50
N GLN B 66 5.94 7.58 -2.41
CA GLN B 66 4.63 7.10 -1.97
C GLN B 66 4.08 5.96 -2.81
N LEU B 67 3.10 5.30 -2.23
CA LEU B 67 2.37 4.22 -2.87
C LEU B 67 0.91 4.40 -2.50
N GLN B 68 -0.02 3.92 -3.30
CA GLN B 68 -1.43 4.06 -2.94
C GLN B 68 -2.24 2.88 -3.42
N LEU B 69 -3.08 2.38 -2.53
CA LEU B 69 -3.94 1.26 -2.84
C LEU B 69 -5.29 1.76 -3.31
N VAL B 70 -5.52 1.69 -4.60
CA VAL B 70 -6.78 2.14 -5.16
C VAL B 70 -7.76 0.98 -5.14
N LEU B 71 -8.68 1.01 -4.21
CA LEU B 71 -9.64 -0.07 -4.06
C LEU B 71 -10.88 0.14 -4.89
N HIS B 72 -11.59 -0.95 -5.19
CA HIS B 72 -12.82 -0.85 -5.95
C HIS B 72 -13.95 -0.45 -5.01
N ALA B 73 -13.59 -0.27 -3.76
CA ALA B 73 -14.52 0.13 -2.71
C ALA B 73 -14.80 1.63 -2.80
N GLY B 74 -14.01 2.32 -3.62
CA GLY B 74 -14.16 3.76 -3.77
C GLY B 74 -13.21 4.53 -2.89
N ASP B 75 -12.24 3.82 -2.31
CA ASP B 75 -11.26 4.45 -1.42
C ASP B 75 -9.85 4.13 -1.87
N THR B 76 -8.93 5.00 -1.51
CA THR B 76 -7.54 4.82 -1.84
C THR B 76 -6.70 4.85 -0.56
N THR B 77 -5.84 3.88 -0.41
CA THR B 77 -4.99 3.79 0.77
C THR B 77 -3.57 4.24 0.40
N ASN B 78 -3.24 5.48 0.70
CA ASN B 78 -1.93 6.01 0.36
C ASN B 78 -0.90 5.69 1.43
N PHE B 79 0.15 5.01 1.02
CA PHE B 79 1.23 4.66 1.90
C PHE B 79 2.42 5.58 1.64
N HIS B 80 2.72 6.39 2.62
CA HIS B 80 3.79 7.37 2.53
C HIS B 80 5.13 6.74 2.93
N PHE B 81 5.92 6.37 1.94
CA PHE B 81 7.22 5.78 2.18
C PHE B 81 8.22 6.86 2.57
N SER B 82 8.29 7.15 3.86
CA SER B 82 9.19 8.19 4.36
C SER B 82 10.46 7.60 4.98
N ASN B 83 10.71 6.32 4.76
CA ASN B 83 11.91 5.68 5.30
C ASN B 83 13.10 5.94 4.39
N GLU B 84 13.83 7.00 4.71
CA GLU B 84 14.99 7.47 3.95
C GLU B 84 15.94 6.35 3.48
N SER B 85 16.09 5.31 4.28
CA SER B 85 16.98 4.21 3.94
C SER B 85 16.54 3.41 2.73
N THR B 86 15.35 2.81 2.79
CA THR B 86 14.92 1.97 1.69
C THR B 86 13.54 2.31 1.11
N ALA B 87 12.96 3.46 1.46
CA ALA B 87 11.63 3.86 0.98
C ALA B 87 11.41 3.63 -0.51
N VAL B 88 12.36 4.05 -1.34
CA VAL B 88 12.24 3.87 -2.78
C VAL B 88 12.14 2.38 -3.14
N LYS B 89 13.07 1.59 -2.63
CA LYS B 89 13.10 0.15 -2.89
C LYS B 89 11.91 -0.52 -2.23
N GLU B 90 11.50 0.02 -1.09
CA GLU B 90 10.36 -0.48 -0.36
C GLU B 90 9.10 -0.23 -1.19
N ARG B 91 8.99 0.96 -1.76
CA ARG B 91 7.87 1.32 -2.63
C ARG B 91 7.81 0.33 -3.76
N ASP B 92 8.96 0.09 -4.34
CA ASP B 92 9.12 -0.83 -5.44
C ASP B 92 8.78 -2.26 -5.05
N ALA B 93 9.23 -2.71 -3.89
CA ALA B 93 8.95 -4.08 -3.44
C ALA B 93 7.46 -4.26 -3.13
N VAL B 94 6.85 -3.28 -2.43
CA VAL B 94 5.43 -3.36 -2.13
C VAL B 94 4.68 -3.39 -3.46
N LYS B 95 5.12 -2.54 -4.37
CA LYS B 95 4.54 -2.45 -5.71
C LYS B 95 4.68 -3.80 -6.41
N ASP B 96 5.91 -4.30 -6.44
CA ASP B 96 6.24 -5.56 -7.06
C ASP B 96 5.38 -6.70 -6.52
N LEU B 97 5.40 -6.87 -5.21
CA LEU B 97 4.63 -7.93 -4.56
C LEU B 97 3.13 -7.73 -4.77
N LEU B 98 2.69 -6.48 -4.86
CA LEU B 98 1.27 -6.20 -5.07
C LEU B 98 0.88 -6.44 -6.52
N GLN B 99 1.76 -6.09 -7.45
CA GLN B 99 1.47 -6.32 -8.87
C GLN B 99 1.44 -7.83 -9.11
N GLN B 100 2.04 -8.53 -8.17
CA GLN B 100 2.12 -9.96 -8.16
C GLN B 100 0.89 -10.58 -7.49
N LEU B 101 0.60 -10.02 -6.34
CA LEU B 101 -0.48 -10.47 -5.46
C LEU B 101 -1.87 -9.93 -5.81
N LEU B 102 -1.98 -8.68 -6.25
CA LEU B 102 -3.29 -8.10 -6.53
C LEU B 102 -4.03 -8.80 -7.69
N PRO B 103 -3.44 -8.87 -8.90
CA PRO B 103 -4.09 -9.51 -10.06
C PRO B 103 -4.44 -10.98 -9.82
N LYS B 104 -3.73 -11.62 -8.88
CA LYS B 104 -3.98 -13.02 -8.57
C LYS B 104 -5.07 -13.18 -7.50
N PHE B 105 -5.63 -12.06 -7.03
CA PHE B 105 -6.68 -12.11 -6.01
C PHE B 105 -7.94 -11.39 -6.49
N LYS B 106 -7.76 -10.30 -7.23
CA LYS B 106 -8.89 -9.55 -7.75
C LYS B 106 -9.42 -10.22 -9.01
N ARG B 107 -10.66 -9.89 -9.38
CA ARG B 107 -11.28 -10.47 -10.56
C ARG B 107 -10.49 -10.08 -11.79
N LYS B 108 -10.24 -8.79 -11.93
CA LYS B 108 -9.48 -8.24 -13.05
C LYS B 108 -9.37 -6.73 -12.90
N ALA B 109 -10.50 -6.05 -13.07
CA ALA B 109 -10.55 -4.60 -12.92
C ALA B 109 -11.52 -4.24 -11.82
N ASN B 110 -11.89 -5.28 -11.08
CA ASN B 110 -12.83 -5.18 -9.98
C ASN B 110 -12.79 -6.49 -9.21
N TYR A 1 -6.49 16.64 -0.30
CA TYR A 1 -7.56 17.31 -1.07
C TYR A 1 -8.91 16.62 -0.82
N VAL A 2 -9.86 16.85 -1.72
CA VAL A 2 -11.18 16.23 -1.60
C VAL A 2 -11.06 14.71 -1.74
N GLY A 3 -11.33 14.00 -0.65
CA GLY A 3 -11.23 12.56 -0.65
C GLY A 3 -9.96 12.10 0.00
N GLU A 4 -8.87 12.15 -0.75
CA GLU A 4 -7.56 11.75 -0.24
C GLU A 4 -6.78 12.98 0.18
N ASP A 5 -6.22 12.94 1.38
CA ASP A 5 -5.43 14.04 1.91
C ASP A 5 -4.18 13.53 2.59
N ASP A 6 -3.62 12.44 2.10
CA ASP A 6 -2.41 11.85 2.70
C ASP A 6 -1.17 12.76 2.60
N GLU A 7 -1.41 14.05 2.30
CA GLU A 7 -0.39 15.11 2.23
C GLU A 7 -0.11 15.58 0.80
N GLU A 8 0.51 14.73 -0.01
CA GLU A 8 0.86 15.11 -1.37
C GLU A 8 0.82 13.90 -2.29
N ASP A 9 -0.31 13.69 -2.93
CA ASP A 9 -0.47 12.55 -3.81
C ASP A 9 -1.12 12.94 -5.13
N ASP A 10 -0.29 13.21 -6.12
CA ASP A 10 -0.79 13.59 -7.44
C ASP A 10 0.00 12.97 -8.59
N ASP A 11 1.32 13.00 -8.52
CA ASP A 11 2.19 12.42 -9.57
C ASP A 11 2.16 10.90 -9.49
N PHE A 12 1.23 10.39 -8.71
CA PHE A 12 1.05 8.99 -8.51
C PHE A 12 0.91 8.23 -9.82
N ASN A 13 1.87 7.36 -10.08
CA ASN A 13 1.87 6.56 -11.29
C ASN A 13 0.90 5.42 -11.09
N GLU A 14 0.09 5.13 -12.10
CA GLU A 14 -0.91 4.09 -11.93
C GLU A 14 -1.25 3.34 -13.20
N ASN A 15 -2.18 2.43 -12.99
CA ASN A 15 -2.78 1.58 -14.01
C ASN A 15 -4.16 1.22 -13.48
N ASP A 16 -4.97 2.26 -13.30
CA ASP A 16 -6.32 2.18 -12.72
C ASP A 16 -7.29 1.26 -13.48
N GLU A 17 -6.78 0.43 -14.38
CA GLU A 17 -7.63 -0.51 -15.10
C GLU A 17 -8.24 -1.49 -14.11
N ASP A 18 -7.41 -2.43 -13.66
CA ASP A 18 -7.79 -3.42 -12.67
C ASP A 18 -6.57 -4.26 -12.32
N ASP A 19 -5.65 -3.65 -11.58
CA ASP A 19 -4.40 -4.30 -11.17
C ASP A 19 -4.69 -5.25 -10.01
N MET B 3 0.99 -19.35 9.70
CA MET B 3 1.68 -20.63 9.43
C MET B 3 1.78 -20.88 7.93
N ALA B 4 0.65 -21.06 7.28
CA ALA B 4 0.60 -21.29 5.84
C ALA B 4 -0.75 -20.86 5.30
N THR B 5 -0.79 -19.67 4.70
CA THR B 5 -2.02 -19.13 4.14
C THR B 5 -3.05 -18.93 5.25
N SER B 6 -2.59 -18.38 6.37
CA SER B 6 -3.45 -18.13 7.52
C SER B 6 -3.94 -16.69 7.54
N SER B 7 -3.80 -16.01 6.40
CA SER B 7 -4.22 -14.62 6.23
C SER B 7 -3.36 -13.68 7.08
N GLU B 8 -2.19 -14.16 7.47
CA GLU B 8 -1.27 -13.38 8.29
C GLU B 8 0.17 -13.73 7.93
N GLU B 9 0.35 -14.29 6.75
CA GLU B 9 1.69 -14.65 6.29
C GLU B 9 2.36 -13.41 5.72
N VAL B 10 3.24 -12.81 6.50
CA VAL B 10 3.92 -11.59 6.08
C VAL B 10 5.10 -11.90 5.20
N LEU B 11 5.02 -11.42 3.96
CA LEU B 11 6.09 -11.60 3.00
C LEU B 11 6.98 -10.37 2.94
N LEU B 12 6.40 -9.20 3.19
CA LEU B 12 7.14 -7.96 3.15
C LEU B 12 6.86 -7.08 4.37
N ILE B 13 7.93 -6.49 4.90
CA ILE B 13 7.82 -5.58 6.03
C ILE B 13 8.40 -4.23 5.64
N VAL B 14 7.60 -3.20 5.73
CA VAL B 14 8.02 -1.86 5.39
C VAL B 14 8.10 -1.00 6.64
N LYS B 15 9.02 -0.06 6.62
CA LYS B 15 9.24 0.82 7.77
C LYS B 15 8.74 2.21 7.46
N LYS B 16 8.77 3.06 8.49
CA LYS B 16 8.33 4.46 8.45
C LYS B 16 7.41 4.79 7.27
N VAL B 17 6.20 4.26 7.33
CA VAL B 17 5.20 4.51 6.32
C VAL B 17 4.05 5.24 6.97
N ARG B 18 3.74 6.41 6.49
CA ARG B 18 2.68 7.21 7.05
C ARG B 18 1.38 7.02 6.27
N GLN B 19 0.36 6.53 6.94
CA GLN B 19 -0.94 6.33 6.34
C GLN B 19 -1.88 7.36 6.93
N LYS B 20 -2.44 8.21 6.06
CA LYS B 20 -3.34 9.26 6.52
C LYS B 20 -2.55 10.25 7.36
N LYS B 21 -1.27 10.40 6.99
CA LYS B 21 -0.32 11.28 7.67
C LYS B 21 0.05 10.73 9.06
N GLN B 22 -0.21 9.44 9.27
CA GLN B 22 0.12 8.80 10.54
C GLN B 22 1.28 7.82 10.33
N ASP B 23 2.38 8.06 11.02
CA ASP B 23 3.57 7.22 10.89
C ASP B 23 3.35 5.81 11.42
N GLY B 24 3.97 4.84 10.76
CA GLY B 24 3.84 3.45 11.15
C GLY B 24 4.66 2.51 10.28
N ALA B 25 4.38 1.21 10.38
CA ALA B 25 5.09 0.22 9.58
C ALA B 25 4.09 -0.64 8.81
N LEU B 26 4.41 -0.90 7.56
CA LEU B 26 3.54 -1.65 6.67
C LEU B 26 3.97 -3.12 6.59
N TYR B 27 3.01 -4.02 6.53
CA TYR B 27 3.28 -5.46 6.44
C TYR B 27 2.38 -6.08 5.38
N LEU B 28 2.98 -6.75 4.40
CA LEU B 28 2.21 -7.36 3.34
C LEU B 28 2.13 -8.87 3.50
N MET B 29 0.91 -9.37 3.61
CA MET B 29 0.67 -10.79 3.73
C MET B 29 0.32 -11.36 2.37
N ALA B 30 0.50 -12.66 2.21
CA ALA B 30 0.22 -13.33 0.94
C ALA B 30 -1.22 -13.16 0.46
N GLU B 31 -2.12 -12.84 1.38
CA GLU B 31 -3.52 -12.70 1.04
C GLU B 31 -4.03 -11.27 1.28
N ARG B 32 -3.31 -10.49 2.05
CA ARG B 32 -3.78 -9.14 2.38
C ARG B 32 -2.65 -8.20 2.73
N ILE B 33 -2.95 -6.91 2.72
CA ILE B 33 -1.99 -5.88 3.07
C ILE B 33 -2.44 -5.21 4.36
N ALA B 34 -1.58 -5.23 5.37
CA ALA B 34 -1.91 -4.62 6.65
C ALA B 34 -0.84 -3.63 7.05
N TRP B 35 -1.21 -2.64 7.82
CA TRP B 35 -0.27 -1.64 8.27
C TRP B 35 -0.64 -1.16 9.67
N ALA B 36 0.35 -1.01 10.52
CA ALA B 36 0.14 -0.57 11.89
C ALA B 36 0.94 0.69 12.17
N PRO B 37 0.33 1.67 12.82
CA PRO B 37 1.00 2.93 13.13
C PRO B 37 2.03 2.76 14.24
N GLU B 38 3.07 3.58 14.20
CA GLU B 38 4.14 3.53 15.19
C GLU B 38 3.61 3.87 16.58
N GLY B 39 3.85 2.95 17.52
CA GLY B 39 3.40 3.15 18.88
C GLY B 39 2.04 2.54 19.15
N LYS B 40 1.53 1.81 18.17
CA LYS B 40 0.23 1.16 18.31
C LYS B 40 0.40 -0.36 18.33
N ASP B 41 -0.50 -1.03 19.03
CA ASP B 41 -0.45 -2.49 19.16
C ASP B 41 -1.38 -3.18 18.17
N ARG B 42 -2.09 -2.40 17.38
CA ARG B 42 -3.03 -2.97 16.43
C ARG B 42 -2.89 -2.35 15.04
N PHE B 43 -3.22 -3.14 14.03
CA PHE B 43 -3.14 -2.70 12.65
C PHE B 43 -4.41 -1.96 12.28
N THR B 44 -4.28 -0.70 11.87
CA THR B 44 -5.43 0.09 11.49
C THR B 44 -5.77 -0.12 10.02
N ILE B 45 -4.78 -0.56 9.26
CA ILE B 45 -4.95 -0.82 7.85
C ILE B 45 -5.11 -2.31 7.59
N SER B 46 -6.21 -2.68 6.97
CA SER B 46 -6.48 -4.07 6.66
C SER B 46 -7.27 -4.17 5.36
N HIS B 47 -6.59 -4.51 4.29
CA HIS B 47 -7.23 -4.65 2.99
C HIS B 47 -6.77 -5.93 2.31
N MET B 48 -7.68 -6.63 1.67
CA MET B 48 -7.32 -7.85 0.97
C MET B 48 -7.10 -7.54 -0.49
N TYR B 49 -6.20 -8.28 -1.12
CA TYR B 49 -5.89 -8.08 -2.54
C TYR B 49 -7.13 -8.23 -3.41
N ALA B 50 -8.12 -8.95 -2.91
CA ALA B 50 -9.36 -9.18 -3.64
C ALA B 50 -10.21 -7.91 -3.73
N ASP B 51 -10.04 -6.99 -2.79
CA ASP B 51 -10.81 -5.75 -2.77
C ASP B 51 -10.01 -4.62 -3.40
N ILE B 52 -8.77 -4.89 -3.76
CA ILE B 52 -7.95 -3.88 -4.38
C ILE B 52 -8.26 -3.84 -5.88
N LYS B 53 -8.48 -2.65 -6.41
CA LYS B 53 -8.81 -2.51 -7.81
C LYS B 53 -7.54 -2.28 -8.63
N CYS B 54 -6.63 -1.52 -8.05
CA CYS B 54 -5.36 -1.21 -8.68
C CYS B 54 -4.46 -0.56 -7.65
N GLN B 55 -3.26 -0.20 -8.05
CA GLN B 55 -2.33 0.41 -7.13
C GLN B 55 -1.54 1.55 -7.79
N LYS B 56 -1.26 2.61 -7.05
CA LYS B 56 -0.46 3.70 -7.59
C LYS B 56 0.84 3.79 -6.82
N ILE B 57 1.89 4.26 -7.48
CA ILE B 57 3.17 4.45 -6.83
C ILE B 57 3.65 5.86 -7.18
N SER B 58 4.03 6.64 -6.19
CA SER B 58 4.49 7.99 -6.45
C SER B 58 6.00 7.98 -6.65
N PRO B 59 6.39 8.44 -7.84
CA PRO B 59 7.78 8.51 -8.31
C PRO B 59 8.64 9.57 -7.65
N GLU B 60 9.93 9.53 -7.98
CA GLU B 60 10.90 10.48 -7.47
C GLU B 60 10.51 11.90 -7.86
N GLY B 61 11.07 12.86 -7.14
CA GLY B 61 10.74 14.25 -7.38
C GLY B 61 10.02 14.84 -6.19
N LYS B 62 9.31 13.98 -5.50
CA LYS B 62 8.60 14.36 -4.29
C LYS B 62 9.53 14.17 -3.11
N ALA B 63 9.29 14.92 -2.06
CA ALA B 63 10.09 14.81 -0.86
C ALA B 63 9.83 13.50 -0.15
N LYS B 64 8.78 12.83 -0.59
CA LYS B 64 8.42 11.58 -0.02
C LYS B 64 8.01 10.58 -1.10
N ILE B 65 8.41 9.34 -0.92
CA ILE B 65 8.06 8.28 -1.84
C ILE B 65 6.68 7.75 -1.43
N GLN B 66 5.80 7.44 -2.38
CA GLN B 66 4.47 6.99 -1.97
C GLN B 66 3.91 5.86 -2.79
N LEU B 67 2.90 5.24 -2.21
CA LEU B 67 2.16 4.16 -2.84
C LEU B 67 0.70 4.33 -2.45
N GLN B 68 -0.24 3.86 -3.26
CA GLN B 68 -1.65 3.98 -2.88
C GLN B 68 -2.44 2.78 -3.39
N LEU B 69 -3.32 2.29 -2.54
CA LEU B 69 -4.18 1.16 -2.87
C LEU B 69 -5.51 1.67 -3.39
N VAL B 70 -5.69 1.60 -4.68
CA VAL B 70 -6.93 2.04 -5.28
C VAL B 70 -7.91 0.88 -5.29
N LEU B 71 -8.95 0.97 -4.47
CA LEU B 71 -9.91 -0.11 -4.35
C LEU B 71 -11.15 0.11 -5.20
N HIS B 72 -11.81 -0.98 -5.55
CA HIS B 72 -13.03 -0.93 -6.33
C HIS B 72 -14.20 -0.61 -5.41
N ALA B 73 -13.87 -0.40 -4.14
CA ALA B 73 -14.83 -0.06 -3.12
C ALA B 73 -15.09 1.43 -3.11
N GLY B 74 -14.33 2.16 -3.92
CA GLY B 74 -14.47 3.60 -4.01
C GLY B 74 -13.55 4.30 -3.03
N ASP B 75 -12.57 3.56 -2.53
CA ASP B 75 -11.61 4.10 -1.57
C ASP B 75 -10.18 3.88 -2.06
N THR B 76 -9.29 4.73 -1.60
CA THR B 76 -7.89 4.65 -1.95
C THR B 76 -7.06 4.70 -0.66
N THR B 77 -6.14 3.78 -0.52
CA THR B 77 -5.29 3.73 0.66
C THR B 77 -3.88 4.20 0.34
N ASN B 78 -3.58 5.45 0.64
CA ASN B 78 -2.25 5.98 0.35
C ASN B 78 -1.26 5.59 1.44
N PHE B 79 -0.02 5.40 1.04
CA PHE B 79 1.06 5.04 1.93
C PHE B 79 2.26 5.93 1.69
N HIS B 80 2.56 6.76 2.67
CA HIS B 80 3.67 7.70 2.60
C HIS B 80 4.96 7.02 3.08
N PHE B 81 5.78 6.61 2.13
CA PHE B 81 7.05 5.96 2.45
C PHE B 81 8.05 7.02 2.91
N SER B 82 8.24 7.14 4.21
CA SER B 82 9.15 8.13 4.76
C SER B 82 10.44 7.52 5.30
N ASN B 83 10.68 6.25 5.02
CA ASN B 83 11.89 5.59 5.48
C ASN B 83 13.04 5.86 4.49
N GLU B 84 13.77 6.93 4.76
CA GLU B 84 14.89 7.38 3.92
C GLU B 84 15.83 6.27 3.45
N SER B 85 16.02 5.26 4.27
CA SER B 85 16.92 4.16 3.94
C SER B 85 16.44 3.33 2.76
N THR B 86 15.25 2.76 2.84
CA THR B 86 14.80 1.90 1.77
C THR B 86 13.42 2.24 1.19
N ALA B 87 12.84 3.39 1.56
CA ALA B 87 11.49 3.78 1.09
C ALA B 87 11.28 3.56 -0.40
N VAL B 88 12.24 3.99 -1.22
CA VAL B 88 12.14 3.82 -2.67
C VAL B 88 12.01 2.33 -3.04
N LYS B 89 12.96 1.54 -2.56
CA LYS B 89 12.99 0.11 -2.83
C LYS B 89 11.79 -0.57 -2.17
N GLU B 90 11.39 -0.03 -1.04
CA GLU B 90 10.24 -0.53 -0.30
C GLU B 90 8.98 -0.29 -1.12
N ARG B 91 8.86 0.93 -1.68
CA ARG B 91 7.73 1.28 -2.53
C ARG B 91 7.66 0.29 -3.67
N ASP B 92 8.83 0.08 -4.26
CA ASP B 92 9.00 -0.82 -5.36
C ASP B 92 8.64 -2.26 -4.98
N ALA B 93 9.09 -2.71 -3.82
CA ALA B 93 8.79 -4.07 -3.37
C ALA B 93 7.30 -4.24 -3.06
N VAL B 94 6.69 -3.23 -2.44
CA VAL B 94 5.26 -3.29 -2.15
C VAL B 94 4.53 -3.34 -3.48
N LYS B 95 4.98 -2.49 -4.40
CA LYS B 95 4.44 -2.41 -5.76
C LYS B 95 4.58 -3.76 -6.44
N ASP B 96 5.81 -4.27 -6.43
CA ASP B 96 6.15 -5.54 -7.03
C ASP B 96 5.34 -6.68 -6.44
N LEU B 97 5.35 -6.80 -5.13
CA LEU B 97 4.61 -7.85 -4.46
C LEU B 97 3.11 -7.70 -4.74
N LEU B 98 2.61 -6.47 -4.79
CA LEU B 98 1.20 -6.24 -5.07
C LEU B 98 0.90 -6.57 -6.54
N GLN B 99 1.74 -6.11 -7.46
CA GLN B 99 1.53 -6.40 -8.89
C GLN B 99 1.65 -7.91 -9.12
N GLN B 100 2.27 -8.56 -8.16
CA GLN B 100 2.46 -9.99 -8.16
C GLN B 100 1.24 -10.68 -7.57
N LEU B 101 0.87 -10.17 -6.42
CA LEU B 101 -0.22 -10.69 -5.60
C LEU B 101 -1.63 -10.28 -6.06
N LEU B 102 -1.83 -9.00 -6.35
CA LEU B 102 -3.14 -8.48 -6.75
C LEU B 102 -3.77 -9.27 -7.89
N PRO B 103 -3.10 -9.40 -9.06
CA PRO B 103 -3.65 -10.15 -10.21
C PRO B 103 -3.90 -11.63 -9.91
N LYS B 104 -3.37 -12.12 -8.80
CA LYS B 104 -3.56 -13.52 -8.42
C LYS B 104 -4.87 -13.68 -7.64
N PHE B 105 -5.32 -12.59 -7.05
CA PHE B 105 -6.58 -12.58 -6.29
C PHE B 105 -7.53 -11.58 -6.92
N LYS B 106 -7.26 -11.27 -8.18
CA LYS B 106 -8.04 -10.30 -8.94
C LYS B 106 -9.51 -10.66 -9.00
N ARG B 107 -10.30 -10.01 -8.17
CA ARG B 107 -11.72 -10.22 -8.13
C ARG B 107 -12.40 -8.91 -7.79
N LYS B 108 -13.49 -8.97 -7.04
CA LYS B 108 -14.23 -7.79 -6.63
C LYS B 108 -14.75 -7.99 -5.23
N ALA B 109 -14.02 -7.47 -4.26
CA ALA B 109 -14.36 -7.56 -2.84
C ALA B 109 -14.09 -8.96 -2.31
N ASN B 110 -14.45 -9.18 -1.05
CA ASN B 110 -14.27 -10.46 -0.40
C ASN B 110 -15.13 -11.53 -1.04
N TYR A 1 -4.45 18.08 0.64
CA TYR A 1 -5.10 19.25 0.01
C TYR A 1 -6.48 18.88 -0.53
N VAL A 2 -6.88 19.49 -1.63
CA VAL A 2 -8.18 19.21 -2.25
C VAL A 2 -8.24 17.74 -2.70
N GLY A 3 -9.19 17.01 -2.15
CA GLY A 3 -9.33 15.62 -2.50
C GLY A 3 -8.64 14.71 -1.50
N GLU A 4 -7.33 14.55 -1.67
CA GLU A 4 -6.55 13.71 -0.78
C GLU A 4 -5.66 14.60 0.08
N ASP A 5 -5.46 14.20 1.33
CA ASP A 5 -4.63 14.96 2.26
C ASP A 5 -3.60 14.09 2.94
N ASP A 6 -3.14 13.04 2.28
CA ASP A 6 -2.11 12.21 2.89
C ASP A 6 -0.85 13.03 3.01
N GLU A 7 -0.68 13.93 2.03
CA GLU A 7 0.44 14.86 1.97
C GLU A 7 0.49 15.53 0.60
N GLU A 8 0.66 14.71 -0.42
CA GLU A 8 0.77 15.16 -1.80
C GLU A 8 0.66 13.94 -2.69
N ASP A 9 -0.51 13.73 -3.26
CA ASP A 9 -0.74 12.54 -4.05
C ASP A 9 -1.42 12.84 -5.37
N ASP A 10 -0.64 13.08 -6.40
CA ASP A 10 -1.18 13.39 -7.72
C ASP A 10 -0.41 12.70 -8.85
N ASP A 11 0.92 12.81 -8.83
CA ASP A 11 1.76 12.17 -9.85
C ASP A 11 1.79 10.67 -9.66
N PHE A 12 0.88 10.21 -8.84
CA PHE A 12 0.70 8.83 -8.51
C PHE A 12 0.35 8.00 -9.75
N ASN A 13 1.20 7.03 -10.07
CA ASN A 13 0.99 6.18 -11.24
C ASN A 13 0.59 4.78 -10.83
N GLU A 14 -0.44 4.24 -11.46
CA GLU A 14 -0.91 2.89 -11.14
C GLU A 14 -0.70 1.95 -12.33
N ASN A 15 -1.80 1.49 -12.93
CA ASN A 15 -1.72 0.58 -14.06
C ASN A 15 -2.74 0.94 -15.13
N ASP A 16 -2.86 0.09 -16.13
CA ASP A 16 -3.77 0.29 -17.25
C ASP A 16 -4.91 -0.73 -17.23
N GLU A 17 -4.88 -1.65 -16.28
CA GLU A 17 -5.89 -2.69 -16.20
C GLU A 17 -7.12 -2.22 -15.43
N ASP A 18 -8.22 -2.94 -15.58
CA ASP A 18 -9.44 -2.61 -14.87
C ASP A 18 -9.51 -3.46 -13.61
N ASP A 19 -9.17 -4.74 -13.73
CA ASP A 19 -9.13 -5.65 -12.58
C ASP A 19 -8.58 -7.02 -12.99
N MET B 3 -3.34 -16.45 6.02
CA MET B 3 -3.48 -17.65 6.89
C MET B 3 -4.94 -17.92 7.26
N ALA B 4 -5.53 -17.09 8.11
CA ALA B 4 -6.91 -17.29 8.53
C ALA B 4 -7.55 -16.01 9.08
N THR B 5 -7.02 -14.86 8.68
CA THR B 5 -7.54 -13.56 9.11
C THR B 5 -7.37 -13.36 10.63
N SER B 6 -6.12 -13.38 11.08
CA SER B 6 -5.78 -13.20 12.49
C SER B 6 -4.32 -12.78 12.63
N SER B 7 -3.46 -13.54 11.98
CA SER B 7 -2.02 -13.32 11.99
C SER B 7 -1.46 -13.97 10.74
N GLU B 8 -1.61 -13.29 9.62
CA GLU B 8 -1.18 -13.83 8.34
C GLU B 8 0.32 -13.70 8.14
N GLU B 9 0.80 -14.49 7.21
CA GLU B 9 2.20 -14.53 6.85
C GLU B 9 2.63 -13.19 6.29
N VAL B 10 3.46 -12.48 7.02
CA VAL B 10 3.96 -11.20 6.57
C VAL B 10 5.15 -11.43 5.65
N LEU B 11 4.91 -11.27 4.36
CA LEU B 11 5.93 -11.46 3.37
C LEU B 11 6.81 -10.21 3.23
N LEU B 12 6.22 -9.05 3.44
CA LEU B 12 6.96 -7.81 3.30
C LEU B 12 6.75 -6.87 4.47
N ILE B 13 7.84 -6.49 5.12
CA ILE B 13 7.78 -5.55 6.22
C ILE B 13 8.40 -4.24 5.79
N VAL B 14 7.61 -3.19 5.84
CA VAL B 14 8.06 -1.87 5.47
C VAL B 14 8.10 -0.98 6.69
N LYS B 15 9.01 -0.03 6.69
CA LYS B 15 9.14 0.86 7.82
C LYS B 15 8.66 2.25 7.44
N LYS B 16 8.75 3.15 8.41
CA LYS B 16 8.32 4.55 8.29
C LYS B 16 7.38 4.80 7.12
N VAL B 17 6.13 4.41 7.30
CA VAL B 17 5.09 4.61 6.31
C VAL B 17 3.91 5.29 6.98
N ARG B 18 3.48 6.42 6.44
CA ARG B 18 2.38 7.15 7.03
C ARG B 18 1.06 6.88 6.32
N GLN B 19 0.00 6.89 7.09
CA GLN B 19 -1.34 6.72 6.57
C GLN B 19 -2.13 7.97 6.93
N LYS B 20 -2.32 8.83 5.95
CA LYS B 20 -3.04 10.09 6.16
C LYS B 20 -2.39 10.91 7.30
N LYS B 21 -1.10 11.19 7.14
CA LYS B 21 -0.31 12.01 8.09
C LYS B 21 0.09 11.27 9.38
N GLN B 22 -0.11 9.95 9.46
CA GLN B 22 0.29 9.22 10.67
C GLN B 22 1.33 8.15 10.35
N ASP B 23 2.50 8.28 10.95
CA ASP B 23 3.62 7.36 10.71
C ASP B 23 3.39 5.98 11.34
N GLY B 24 3.97 4.97 10.70
CA GLY B 24 3.86 3.60 11.18
C GLY B 24 4.67 2.65 10.33
N ALA B 25 4.36 1.36 10.42
CA ALA B 25 5.04 0.33 9.66
C ALA B 25 4.05 -0.49 8.86
N LEU B 26 4.40 -0.81 7.63
CA LEU B 26 3.55 -1.57 6.74
C LEU B 26 3.97 -3.04 6.69
N TYR B 27 2.99 -3.94 6.72
CA TYR B 27 3.27 -5.37 6.69
C TYR B 27 2.35 -6.06 5.67
N LEU B 28 2.91 -6.50 4.56
CA LEU B 28 2.13 -7.16 3.53
C LEU B 28 1.98 -8.64 3.85
N MET B 29 0.74 -9.07 3.98
CA MET B 29 0.42 -10.45 4.31
C MET B 29 0.04 -11.23 3.06
N ALA B 30 0.00 -12.55 3.19
CA ALA B 30 -0.31 -13.46 2.08
C ALA B 30 -1.52 -13.03 1.24
N GLU B 31 -2.66 -12.76 1.88
CA GLU B 31 -3.85 -12.38 1.13
C GLU B 31 -4.29 -10.95 1.42
N ARG B 32 -3.50 -10.19 2.16
CA ARG B 32 -3.92 -8.83 2.50
C ARG B 32 -2.76 -7.95 2.89
N ILE B 33 -2.96 -6.65 2.76
CA ILE B 33 -1.96 -5.66 3.13
C ILE B 33 -2.35 -5.03 4.46
N ALA B 34 -1.50 -5.20 5.46
CA ALA B 34 -1.77 -4.66 6.78
C ALA B 34 -0.74 -3.60 7.15
N TRP B 35 -1.18 -2.61 7.90
CA TRP B 35 -0.31 -1.54 8.33
C TRP B 35 -0.73 -1.06 9.71
N ALA B 36 0.24 -0.65 10.53
CA ALA B 36 -0.06 -0.18 11.88
C ALA B 36 0.91 0.93 12.29
N PRO B 37 0.37 2.03 12.87
CA PRO B 37 1.16 3.18 13.31
C PRO B 37 2.00 2.86 14.54
N GLU B 38 3.28 3.22 14.53
CA GLU B 38 4.18 2.92 15.64
C GLU B 38 3.59 3.35 16.98
N GLY B 39 3.66 2.43 17.94
CA GLY B 39 3.09 2.66 19.25
C GLY B 39 1.77 1.95 19.38
N LYS B 40 1.51 1.09 18.39
CA LYS B 40 0.28 0.32 18.31
C LYS B 40 0.47 -1.10 18.81
N ASP B 41 -0.65 -1.77 19.03
CA ASP B 41 -0.65 -3.17 19.46
C ASP B 41 -1.47 -4.00 18.47
N ARG B 42 -2.09 -3.31 17.52
CA ARG B 42 -2.91 -3.95 16.52
C ARG B 42 -2.80 -3.20 15.19
N PHE B 43 -3.23 -3.84 14.11
CA PHE B 43 -3.17 -3.24 12.79
C PHE B 43 -4.44 -2.44 12.53
N THR B 44 -4.28 -1.21 12.06
CA THR B 44 -5.42 -0.36 11.76
C THR B 44 -5.78 -0.46 10.29
N ILE B 45 -4.79 -0.80 9.48
CA ILE B 45 -4.98 -0.94 8.06
C ILE B 45 -4.98 -2.41 7.66
N SER B 46 -6.09 -2.85 7.07
CA SER B 46 -6.22 -4.22 6.62
C SER B 46 -7.09 -4.27 5.37
N HIS B 47 -6.46 -4.39 4.23
CA HIS B 47 -7.18 -4.47 2.96
C HIS B 47 -6.82 -5.74 2.23
N MET B 48 -7.80 -6.39 1.65
CA MET B 48 -7.55 -7.62 0.93
C MET B 48 -7.16 -7.28 -0.50
N TYR B 49 -6.21 -8.02 -1.04
CA TYR B 49 -5.74 -7.82 -2.41
C TYR B 49 -6.91 -7.95 -3.39
N ALA B 50 -7.94 -8.66 -2.96
CA ALA B 50 -9.12 -8.88 -3.78
C ALA B 50 -9.97 -7.62 -3.92
N ASP B 51 -9.81 -6.69 -2.97
CA ASP B 51 -10.58 -5.44 -2.99
C ASP B 51 -9.75 -4.34 -3.62
N ILE B 52 -8.50 -4.64 -3.90
CA ILE B 52 -7.62 -3.66 -4.50
C ILE B 52 -7.77 -3.72 -6.01
N LYS B 53 -8.22 -2.64 -6.62
CA LYS B 53 -8.42 -2.60 -8.06
C LYS B 53 -7.11 -2.40 -8.76
N CYS B 54 -6.21 -1.70 -8.09
CA CYS B 54 -4.89 -1.41 -8.59
C CYS B 54 -4.10 -0.67 -7.53
N GLN B 55 -2.84 -0.44 -7.76
CA GLN B 55 -2.03 0.27 -6.80
C GLN B 55 -1.22 1.36 -7.49
N LYS B 56 -1.15 2.52 -6.88
CA LYS B 56 -0.38 3.61 -7.45
C LYS B 56 0.92 3.76 -6.70
N ILE B 57 1.95 4.21 -7.38
CA ILE B 57 3.22 4.48 -6.75
C ILE B 57 3.62 5.90 -7.13
N SER B 58 3.92 6.72 -6.14
CA SER B 58 4.29 8.09 -6.44
C SER B 58 5.80 8.14 -6.65
N PRO B 59 6.16 8.52 -7.89
CA PRO B 59 7.54 8.60 -8.38
C PRO B 59 8.36 9.71 -7.77
N GLU B 60 9.64 9.70 -8.10
CA GLU B 60 10.60 10.69 -7.64
C GLU B 60 10.17 12.08 -8.13
N GLY B 61 10.70 13.09 -7.47
CA GLY B 61 10.34 14.46 -7.79
C GLY B 61 9.58 15.07 -6.64
N LYS B 62 8.89 14.20 -5.92
CA LYS B 62 8.15 14.60 -4.74
C LYS B 62 9.09 14.51 -3.56
N ALA B 63 8.85 15.31 -2.54
CA ALA B 63 9.68 15.30 -1.35
C ALA B 63 9.48 14.03 -0.57
N LYS B 64 8.50 13.25 -0.97
CA LYS B 64 8.21 12.01 -0.30
C LYS B 64 7.81 10.95 -1.30
N ILE B 65 8.27 9.73 -1.07
CA ILE B 65 7.95 8.60 -1.92
C ILE B 65 6.64 8.01 -1.44
N GLN B 66 5.71 7.69 -2.32
CA GLN B 66 4.41 7.19 -1.85
C GLN B 66 3.86 6.03 -2.67
N LEU B 67 2.91 5.36 -2.07
CA LEU B 67 2.19 4.26 -2.69
C LEU B 67 0.73 4.40 -2.32
N GLN B 68 -0.19 3.90 -3.13
CA GLN B 68 -1.60 3.98 -2.77
C GLN B 68 -2.38 2.78 -3.27
N LEU B 69 -3.32 2.34 -2.48
CA LEU B 69 -4.17 1.21 -2.81
C LEU B 69 -5.46 1.70 -3.44
N VAL B 70 -5.57 1.60 -4.74
CA VAL B 70 -6.77 2.03 -5.43
C VAL B 70 -7.75 0.87 -5.44
N LEU B 71 -8.88 1.05 -4.79
CA LEU B 71 -9.86 0.00 -4.70
C LEU B 71 -11.00 0.20 -5.66
N HIS B 72 -11.65 -0.89 -6.03
CA HIS B 72 -12.80 -0.84 -6.94
C HIS B 72 -14.02 -0.38 -6.16
N ALA B 73 -13.80 -0.19 -4.86
CA ALA B 73 -14.83 0.27 -3.95
C ALA B 73 -15.09 1.76 -4.17
N GLY B 74 -14.16 2.39 -4.88
CA GLY B 74 -14.29 3.80 -5.18
C GLY B 74 -13.39 4.65 -4.30
N ASP B 75 -12.54 3.98 -3.53
CA ASP B 75 -11.63 4.68 -2.63
C ASP B 75 -10.19 4.26 -2.84
N THR B 76 -9.28 5.01 -2.26
CA THR B 76 -7.85 4.74 -2.38
C THR B 76 -7.15 4.89 -1.03
N THR B 77 -6.35 3.89 -0.68
CA THR B 77 -5.60 3.91 0.57
C THR B 77 -4.16 4.33 0.31
N ASN B 78 -3.83 5.59 0.53
CA ASN B 78 -2.48 6.08 0.27
C ASN B 78 -1.54 5.75 1.42
N PHE B 79 -0.28 5.53 1.07
CA PHE B 79 0.77 5.22 2.01
C PHE B 79 1.99 6.10 1.75
N HIS B 80 2.28 6.96 2.70
CA HIS B 80 3.40 7.88 2.60
C HIS B 80 4.67 7.22 3.11
N PHE B 81 5.56 6.85 2.21
CA PHE B 81 6.82 6.23 2.57
C PHE B 81 7.80 7.29 3.10
N SER B 82 7.87 7.42 4.42
CA SER B 82 8.73 8.41 5.05
C SER B 82 10.09 7.82 5.43
N ASN B 83 10.34 6.59 5.04
CA ASN B 83 11.61 5.93 5.36
C ASN B 83 12.71 6.38 4.39
N GLU B 84 13.42 7.43 4.77
CA GLU B 84 14.48 8.03 3.95
C GLU B 84 15.53 7.00 3.50
N SER B 85 15.68 5.92 4.25
CA SER B 85 16.65 4.90 3.94
C SER B 85 16.26 4.06 2.71
N THR B 86 15.12 3.39 2.78
CA THR B 86 14.74 2.53 1.68
C THR B 86 13.33 2.77 1.12
N ALA B 87 12.70 3.89 1.46
CA ALA B 87 11.33 4.19 0.98
C ALA B 87 11.14 3.94 -0.51
N VAL B 88 12.10 4.37 -1.32
CA VAL B 88 12.00 4.17 -2.77
C VAL B 88 11.94 2.67 -3.10
N LYS B 89 12.92 1.94 -2.59
CA LYS B 89 13.01 0.49 -2.81
C LYS B 89 11.84 -0.22 -2.14
N GLU B 90 11.42 0.30 -0.99
CA GLU B 90 10.31 -0.25 -0.26
C GLU B 90 9.03 -0.03 -1.05
N ARG B 91 8.87 1.17 -1.60
CA ARG B 91 7.73 1.51 -2.44
C ARG B 91 7.67 0.51 -3.57
N ASP B 92 8.83 0.31 -4.16
CA ASP B 92 9.01 -0.61 -5.25
C ASP B 92 8.69 -2.05 -4.87
N ALA B 93 9.13 -2.48 -3.69
CA ALA B 93 8.88 -3.85 -3.23
C ALA B 93 7.39 -4.05 -2.93
N VAL B 94 6.76 -3.08 -2.26
CA VAL B 94 5.32 -3.17 -1.97
C VAL B 94 4.60 -3.24 -3.31
N LYS B 95 5.04 -2.38 -4.23
CA LYS B 95 4.52 -2.31 -5.57
C LYS B 95 4.68 -3.66 -6.27
N ASP B 96 5.90 -4.13 -6.28
CA ASP B 96 6.28 -5.39 -6.90
C ASP B 96 5.49 -6.56 -6.36
N LEU B 97 5.51 -6.72 -5.04
CA LEU B 97 4.78 -7.79 -4.39
C LEU B 97 3.28 -7.67 -4.65
N LEU B 98 2.79 -6.44 -4.78
CA LEU B 98 1.37 -6.23 -5.04
C LEU B 98 1.05 -6.60 -6.49
N GLN B 99 1.93 -6.25 -7.43
CA GLN B 99 1.71 -6.60 -8.84
C GLN B 99 1.71 -8.11 -8.96
N GLN B 100 2.35 -8.73 -7.99
CA GLN B 100 2.48 -10.17 -7.90
C GLN B 100 1.28 -10.80 -7.19
N LEU B 101 0.94 -10.19 -6.08
CA LEU B 101 -0.12 -10.65 -5.20
C LEU B 101 -1.54 -10.25 -5.65
N LEU B 102 -1.73 -8.99 -6.01
CA LEU B 102 -3.04 -8.49 -6.39
C LEU B 102 -3.72 -9.32 -7.49
N PRO B 103 -3.10 -9.50 -8.68
CA PRO B 103 -3.70 -10.28 -9.79
C PRO B 103 -4.08 -11.71 -9.41
N LYS B 104 -3.61 -12.17 -8.26
CA LYS B 104 -3.91 -13.53 -7.81
C LYS B 104 -5.22 -13.56 -7.02
N PHE B 105 -5.75 -12.38 -6.70
CA PHE B 105 -7.00 -12.29 -5.95
C PHE B 105 -8.05 -11.46 -6.68
N LYS B 106 -7.59 -10.63 -7.62
CA LYS B 106 -8.50 -9.79 -8.41
C LYS B 106 -9.23 -10.62 -9.46
N ARG B 107 -10.07 -9.94 -10.25
CA ARG B 107 -10.80 -10.58 -11.33
C ARG B 107 -9.82 -11.29 -12.27
N LYS B 108 -10.24 -12.43 -12.82
CA LYS B 108 -9.35 -13.17 -13.69
C LYS B 108 -9.37 -12.67 -15.13
N ALA B 109 -8.72 -11.54 -15.33
CA ALA B 109 -8.56 -10.95 -16.66
C ALA B 109 -7.08 -10.79 -16.90
N ASN B 110 -6.34 -11.50 -16.06
CA ASN B 110 -4.90 -11.51 -16.05
C ASN B 110 -4.44 -12.75 -15.31
#